data_7KAZ
#
_entry.id   7KAZ
#
_cell.length_a   188.022
_cell.length_b   113.085
_cell.length_c   118.393
_cell.angle_alpha   90.000
_cell.angle_beta   116.910
_cell.angle_gamma   90.000
#
_symmetry.space_group_name_H-M   'C 1 2 1'
#
loop_
_entity.id
_entity.type
_entity.pdbx_description
1 polymer 'Oleate hydratase'
2 non-polymer '(10R)-10-hydroxyoctadecanoic acid'
3 non-polymer 'FLAVIN-ADENINE DINUCLEOTIDE'
4 non-polymer 'POTASSIUM ION'
5 non-polymer 'OLEIC ACID'
6 water water
#
_entity_poly.entity_id   1
_entity_poly.type   'polypeptide(L)'
_entity_poly.pdbx_seq_one_letter_code
;MGSSHHHHHHSSGLVPRGSHMYYSYGNYEAFARPKKPENVENKSAYLIGSGLASLAAACFLIRDGQMEGSKIHILEELPK
AGGSLDGENMPLKGYVVRGGRAMENHFECLWDLFRSIPSLEIDNASVLDEFYWLNKEDPNYSRCRVIEKQGQRLVTDGDF
TLTKTAIKEILDLCLTNEEDLDDVKITDVFSDDFFNSNFWIYWKTMFAFEPWHSAMEMRRYLMRFVHHISGLADFSALKF
TKYNQYESLVLPMVEYLKSHGVQFEYDVKVEDIKIDVTTSQKIAREILIDRNGNAESIKLTINDLVFVTNGSITESSTYG
DNDTPAPPTDELGGSWTLWKNLARQSPEFGNPDKFCQNIPKKSWFVSATSTTNNKEIIDTIESICKRDPLAGKTVTGGII
TINDSAWQMSFTINRQQQFKDQPENEISTWIYALYSDVNGDYIKKPITECSGNEICQEWLYHLGVSTDKIEDLAKHASNT
IPVYMPYITSYFMTRAIGDRPLVVPHQSQNLAFIGNFAETERDTVFTTEYSVRTAMEAVYQLLNIDRGIPEVINSPFDLR
VLMDAIYELNDHQDLREITKDSKMQKLALAGFLKKIKGTYIESLLKEHKLL
;
_entity_poly.pdbx_strand_id   C,B,A
#
loop_
_chem_comp.id
_chem_comp.type
_chem_comp.name
_chem_comp.formula
FAD non-polymer 'FLAVIN-ADENINE DINUCLEOTIDE' 'C27 H33 N9 O15 P2'
K non-polymer 'POTASSIUM ION' 'K 1'
OLA non-polymer 'OLEIC ACID' 'C18 H34 O2'
WAD non-polymer '(10R)-10-hydroxyoctadecanoic acid' 'C18 H36 O3'
#
# COMPACT_ATOMS: atom_id res chain seq x y z
N SER A 19 -3.99 6.12 4.27
CA SER A 19 -3.33 5.44 5.37
C SER A 19 -1.92 6.02 5.58
N HIS A 20 -1.86 7.26 6.04
CA HIS A 20 -0.66 8.02 6.37
C HIS A 20 0.01 8.58 5.13
N MET A 21 -0.33 8.13 3.92
CA MET A 21 0.02 8.84 2.71
C MET A 21 -1.07 8.69 1.65
N TYR A 22 -0.93 9.42 0.56
CA TYR A 22 -1.80 9.27 -0.60
C TYR A 22 -1.02 9.68 -1.84
N TYR A 23 -1.47 9.16 -2.98
CA TYR A 23 -0.80 9.35 -4.26
C TYR A 23 -1.55 10.41 -5.06
N SER A 24 -0.79 11.09 -5.92
CA SER A 24 -1.25 12.26 -6.65
C SER A 24 -0.59 12.33 -8.01
N TYR A 25 -1.08 13.22 -8.87
CA TYR A 25 -0.31 13.64 -10.01
C TYR A 25 -0.79 15.01 -10.43
N GLY A 26 0.00 15.65 -11.27
CA GLY A 26 -0.31 16.98 -11.75
C GLY A 26 0.25 18.07 -10.87
N ASN A 27 0.13 19.28 -11.38
CA ASN A 27 0.93 20.35 -10.84
C ASN A 27 0.44 20.82 -9.48
N TYR A 28 -0.84 20.69 -9.17
CA TYR A 28 -1.33 21.16 -7.87
C TYR A 28 -0.55 20.55 -6.72
N GLU A 29 -0.48 19.21 -6.69
CA GLU A 29 0.27 18.57 -5.62
C GLU A 29 1.77 18.76 -5.83
N ALA A 30 2.22 18.88 -7.07
CA ALA A 30 3.64 19.02 -7.33
C ALA A 30 4.14 20.33 -6.79
N PHE A 31 3.38 21.42 -6.96
CA PHE A 31 3.85 22.70 -6.51
C PHE A 31 3.44 23.03 -5.07
N ALA A 32 2.43 22.39 -4.52
CA ALA A 32 2.00 22.75 -3.18
C ALA A 32 3.04 22.32 -2.15
N ARG A 33 3.05 23.04 -1.02
CA ARG A 33 3.96 22.79 0.05
C ARG A 33 3.20 22.21 1.23
N PRO A 34 3.77 21.16 1.85
CA PRO A 34 3.09 20.64 3.04
C PRO A 34 3.20 21.57 4.23
N LYS A 35 2.12 21.68 4.98
CA LYS A 35 2.19 22.25 6.31
C LYS A 35 3.22 21.51 7.15
N LYS A 36 3.82 22.22 8.10
CA LYS A 36 4.81 21.59 8.96
C LYS A 36 4.13 20.42 9.71
N PRO A 37 4.69 19.23 9.66
CA PRO A 37 3.99 18.11 10.30
C PRO A 37 3.91 18.26 11.81
N GLU A 38 2.87 17.66 12.37
CA GLU A 38 2.60 17.77 13.79
C GLU A 38 3.70 17.12 14.62
N ASN A 39 4.18 17.87 15.61
CA ASN A 39 5.10 17.42 16.66
C ASN A 39 6.47 17.05 16.12
N VAL A 40 6.79 17.40 14.87
CA VAL A 40 8.12 17.10 14.33
C VAL A 40 9.21 17.76 15.15
N GLU A 41 8.89 18.81 15.91
CA GLU A 41 9.88 19.49 16.73
C GLU A 41 10.46 18.60 17.83
N ASN A 42 9.74 17.57 18.26
CA ASN A 42 10.23 16.67 19.28
C ASN A 42 10.66 15.32 18.71
N LYS A 43 11.02 15.29 17.44
CA LYS A 43 11.42 14.05 16.79
C LYS A 43 12.81 14.19 16.21
N SER A 44 13.48 13.04 16.07
CA SER A 44 14.79 12.89 15.48
C SER A 44 14.70 11.76 14.46
N ALA A 45 15.73 11.68 13.63
CA ALA A 45 15.83 10.62 12.62
C ALA A 45 17.22 9.99 12.62
N TYR A 46 17.26 8.69 12.45
CA TYR A 46 18.49 7.95 12.27
C TYR A 46 18.43 7.27 10.93
N LEU A 47 19.43 7.51 10.11
CA LEU A 47 19.48 7.04 8.74
C LEU A 47 20.69 6.15 8.62
N ILE A 48 20.47 4.87 8.37
CA ILE A 48 21.53 3.89 8.40
C ILE A 48 22.15 3.88 7.02
N GLY A 49 23.40 4.31 6.92
CA GLY A 49 24.07 4.42 5.64
C GLY A 49 23.87 5.78 5.01
N SER A 50 24.86 6.19 4.21
CA SER A 50 24.81 7.44 3.47
C SER A 50 24.61 7.21 1.98
N GLY A 51 23.93 6.13 1.61
CA GLY A 51 23.54 5.91 0.24
C GLY A 51 22.47 6.89 -0.22
N LEU A 52 22.13 6.82 -1.52
CA LEU A 52 21.24 7.84 -2.09
C LEU A 52 19.83 7.86 -1.47
N ALA A 53 19.31 6.71 -1.06
CA ALA A 53 18.01 6.68 -0.41
C ALA A 53 18.05 7.38 0.96
N SER A 54 19.09 7.11 1.75
CA SER A 54 19.19 7.79 3.04
C SER A 54 19.41 9.28 2.84
N LEU A 55 20.31 9.65 1.94
CA LEU A 55 20.51 11.06 1.63
C LEU A 55 19.19 11.72 1.22
N ALA A 56 18.40 11.02 0.40
CA ALA A 56 17.13 11.53 -0.07
C ALA A 56 16.13 11.63 1.06
N ALA A 57 16.13 10.64 1.96
CA ALA A 57 15.23 10.68 3.10
C ALA A 57 15.56 11.85 4.02
N ALA A 58 16.87 12.15 4.19
CA ALA A 58 17.29 13.28 5.00
C ALA A 58 16.90 14.62 4.36
N CYS A 59 16.98 14.72 3.03
CA CYS A 59 16.54 15.96 2.40
C CYS A 59 15.06 16.15 2.58
N PHE A 60 14.24 15.11 2.36
CA PHE A 60 12.81 15.26 2.59
C PHE A 60 12.51 15.60 4.06
N LEU A 61 13.22 15.00 5.00
CA LEU A 61 13.04 15.38 6.39
C LEU A 61 13.30 16.86 6.60
N ILE A 62 14.35 17.39 5.97
CA ILE A 62 14.65 18.81 6.10
C ILE A 62 13.57 19.64 5.41
N ARG A 63 13.29 19.31 4.17
CA ARG A 63 12.48 20.23 3.35
C ARG A 63 11.01 20.13 3.67
N ASP A 64 10.49 18.91 3.78
CA ASP A 64 9.06 18.72 3.96
C ASP A 64 8.66 18.36 5.40
N GLY A 65 9.54 17.72 6.15
CA GLY A 65 9.27 17.55 7.55
C GLY A 65 9.65 18.73 8.40
N GLN A 66 10.58 19.54 7.93
CA GLN A 66 11.03 20.66 8.71
C GLN A 66 11.62 20.15 10.02
N MET A 67 12.31 19.04 9.92
CA MET A 67 13.05 18.53 11.05
C MET A 67 14.38 19.29 11.07
N GLU A 68 14.81 19.66 12.26
CA GLU A 68 16.09 20.38 12.33
C GLU A 68 17.24 19.40 12.08
N GLY A 69 18.19 19.89 11.30
CA GLY A 69 19.27 19.03 10.84
C GLY A 69 20.09 18.46 11.97
N SER A 70 20.13 19.14 13.11
CA SER A 70 20.83 18.61 14.27
C SER A 70 20.18 17.36 14.82
N LYS A 71 18.89 17.12 14.54
CA LYS A 71 18.21 15.93 15.01
C LYS A 71 18.26 14.79 13.98
N ILE A 72 19.03 14.96 12.93
CA ILE A 72 19.08 14.02 11.81
C ILE A 72 20.48 13.45 11.75
N HIS A 73 20.59 12.13 11.95
CA HIS A 73 21.88 11.45 12.13
C HIS A 73 22.07 10.43 11.02
N ILE A 74 23.03 10.66 10.14
CA ILE A 74 23.34 9.75 9.05
C ILE A 74 24.53 8.92 9.54
N LEU A 75 24.28 7.64 9.80
CA LEU A 75 25.32 6.72 10.27
C LEU A 75 25.93 6.00 9.07
N GLU A 76 27.18 6.30 8.75
CA GLU A 76 27.84 5.61 7.64
C GLU A 76 29.07 4.83 8.12
N GLU A 77 29.25 3.67 7.49
CA GLU A 77 30.32 2.75 7.86
C GLU A 77 31.70 3.38 7.73
N LEU A 78 31.97 4.02 6.59
CA LEU A 78 33.30 4.51 6.28
C LEU A 78 33.72 5.63 7.24
N PRO A 79 35.01 6.01 7.22
CA PRO A 79 35.47 7.17 8.01
C PRO A 79 35.45 8.46 7.21
N LYS A 80 35.79 9.58 7.86
CA LYS A 80 35.98 10.84 7.13
C LYS A 80 34.69 11.33 6.47
N TYR A 95 40.64 5.35 -13.10
CA TYR A 95 39.32 5.74 -12.63
C TYR A 95 38.36 4.54 -12.62
N VAL A 96 37.30 4.66 -11.81
CA VAL A 96 36.20 3.72 -11.76
C VAL A 96 34.92 4.55 -11.92
N VAL A 97 33.98 4.05 -12.73
CA VAL A 97 32.73 4.75 -12.96
C VAL A 97 31.55 3.84 -12.63
N ARG A 98 30.38 4.48 -12.52
CA ARG A 98 29.05 3.91 -12.33
C ARG A 98 28.67 3.72 -10.87
N GLY A 99 28.02 4.72 -10.29
CA GLY A 99 27.11 4.48 -9.18
C GLY A 99 25.74 4.32 -9.80
N GLY A 100 25.36 5.33 -10.60
CA GLY A 100 24.20 5.29 -11.47
C GLY A 100 24.51 6.12 -12.69
N ARG A 101 23.62 6.06 -13.68
CA ARG A 101 23.80 6.96 -14.82
C ARG A 101 22.46 7.40 -15.43
N ALA A 102 21.76 6.50 -16.12
CA ALA A 102 20.67 6.90 -16.99
C ALA A 102 19.41 7.22 -16.19
N MET A 103 18.77 8.31 -16.57
CA MET A 103 17.52 8.75 -15.96
C MET A 103 16.53 8.99 -17.08
N GLU A 104 15.29 9.24 -16.70
CA GLU A 104 14.27 9.57 -17.67
C GLU A 104 13.43 10.74 -17.17
N ASN A 105 12.61 11.26 -18.08
CA ASN A 105 11.76 12.39 -17.74
C ASN A 105 10.79 12.04 -16.62
N HIS A 106 10.28 10.80 -16.57
CA HIS A 106 9.28 10.50 -15.56
C HIS A 106 9.83 9.83 -14.30
N PHE A 107 11.03 10.20 -13.86
CA PHE A 107 11.47 10.02 -12.47
C PHE A 107 10.80 11.05 -11.55
N GLU A 108 9.51 10.85 -11.29
CA GLU A 108 8.70 11.89 -10.66
C GLU A 108 9.17 12.28 -9.26
N CYS A 109 9.56 11.33 -8.44
CA CYS A 109 10.00 11.70 -7.09
C CYS A 109 11.41 12.31 -7.12
N LEU A 110 12.27 11.77 -7.97
CA LEU A 110 13.64 12.28 -8.03
C LEU A 110 13.67 13.74 -8.41
N TRP A 111 12.86 14.16 -9.39
CA TRP A 111 12.82 15.55 -9.82
C TRP A 111 12.15 16.47 -8.78
N ASP A 112 11.14 15.96 -8.10
CA ASP A 112 10.61 16.66 -6.93
C ASP A 112 11.70 17.01 -5.95
N LEU A 113 12.56 16.04 -5.63
CA LEU A 113 13.64 16.30 -4.69
C LEU A 113 14.68 17.27 -5.27
N PHE A 114 15.16 17.01 -6.48
CA PHE A 114 16.37 17.67 -6.95
C PHE A 114 16.12 19.04 -7.54
N ARG A 115 14.85 19.44 -7.65
CA ARG A 115 14.54 20.85 -7.90
C ARG A 115 14.88 21.68 -6.69
N SER A 116 15.05 21.06 -5.54
CA SER A 116 15.36 21.83 -4.33
C SER A 116 16.81 21.75 -3.93
N ILE A 117 17.64 20.99 -4.64
CA ILE A 117 19.05 20.85 -4.31
C ILE A 117 19.85 21.79 -5.21
N PRO A 118 20.58 22.74 -4.65
CA PRO A 118 21.40 23.62 -5.51
C PRO A 118 22.46 22.86 -6.28
N SER A 119 22.62 23.23 -7.54
CA SER A 119 23.78 22.83 -8.33
C SER A 119 25.08 23.24 -7.66
N LEU A 120 26.10 22.42 -7.81
CA LEU A 120 27.46 22.81 -7.46
C LEU A 120 28.22 23.34 -8.66
N GLU A 121 27.55 23.52 -9.81
CA GLU A 121 28.22 23.87 -11.06
C GLU A 121 27.66 25.15 -11.69
N ILE A 122 26.37 25.43 -11.46
CA ILE A 122 25.71 26.64 -11.93
C ILE A 122 25.23 27.40 -10.71
N ASP A 123 25.36 28.72 -10.73
CA ASP A 123 24.90 29.53 -9.61
C ASP A 123 23.39 29.73 -9.71
N ASN A 124 22.72 29.77 -8.56
CA ASN A 124 21.28 30.01 -8.49
C ASN A 124 20.53 29.06 -9.42
N ALA A 125 20.89 27.79 -9.36
CA ALA A 125 20.24 26.76 -10.16
C ALA A 125 20.23 25.51 -9.31
N SER A 126 19.27 24.64 -9.59
CA SER A 126 19.16 23.36 -8.93
C SER A 126 19.82 22.28 -9.79
N VAL A 127 20.08 21.14 -9.16
CA VAL A 127 20.50 19.98 -9.92
C VAL A 127 19.55 19.73 -11.08
N LEU A 128 18.24 19.89 -10.86
CA LEU A 128 17.29 19.70 -11.96
C LEU A 128 17.60 20.62 -13.13
N ASP A 129 17.79 21.92 -12.85
CA ASP A 129 18.10 22.91 -13.89
C ASP A 129 19.32 22.50 -14.69
N GLU A 130 20.46 22.35 -14.02
CA GLU A 130 21.68 21.84 -14.62
C GLU A 130 21.40 20.72 -15.58
N PHE A 131 20.63 19.72 -15.13
CA PHE A 131 20.39 18.50 -15.90
C PHE A 131 19.42 18.74 -17.05
N TYR A 132 18.36 19.48 -16.77
CA TYR A 132 17.36 19.77 -17.79
C TYR A 132 17.99 20.52 -18.96
N TRP A 133 18.75 21.57 -18.66
CA TRP A 133 19.42 22.31 -19.73
C TRP A 133 20.47 21.46 -20.44
N LEU A 134 21.30 20.78 -19.67
CA LEU A 134 22.33 19.93 -20.26
C LEU A 134 21.70 18.98 -21.28
N ASN A 135 20.56 18.41 -20.94
CA ASN A 135 20.01 17.39 -21.81
C ASN A 135 19.19 17.97 -22.94
N LYS A 136 18.85 19.24 -22.85
CA LYS A 136 18.28 19.91 -24.02
C LYS A 136 19.34 20.16 -25.08
N GLU A 137 20.52 20.63 -24.67
CA GLU A 137 21.48 21.10 -25.67
C GLU A 137 22.22 19.93 -26.30
N ASP A 138 22.35 18.83 -25.58
CA ASP A 138 23.07 17.64 -26.04
C ASP A 138 22.17 16.44 -25.74
N PRO A 139 21.06 16.31 -26.46
CA PRO A 139 20.10 15.24 -26.16
C PRO A 139 20.66 13.89 -26.59
N ASN A 140 20.37 12.88 -25.78
CA ASN A 140 20.98 11.58 -25.95
C ASN A 140 20.31 10.80 -27.07
N TYR A 141 21.11 10.01 -27.78
CA TYR A 141 20.60 8.92 -28.60
C TYR A 141 21.80 8.19 -29.17
N SER A 142 21.58 6.92 -29.55
CA SER A 142 22.63 6.07 -30.09
C SER A 142 22.55 5.98 -31.61
N ARG A 143 23.71 6.11 -32.27
CA ARG A 143 23.81 5.87 -33.69
C ARG A 143 24.22 4.45 -34.04
N CYS A 144 24.53 3.62 -33.03
CA CYS A 144 24.81 2.21 -33.28
C CYS A 144 24.74 1.49 -31.93
N ARG A 145 23.66 0.71 -31.72
CA ARG A 145 23.38 0.16 -30.40
C ARG A 145 23.90 -1.26 -30.22
N VAL A 146 24.04 -2.04 -31.29
CA VAL A 146 24.41 -3.44 -31.21
C VAL A 146 25.40 -3.77 -32.32
N ILE A 147 26.49 -4.44 -31.95
CA ILE A 147 27.50 -4.86 -32.92
C ILE A 147 27.73 -6.36 -32.78
N GLU A 148 28.39 -6.92 -33.79
CA GLU A 148 28.71 -8.34 -33.85
C GLU A 148 29.84 -8.51 -34.86
N LYS A 149 30.36 -9.74 -34.96
CA LYS A 149 31.39 -10.07 -35.94
C LYS A 149 32.51 -9.04 -35.91
N GLN A 150 32.95 -8.69 -34.70
CA GLN A 150 34.10 -7.83 -34.49
C GLN A 150 33.92 -6.44 -35.11
N GLY A 151 32.83 -5.78 -34.73
CA GLY A 151 32.71 -4.35 -34.98
C GLY A 151 31.72 -3.96 -36.02
N GLN A 152 31.02 -4.92 -36.62
CA GLN A 152 29.96 -4.64 -37.59
C GLN A 152 28.69 -4.31 -36.86
N ARG A 153 27.95 -3.32 -37.37
CA ARG A 153 26.64 -3.06 -36.83
C ARG A 153 25.68 -4.19 -37.22
N LEU A 154 24.91 -4.69 -36.25
CA LEU A 154 23.81 -5.60 -36.51
C LEU A 154 22.88 -5.04 -37.58
N VAL A 155 22.58 -5.86 -38.58
CA VAL A 155 21.90 -5.36 -39.78
C VAL A 155 20.47 -4.96 -39.47
N THR A 156 19.84 -5.58 -38.47
CA THR A 156 18.49 -5.21 -38.07
C THR A 156 18.46 -4.22 -36.90
N ASP A 157 19.61 -3.61 -36.60
CA ASP A 157 19.66 -2.67 -35.48
C ASP A 157 18.57 -1.62 -35.63
N GLY A 158 17.72 -1.49 -34.62
CA GLY A 158 16.60 -0.58 -34.64
C GLY A 158 15.27 -1.27 -34.60
N ASP A 159 15.17 -2.46 -35.19
CA ASP A 159 13.98 -3.27 -35.13
C ASP A 159 14.01 -4.15 -33.90
N PHE A 160 12.81 -4.45 -33.38
CA PHE A 160 12.65 -5.36 -32.26
C PHE A 160 12.62 -6.81 -32.70
N THR A 161 12.29 -7.06 -33.96
CA THR A 161 12.22 -8.42 -34.55
C THR A 161 11.47 -9.38 -33.63
N LEU A 162 10.37 -8.91 -33.07
CA LEU A 162 9.47 -9.72 -32.27
C LEU A 162 8.45 -10.37 -33.19
N THR A 163 8.27 -11.66 -33.03
CA THR A 163 7.17 -12.33 -33.70
C THR A 163 5.87 -12.04 -32.95
N LYS A 164 4.75 -12.37 -33.60
CA LYS A 164 3.46 -12.18 -32.98
C LYS A 164 3.33 -13.03 -31.73
N THR A 165 3.96 -14.20 -31.70
CA THR A 165 3.90 -15.00 -30.48
C THR A 165 4.65 -14.34 -29.33
N ALA A 166 5.81 -13.74 -29.61
CA ALA A 166 6.56 -13.04 -28.57
C ALA A 166 5.78 -11.84 -28.02
N ILE A 167 5.27 -10.97 -28.91
CA ILE A 167 4.42 -9.85 -28.50
C ILE A 167 3.29 -10.34 -27.60
N LYS A 168 2.63 -11.43 -28.01
CA LYS A 168 1.55 -11.99 -27.21
C LYS A 168 2.06 -12.36 -25.83
N GLU A 169 3.24 -12.97 -25.76
CA GLU A 169 3.83 -13.28 -24.46
C GLU A 169 4.05 -12.03 -23.63
N ILE A 170 4.48 -10.93 -24.27
CA ILE A 170 4.68 -9.68 -23.53
C ILE A 170 3.37 -9.22 -22.92
N LEU A 171 2.32 -9.16 -23.72
CA LEU A 171 1.02 -8.71 -23.22
C LEU A 171 0.48 -9.67 -22.17
N ASP A 172 0.54 -10.96 -22.44
CA ASP A 172 0.11 -11.96 -21.45
C ASP A 172 0.79 -11.71 -20.11
N LEU A 173 2.08 -11.39 -20.13
CA LEU A 173 2.77 -11.10 -18.88
C LEU A 173 2.17 -9.86 -18.19
N CYS A 174 2.00 -8.78 -18.94
CA CYS A 174 1.37 -7.59 -18.37
C CYS A 174 -0.04 -7.90 -17.87
N LEU A 175 -0.78 -8.72 -18.61
CA LEU A 175 -2.12 -9.05 -18.18
C LEU A 175 -2.14 -10.04 -17.03
N THR A 176 -0.99 -10.49 -16.52
CA THR A 176 -0.95 -11.41 -15.38
C THR A 176 -0.88 -10.56 -14.12
N ASN A 177 -1.71 -10.89 -13.14
CA ASN A 177 -1.63 -10.22 -11.85
C ASN A 177 -0.24 -10.43 -11.25
N GLU A 178 0.29 -9.39 -10.64
CA GLU A 178 1.59 -9.53 -9.99
C GLU A 178 1.55 -10.60 -8.91
N GLU A 179 0.39 -10.76 -8.28
CA GLU A 179 0.22 -11.76 -7.23
C GLU A 179 0.48 -13.16 -7.77
N ASP A 180 0.27 -13.38 -9.05
CA ASP A 180 0.41 -14.69 -9.65
C ASP A 180 1.82 -14.93 -10.18
N LEU A 181 2.80 -14.14 -9.74
CA LEU A 181 4.15 -14.13 -10.29
C LEU A 181 5.20 -14.37 -9.23
N ASP A 182 4.77 -14.72 -8.01
CA ASP A 182 5.69 -15.17 -6.98
C ASP A 182 6.67 -16.19 -7.54
N ASP A 183 7.96 -15.88 -7.44
CA ASP A 183 9.04 -16.81 -7.70
C ASP A 183 9.09 -17.26 -9.15
N VAL A 184 8.47 -16.50 -10.05
CA VAL A 184 8.39 -16.86 -11.46
C VAL A 184 9.56 -16.23 -12.19
N LYS A 185 10.21 -17.01 -13.04
CA LYS A 185 11.37 -16.53 -13.77
C LYS A 185 10.95 -15.98 -15.12
N ILE A 186 11.81 -15.11 -15.66
CA ILE A 186 11.65 -14.61 -17.03
C ILE A 186 11.56 -15.76 -18.02
N THR A 187 12.37 -16.80 -17.83
CA THR A 187 12.28 -17.94 -18.74
C THR A 187 10.96 -18.70 -18.61
N ASP A 188 10.20 -18.52 -17.51
CA ASP A 188 8.97 -19.27 -17.39
C ASP A 188 7.86 -18.68 -18.23
N VAL A 189 7.97 -17.40 -18.60
CA VAL A 189 6.89 -16.70 -19.26
C VAL A 189 7.20 -16.30 -20.70
N PHE A 190 8.39 -16.60 -21.20
CA PHE A 190 8.73 -16.28 -22.58
C PHE A 190 9.29 -17.52 -23.26
N SER A 191 9.05 -17.61 -24.57
CA SER A 191 9.50 -18.70 -25.42
C SER A 191 10.73 -18.22 -26.22
N ASP A 192 11.13 -19.00 -27.22
CA ASP A 192 12.40 -18.67 -27.87
C ASP A 192 12.26 -17.55 -28.85
N ASP A 193 11.10 -17.39 -29.51
CA ASP A 193 10.90 -16.22 -30.35
C ASP A 193 11.30 -14.94 -29.62
N PHE A 194 10.76 -14.76 -28.41
CA PHE A 194 11.13 -13.61 -27.60
C PHE A 194 12.64 -13.52 -27.40
N PHE A 195 13.23 -14.58 -26.83
CA PHE A 195 14.67 -14.58 -26.55
C PHE A 195 15.52 -14.45 -27.81
N ASN A 196 14.95 -14.66 -29.00
CA ASN A 196 15.69 -14.45 -30.24
C ASN A 196 15.43 -13.07 -30.87
N SER A 197 14.53 -12.30 -30.30
CA SER A 197 14.25 -10.96 -30.78
C SER A 197 15.39 -10.00 -30.45
N ASN A 198 15.51 -8.96 -31.28
CA ASN A 198 16.37 -7.83 -30.94
C ASN A 198 15.86 -7.13 -29.69
N PHE A 199 14.54 -7.10 -29.50
CA PHE A 199 13.98 -6.52 -28.30
C PHE A 199 14.73 -7.01 -27.07
N TRP A 200 14.86 -8.33 -26.95
CA TRP A 200 15.47 -8.90 -25.76
C TRP A 200 16.90 -8.49 -25.64
N ILE A 201 17.60 -8.37 -26.78
CA ILE A 201 18.97 -7.88 -26.72
C ILE A 201 18.98 -6.50 -26.07
N TYR A 202 18.15 -5.59 -26.59
CA TYR A 202 18.22 -4.21 -26.10
C TYR A 202 17.83 -4.13 -24.63
N TRP A 203 16.83 -4.91 -24.25
CA TRP A 203 16.21 -4.87 -22.93
C TRP A 203 17.12 -5.45 -21.86
N LYS A 204 17.59 -6.68 -22.10
CA LYS A 204 18.41 -7.35 -21.10
C LYS A 204 19.72 -6.58 -20.85
N THR A 205 20.31 -6.00 -21.90
CA THR A 205 21.59 -5.32 -21.72
C THR A 205 21.41 -3.92 -21.11
N MET A 206 20.37 -3.21 -21.51
CA MET A 206 20.22 -1.88 -20.96
C MET A 206 19.75 -1.92 -19.52
N PHE A 207 19.03 -2.97 -19.13
CA PHE A 207 18.55 -3.06 -17.76
C PHE A 207 19.26 -4.10 -16.94
N ALA A 208 20.13 -4.91 -17.55
CA ALA A 208 20.85 -5.97 -16.83
C ALA A 208 19.91 -7.06 -16.34
N PHE A 209 18.95 -7.47 -17.18
CA PHE A 209 18.17 -8.66 -16.86
C PHE A 209 18.92 -9.92 -17.28
N GLU A 210 18.90 -10.94 -16.39
CA GLU A 210 19.26 -12.32 -16.74
C GLU A 210 18.00 -13.16 -16.94
N PRO A 211 18.08 -14.25 -17.72
CA PRO A 211 16.87 -15.02 -18.03
C PRO A 211 16.19 -15.62 -16.81
N TRP A 212 16.96 -15.90 -15.75
CA TRP A 212 16.43 -16.44 -14.49
C TRP A 212 15.86 -15.36 -13.54
N HIS A 213 15.85 -14.11 -13.95
CA HIS A 213 15.45 -13.07 -13.02
C HIS A 213 13.92 -13.01 -12.90
N SER A 214 13.48 -12.15 -12.01
CA SER A 214 12.07 -12.06 -11.63
C SER A 214 11.24 -11.62 -12.81
N ALA A 215 10.31 -12.47 -13.21
CA ALA A 215 9.28 -12.03 -14.15
C ALA A 215 8.40 -10.93 -13.54
N MET A 216 8.24 -10.93 -12.22
CA MET A 216 7.52 -9.81 -11.59
C MET A 216 8.15 -8.47 -11.95
N GLU A 217 9.46 -8.36 -11.75
CA GLU A 217 10.15 -7.12 -12.06
C GLU A 217 10.20 -6.85 -13.56
N MET A 218 10.43 -7.89 -14.35
CA MET A 218 10.30 -7.70 -15.78
C MET A 218 8.92 -7.11 -16.12
N ARG A 219 7.87 -7.62 -15.48
CA ARG A 219 6.53 -7.08 -15.79
C ARG A 219 6.43 -5.60 -15.41
N ARG A 220 6.90 -5.24 -14.22
CA ARG A 220 6.85 -3.84 -13.82
C ARG A 220 7.64 -2.95 -14.78
N TYR A 221 8.81 -3.41 -15.25
CA TYR A 221 9.55 -2.62 -16.23
C TYR A 221 8.76 -2.40 -17.51
N LEU A 222 8.11 -3.46 -18.00
CA LEU A 222 7.34 -3.32 -19.24
C LEU A 222 6.28 -2.22 -19.08
N MET A 223 5.56 -2.26 -17.98
CA MET A 223 4.52 -1.29 -17.75
C MET A 223 5.10 0.03 -17.30
N ARG A 224 6.26 -0.01 -16.65
CA ARG A 224 6.81 1.22 -16.08
C ARG A 224 7.35 2.16 -17.16
N PHE A 225 7.89 1.61 -18.23
CA PHE A 225 8.60 2.41 -19.22
C PHE A 225 7.97 2.34 -20.59
N VAL A 226 6.69 1.94 -20.67
CA VAL A 226 6.01 1.79 -21.95
C VAL A 226 6.00 3.10 -22.73
N HIS A 227 6.03 4.26 -22.04
CA HIS A 227 5.99 5.55 -22.75
C HIS A 227 7.26 5.81 -23.53
N HIS A 228 8.33 5.04 -23.27
CA HIS A 228 9.64 5.25 -23.89
C HIS A 228 10.00 4.16 -24.89
N ILE A 229 9.05 3.31 -25.25
CA ILE A 229 9.33 2.18 -26.12
C ILE A 229 9.87 2.67 -27.44
N SER A 230 9.33 3.78 -27.93
CA SER A 230 9.81 4.48 -29.11
C SER A 230 11.29 4.85 -29.05
N GLY A 231 11.85 4.89 -27.84
CA GLY A 231 13.23 5.25 -27.64
C GLY A 231 14.06 4.10 -27.14
N LEU A 232 13.54 2.87 -27.15
CA LEU A 232 14.24 1.77 -26.50
C LEU A 232 15.48 1.40 -27.31
N ALA A 233 15.35 1.27 -28.63
CA ALA A 233 16.46 0.79 -29.45
C ALA A 233 17.56 1.84 -29.61
N ASP A 234 17.21 3.12 -29.71
CA ASP A 234 18.20 4.16 -29.94
C ASP A 234 18.47 5.02 -28.71
N PHE A 235 18.05 4.56 -27.53
CA PHE A 235 18.26 5.27 -26.27
C PHE A 235 17.87 6.76 -26.37
N SER A 236 16.97 7.11 -27.28
CA SER A 236 16.53 8.52 -27.35
C SER A 236 15.78 8.94 -26.10
N ALA A 237 15.33 7.98 -25.27
CA ALA A 237 14.62 8.30 -24.03
C ALA A 237 15.55 8.57 -22.86
N LEU A 238 16.83 8.30 -22.99
CA LEU A 238 17.72 8.41 -21.84
C LEU A 238 18.28 9.81 -21.67
N LYS A 239 18.56 10.16 -20.42
CA LYS A 239 19.16 11.42 -20.05
C LYS A 239 20.23 11.16 -18.99
N PHE A 240 21.35 11.84 -19.11
CA PHE A 240 22.51 11.59 -18.27
C PHE A 240 22.93 12.88 -17.58
N THR A 241 23.53 12.73 -16.40
CA THR A 241 24.11 13.86 -15.71
C THR A 241 25.41 14.24 -16.37
N LYS A 242 25.97 15.37 -15.93
CA LYS A 242 27.16 15.92 -16.56
C LYS A 242 28.37 15.05 -16.25
N TYR A 243 28.54 14.68 -14.99
CA TYR A 243 29.63 13.86 -14.50
C TYR A 243 29.03 12.60 -13.91
N ASN A 244 29.87 11.81 -13.24
CA ASN A 244 29.44 10.58 -12.59
C ASN A 244 28.38 10.88 -11.51
N GLN A 245 27.58 9.86 -11.17
CA GLN A 245 26.43 10.05 -10.29
C GLN A 245 26.82 10.63 -8.93
N TYR A 246 28.06 10.49 -8.53
CA TYR A 246 28.48 10.96 -7.22
C TYR A 246 28.83 12.44 -7.26
N GLU A 247 29.56 12.87 -8.29
CA GLU A 247 29.83 14.28 -8.47
C GLU A 247 28.57 15.07 -8.77
N SER A 248 27.51 14.44 -9.32
CA SER A 248 26.35 15.20 -9.77
C SER A 248 25.08 15.00 -8.97
N LEU A 249 24.92 13.90 -8.24
CA LEU A 249 23.75 13.75 -7.40
C LEU A 249 24.07 13.69 -5.92
N VAL A 250 25.11 12.95 -5.54
CA VAL A 250 25.36 12.71 -4.12
C VAL A 250 25.95 13.95 -3.48
N LEU A 251 27.07 14.43 -4.01
CA LEU A 251 27.71 15.61 -3.45
C LEU A 251 26.76 16.78 -3.33
N PRO A 252 25.92 17.10 -4.31
CA PRO A 252 24.98 18.21 -4.09
C PRO A 252 24.13 17.99 -2.86
N MET A 253 23.68 16.76 -2.63
CA MET A 253 22.81 16.53 -1.48
C MET A 253 23.60 16.59 -0.19
N VAL A 254 24.80 16.01 -0.17
CA VAL A 254 25.64 16.14 1.01
C VAL A 254 25.79 17.61 1.38
N GLU A 255 26.05 18.46 0.37
CA GLU A 255 26.25 19.87 0.64
C GLU A 255 24.98 20.53 1.13
N TYR A 256 23.84 20.17 0.51
CA TYR A 256 22.53 20.59 1.01
C TYR A 256 22.35 20.20 2.46
N LEU A 257 22.66 18.95 2.80
CA LEU A 257 22.46 18.51 4.17
C LEU A 257 23.43 19.18 5.15
N LYS A 258 24.69 19.34 4.76
CA LYS A 258 25.66 20.01 5.64
C LYS A 258 25.24 21.44 5.93
N SER A 259 24.81 22.18 4.91
CA SER A 259 24.38 23.56 5.11
C SER A 259 23.18 23.68 6.04
N HIS A 260 22.38 22.63 6.19
CA HIS A 260 21.28 22.63 7.13
C HIS A 260 21.64 21.92 8.42
N GLY A 261 22.91 21.58 8.63
CA GLY A 261 23.34 21.12 9.94
C GLY A 261 23.09 19.67 10.23
N VAL A 262 22.93 18.87 9.18
CA VAL A 262 22.70 17.44 9.36
C VAL A 262 23.95 16.81 9.95
N GLN A 263 23.78 15.97 10.96
CA GLN A 263 24.91 15.33 11.61
C GLN A 263 25.30 14.06 10.86
N PHE A 264 26.48 14.06 10.24
CA PHE A 264 27.03 12.88 9.57
C PHE A 264 27.94 12.15 10.57
N GLU A 265 27.68 10.87 10.80
CA GLU A 265 28.40 10.10 11.81
C GLU A 265 29.14 8.97 11.10
N TYR A 266 30.47 9.05 11.11
CA TYR A 266 31.33 8.09 10.44
C TYR A 266 31.89 7.10 11.45
N ASP A 267 32.52 6.07 10.92
CA ASP A 267 33.07 5.00 11.77
C ASP A 267 31.97 4.31 12.56
N VAL A 268 30.80 4.15 11.98
CA VAL A 268 29.67 3.60 12.71
C VAL A 268 29.01 2.52 11.87
N LYS A 269 29.12 1.27 12.32
CA LYS A 269 28.51 0.13 11.66
C LYS A 269 27.30 -0.28 12.46
N VAL A 270 26.14 -0.35 11.82
CA VAL A 270 24.91 -0.73 12.50
C VAL A 270 24.81 -2.24 12.39
N GLU A 271 24.91 -2.95 13.52
CA GLU A 271 24.82 -4.41 13.51
C GLU A 271 23.38 -4.89 13.65
N ASP A 272 22.60 -4.26 14.53
CA ASP A 272 21.22 -4.65 14.75
C ASP A 272 20.40 -3.44 15.19
N ILE A 273 19.09 -3.61 15.08
CA ILE A 273 18.11 -2.69 15.69
C ILE A 273 17.16 -3.59 16.47
N LYS A 274 17.06 -3.37 17.77
CA LYS A 274 16.08 -4.09 18.57
C LYS A 274 14.72 -3.44 18.30
N ILE A 275 13.78 -4.24 17.80
CA ILE A 275 12.43 -3.81 17.44
C ILE A 275 11.47 -4.60 18.30
N ASP A 276 10.53 -3.90 18.94
CA ASP A 276 9.46 -4.57 19.66
C ASP A 276 8.35 -4.78 18.67
N VAL A 277 8.03 -6.04 18.37
CA VAL A 277 6.97 -6.37 17.40
C VAL A 277 5.83 -6.96 18.21
N THR A 278 4.82 -6.14 18.55
CA THR A 278 3.73 -6.62 19.40
C THR A 278 2.48 -6.88 18.56
N THR A 279 1.38 -7.26 19.25
CA THR A 279 0.11 -7.48 18.56
C THR A 279 -0.44 -6.18 17.98
N SER A 280 0.01 -5.03 18.47
CA SER A 280 -0.53 -3.78 18.00
C SER A 280 0.48 -2.80 17.47
N GLN A 281 1.76 -2.97 17.77
CA GLN A 281 2.74 -2.00 17.30
C GLN A 281 4.08 -2.64 16.96
N LYS A 282 4.85 -1.95 16.14
CA LYS A 282 6.28 -2.21 15.96
C LYS A 282 7.00 -0.90 16.25
N ILE A 283 7.94 -0.97 17.17
CA ILE A 283 8.69 0.19 17.61
C ILE A 283 10.14 -0.22 17.64
N ALA A 284 10.99 0.52 16.93
CA ALA A 284 12.43 0.35 17.08
C ALA A 284 12.87 0.95 18.41
N ARG A 285 13.50 0.13 19.24
CA ARG A 285 13.92 0.52 20.57
C ARG A 285 15.41 0.84 20.70
N GLU A 286 16.26 0.31 19.84
CA GLU A 286 17.69 0.41 20.12
C GLU A 286 18.48 0.07 18.86
N ILE A 287 19.44 0.91 18.53
CA ILE A 287 20.36 0.66 17.44
C ILE A 287 21.69 0.17 18.02
N LEU A 288 22.07 -1.07 17.72
CA LEU A 288 23.33 -1.60 18.19
C LEU A 288 24.39 -1.37 17.11
N ILE A 289 25.41 -0.58 17.46
CA ILE A 289 26.43 -0.19 16.50
C ILE A 289 27.81 -0.51 17.05
N ASP A 290 28.76 -0.59 16.13
CA ASP A 290 30.19 -0.54 16.40
C ASP A 290 30.67 0.83 15.94
N ARG A 291 30.96 1.71 16.89
CA ARG A 291 31.36 3.09 16.62
C ARG A 291 32.88 3.20 16.80
N ASN A 292 33.62 3.05 15.70
CA ASN A 292 35.08 3.07 15.73
C ASN A 292 35.61 1.89 16.56
N GLY A 293 35.17 0.69 16.19
CA GLY A 293 35.57 -0.51 16.86
C GLY A 293 35.05 -0.70 18.26
N ASN A 294 34.19 0.19 18.74
CA ASN A 294 33.66 0.12 20.10
C ASN A 294 32.16 -0.16 20.06
N ALA A 295 31.72 -1.11 20.87
CA ALA A 295 30.33 -1.55 20.87
C ALA A 295 29.50 -0.55 21.65
N GLU A 296 28.60 0.16 20.95
CA GLU A 296 27.71 1.10 21.62
C GLU A 296 26.27 0.85 21.17
N SER A 297 25.37 1.64 21.73
CA SER A 297 23.95 1.42 21.62
C SER A 297 23.27 2.78 21.67
N ILE A 298 22.34 3.02 20.74
CA ILE A 298 21.59 4.27 20.64
C ILE A 298 20.17 3.97 21.06
N LYS A 299 19.75 4.51 22.20
CA LYS A 299 18.42 4.25 22.72
C LYS A 299 17.42 5.10 21.98
N LEU A 300 16.32 4.48 21.55
CA LEU A 300 15.30 5.13 20.74
C LEU A 300 14.00 5.20 21.53
N THR A 301 13.27 6.29 21.35
CA THR A 301 11.89 6.39 21.79
C THR A 301 10.99 6.41 20.57
N ILE A 302 9.68 6.44 20.82
CA ILE A 302 8.71 6.41 19.76
C ILE A 302 8.94 7.56 18.77
N ASN A 303 9.60 8.63 19.21
CA ASN A 303 9.75 9.81 18.36
C ASN A 303 11.09 9.84 17.68
N ASP A 304 11.92 8.78 17.82
CA ASP A 304 13.15 8.64 17.05
C ASP A 304 12.84 7.72 15.89
N LEU A 305 12.82 8.26 14.67
CA LEU A 305 12.57 7.48 13.49
C LEU A 305 13.85 6.81 13.01
N VAL A 306 13.69 5.61 12.46
CA VAL A 306 14.80 4.85 11.90
C VAL A 306 14.48 4.54 10.46
N PHE A 307 15.43 4.81 9.57
CA PHE A 307 15.26 4.61 8.14
C PHE A 307 16.33 3.62 7.70
N VAL A 308 15.92 2.41 7.41
CA VAL A 308 16.85 1.36 7.09
C VAL A 308 16.90 1.17 5.59
N THR A 309 18.08 1.29 5.01
CA THR A 309 18.28 0.90 3.61
C THR A 309 18.69 -0.55 3.69
N ASN A 310 17.76 -1.47 3.47
CA ASN A 310 17.99 -2.88 3.69
C ASN A 310 18.54 -3.52 2.44
N GLY A 311 19.61 -4.30 2.58
CA GLY A 311 20.22 -4.88 1.41
C GLY A 311 21.09 -3.89 0.65
N SER A 312 22.01 -4.44 -0.14
CA SER A 312 22.95 -3.58 -0.87
C SER A 312 23.49 -4.34 -2.06
N ILE A 313 23.45 -3.74 -3.25
CA ILE A 313 24.03 -4.42 -4.42
C ILE A 313 25.52 -4.17 -4.56
N THR A 314 26.07 -3.20 -3.84
CA THR A 314 27.47 -2.85 -3.96
C THR A 314 28.32 -3.42 -2.84
N GLU A 315 27.70 -4.02 -1.84
CA GLU A 315 28.50 -4.45 -0.71
C GLU A 315 29.44 -5.57 -1.12
N SER A 316 30.54 -5.67 -0.38
CA SER A 316 31.54 -6.71 -0.56
C SER A 316 32.25 -6.59 -1.89
N SER A 317 32.12 -5.47 -2.59
CA SER A 317 32.79 -5.27 -3.85
C SER A 317 34.31 -5.36 -3.66
N THR A 318 34.99 -5.93 -4.65
CA THR A 318 36.45 -5.93 -4.70
C THR A 318 36.91 -5.37 -6.03
N TYR A 319 38.17 -4.91 -6.05
CA TYR A 319 38.76 -4.20 -7.17
C TYR A 319 40.05 -4.86 -7.61
N GLY A 320 40.25 -4.97 -8.91
CA GLY A 320 41.52 -5.39 -9.48
C GLY A 320 42.31 -4.18 -9.95
N ASP A 321 43.23 -4.44 -10.87
CA ASP A 321 43.93 -3.40 -11.59
C ASP A 321 44.28 -3.94 -12.98
N ASN A 322 45.15 -3.23 -13.70
CA ASN A 322 45.39 -3.60 -15.09
C ASN A 322 45.99 -4.97 -15.23
N ASP A 323 46.61 -5.52 -14.18
CA ASP A 323 47.31 -6.79 -14.24
C ASP A 323 46.84 -7.77 -13.18
N THR A 324 45.71 -7.48 -12.50
CA THR A 324 45.15 -8.31 -11.44
C THR A 324 43.62 -8.40 -11.50
N PRO A 325 43.05 -9.59 -11.43
CA PRO A 325 41.58 -9.70 -11.35
C PRO A 325 41.05 -9.14 -10.05
N ALA A 326 39.92 -8.46 -10.14
CA ALA A 326 39.10 -8.25 -8.97
C ALA A 326 38.80 -9.63 -8.38
N PRO A 327 39.17 -9.88 -7.13
CA PRO A 327 39.03 -11.24 -6.58
C PRO A 327 37.58 -11.54 -6.22
N PRO A 328 37.06 -12.68 -6.66
CA PRO A 328 35.68 -13.02 -6.29
C PRO A 328 35.49 -13.21 -4.78
N THR A 329 34.27 -12.94 -4.33
CA THR A 329 33.91 -13.09 -2.93
C THR A 329 32.42 -13.38 -2.84
N ASP A 330 32.02 -14.14 -1.81
CA ASP A 330 30.62 -14.35 -1.49
C ASP A 330 30.39 -13.81 -0.05
N GLU A 331 31.25 -12.90 0.42
CA GLU A 331 31.13 -12.35 1.77
C GLU A 331 29.87 -11.53 1.89
N LEU A 332 29.12 -11.77 2.95
CA LEU A 332 28.09 -10.85 3.37
C LEU A 332 28.76 -9.72 4.15
N GLY A 333 28.30 -8.50 3.91
CA GLY A 333 28.79 -7.34 4.60
C GLY A 333 27.81 -6.83 5.63
N GLY A 334 28.01 -5.58 6.02
CA GLY A 334 27.14 -5.03 7.06
C GLY A 334 25.69 -4.98 6.61
N SER A 335 25.46 -4.46 5.42
CA SER A 335 24.11 -4.29 4.91
C SER A 335 23.32 -5.59 4.95
N TRP A 336 23.90 -6.67 4.42
CA TRP A 336 23.13 -7.91 4.37
C TRP A 336 22.95 -8.48 5.76
N THR A 337 23.98 -8.37 6.60
CA THR A 337 23.89 -8.92 7.95
C THR A 337 22.83 -8.20 8.75
N LEU A 338 22.69 -6.90 8.54
CA LEU A 338 21.68 -6.14 9.24
C LEU A 338 20.28 -6.57 8.80
N TRP A 339 20.06 -6.70 7.51
CA TRP A 339 18.74 -7.12 7.08
C TRP A 339 18.40 -8.49 7.67
N LYS A 340 19.38 -9.41 7.65
CA LYS A 340 19.11 -10.74 8.21
C LYS A 340 18.77 -10.64 9.70
N ASN A 341 19.41 -9.75 10.43
CA ASN A 341 19.10 -9.58 11.84
C ASN A 341 17.74 -8.92 12.05
N LEU A 342 17.33 -8.06 11.12
CA LEU A 342 16.00 -7.50 11.20
C LEU A 342 14.97 -8.56 10.83
N ALA A 343 15.27 -9.34 9.79
CA ALA A 343 14.33 -10.33 9.31
C ALA A 343 14.05 -11.42 10.35
N ARG A 344 14.95 -11.61 11.31
CA ARG A 344 14.68 -12.63 12.33
C ARG A 344 13.77 -12.11 13.43
N GLN A 345 13.39 -10.82 13.39
CA GLN A 345 12.41 -10.25 14.32
C GLN A 345 11.00 -10.19 13.76
N SER A 346 10.82 -10.27 12.46
CA SER A 346 9.49 -10.46 11.91
C SER A 346 9.59 -10.80 10.43
N PRO A 347 8.80 -11.76 9.96
CA PRO A 347 8.64 -11.94 8.51
C PRO A 347 8.17 -10.68 7.79
N GLU A 348 7.54 -9.76 8.49
CA GLU A 348 7.17 -8.51 7.80
C GLU A 348 8.36 -7.62 7.44
N PHE A 349 9.57 -8.00 7.88
CA PHE A 349 10.77 -7.25 7.57
C PHE A 349 11.50 -7.82 6.36
N GLY A 350 10.90 -8.77 5.68
CA GLY A 350 11.47 -9.24 4.42
C GLY A 350 12.27 -10.52 4.58
N ASN A 351 12.78 -10.97 3.43
CA ASN A 351 13.47 -12.25 3.29
C ASN A 351 14.77 -12.00 2.53
N PRO A 352 15.80 -11.49 3.21
CA PRO A 352 17.04 -11.15 2.48
C PRO A 352 17.61 -12.32 1.71
N ASP A 353 17.48 -13.54 2.25
CA ASP A 353 18.08 -14.71 1.61
C ASP A 353 17.58 -14.91 0.20
N LYS A 354 16.40 -14.42 -0.13
CA LYS A 354 15.92 -14.60 -1.50
C LYS A 354 16.79 -13.84 -2.49
N PHE A 355 17.51 -12.83 -2.01
CA PHE A 355 18.24 -11.88 -2.84
C PHE A 355 19.73 -12.05 -2.73
N CYS A 356 20.23 -12.48 -1.59
CA CYS A 356 21.67 -12.52 -1.42
C CYS A 356 22.23 -13.92 -1.30
N GLN A 357 21.40 -14.96 -1.44
CA GLN A 357 21.88 -16.34 -1.47
C GLN A 357 21.50 -16.96 -2.81
N ASN A 358 22.29 -17.95 -3.23
CA ASN A 358 21.97 -18.74 -4.43
C ASN A 358 21.98 -17.86 -5.69
N ILE A 359 22.86 -16.88 -5.73
CA ILE A 359 23.03 -16.09 -6.93
C ILE A 359 23.79 -16.98 -7.92
N PRO A 360 23.22 -17.29 -9.08
CA PRO A 360 23.91 -18.16 -10.05
C PRO A 360 25.30 -17.64 -10.41
N LYS A 361 26.28 -18.54 -10.44
CA LYS A 361 27.65 -18.20 -10.78
C LYS A 361 27.77 -17.65 -12.18
N LYS A 362 26.73 -17.79 -12.99
CA LYS A 362 26.75 -17.17 -14.31
C LYS A 362 26.41 -15.69 -14.27
N SER A 363 25.92 -15.19 -13.14
CA SER A 363 25.40 -13.85 -13.13
C SER A 363 26.51 -12.82 -13.37
N TRP A 364 26.08 -11.68 -13.86
CA TRP A 364 26.93 -10.51 -13.86
C TRP A 364 27.57 -10.33 -12.51
N PHE A 365 28.91 -10.20 -12.50
CA PHE A 365 29.60 -9.81 -11.28
C PHE A 365 30.61 -8.69 -11.54
N VAL A 366 31.21 -8.68 -12.74
CA VAL A 366 32.35 -7.84 -13.04
C VAL A 366 31.98 -6.70 -13.97
N SER A 367 32.45 -5.52 -13.63
CA SER A 367 32.42 -4.34 -14.48
C SER A 367 33.84 -3.84 -14.55
N ALA A 368 34.20 -3.13 -15.63
CA ALA A 368 35.52 -2.52 -15.74
C ALA A 368 35.42 -1.13 -16.32
N THR A 369 36.27 -0.23 -15.83
CA THR A 369 36.47 1.08 -16.44
C THR A 369 37.85 1.12 -17.10
N SER A 370 37.85 1.28 -18.43
CA SER A 370 39.06 1.26 -19.25
C SER A 370 39.32 2.69 -19.69
N THR A 371 40.49 3.21 -19.33
CA THR A 371 40.88 4.57 -19.63
C THR A 371 42.02 4.55 -20.62
N THR A 372 41.99 5.45 -21.58
CA THR A 372 43.05 5.53 -22.57
C THR A 372 43.06 6.89 -23.24
N ASN A 373 44.25 7.33 -23.66
CA ASN A 373 44.41 8.42 -24.59
C ASN A 373 44.89 7.92 -25.94
N ASN A 374 44.89 6.61 -26.16
CA ASN A 374 45.36 6.07 -27.42
C ASN A 374 44.44 6.44 -28.57
N LYS A 375 45.00 7.01 -29.65
CA LYS A 375 44.14 7.50 -30.73
C LYS A 375 43.53 6.37 -31.55
N GLU A 376 44.21 5.23 -31.61
CA GLU A 376 43.67 4.13 -32.38
C GLU A 376 42.39 3.62 -31.75
N ILE A 377 42.41 3.39 -30.43
CA ILE A 377 41.20 3.03 -29.70
C ILE A 377 40.14 4.08 -29.90
N ILE A 378 40.40 5.31 -29.46
CA ILE A 378 39.44 6.40 -29.60
C ILE A 378 38.88 6.43 -31.02
N ASP A 379 39.76 6.28 -32.02
CA ASP A 379 39.32 6.38 -33.41
C ASP A 379 38.43 5.21 -33.78
N THR A 380 38.76 4.03 -33.29
CA THR A 380 37.93 2.86 -33.53
C THR A 380 36.55 3.06 -32.96
N ILE A 381 36.46 3.62 -31.75
CA ILE A 381 35.15 3.91 -31.16
C ILE A 381 34.38 4.87 -32.05
N GLU A 382 35.04 5.93 -32.54
CA GLU A 382 34.35 6.92 -33.37
C GLU A 382 33.79 6.28 -34.62
N SER A 383 34.57 5.43 -35.29
CA SER A 383 34.07 4.76 -36.47
C SER A 383 32.94 3.80 -36.18
N ILE A 384 32.60 3.53 -34.92
CA ILE A 384 31.45 2.68 -34.61
C ILE A 384 30.30 3.58 -34.17
N CYS A 385 30.52 4.37 -33.12
CA CYS A 385 29.48 5.24 -32.60
C CYS A 385 29.22 6.46 -33.49
N LYS A 386 30.16 6.82 -34.36
CA LYS A 386 30.05 7.94 -35.30
C LYS A 386 30.10 9.30 -34.62
N ARG A 387 30.68 9.38 -33.42
CA ARG A 387 30.81 10.63 -32.69
C ARG A 387 32.21 10.74 -32.11
N ASP A 388 32.74 11.95 -32.06
CA ASP A 388 34.05 12.20 -31.50
C ASP A 388 34.02 11.96 -30.00
N PRO A 389 34.68 10.93 -29.49
CA PRO A 389 34.64 10.68 -28.03
C PRO A 389 35.16 11.84 -27.19
N LEU A 390 36.11 12.61 -27.69
CA LEU A 390 36.74 13.66 -26.91
C LEU A 390 36.04 15.02 -27.04
N ALA A 391 34.91 15.08 -27.73
CA ALA A 391 34.25 16.37 -27.99
C ALA A 391 33.51 16.94 -26.78
N GLY A 392 33.25 16.13 -25.76
CA GLY A 392 32.46 16.58 -24.62
C GLY A 392 30.96 16.44 -24.76
N LYS A 393 30.48 15.79 -25.80
CA LYS A 393 29.06 15.52 -26.01
C LYS A 393 28.80 14.01 -25.92
N THR A 394 27.58 13.62 -26.24
CA THR A 394 27.25 12.21 -26.37
C THR A 394 28.33 11.50 -27.18
N VAL A 395 28.63 10.26 -26.81
CA VAL A 395 29.53 9.43 -27.60
C VAL A 395 28.78 8.21 -28.07
N THR A 396 28.70 7.18 -27.22
CA THR A 396 27.89 6.02 -27.58
C THR A 396 26.41 6.22 -27.27
N GLY A 397 26.05 7.29 -26.53
CA GLY A 397 24.66 7.53 -26.17
C GLY A 397 24.03 6.42 -25.38
N GLY A 398 24.83 5.73 -24.58
CA GLY A 398 24.41 4.51 -23.93
C GLY A 398 25.17 3.31 -24.50
N ILE A 399 24.87 2.15 -23.94
CA ILE A 399 25.72 0.99 -24.16
C ILE A 399 25.64 0.52 -25.61
N ILE A 400 26.80 0.12 -26.15
CA ILE A 400 26.85 -0.72 -27.34
C ILE A 400 26.92 -2.15 -26.87
N THR A 401 26.05 -3.01 -27.40
CA THR A 401 26.05 -4.40 -26.98
C THR A 401 26.79 -5.19 -28.05
N ILE A 402 27.67 -6.08 -27.62
CA ILE A 402 28.38 -6.98 -28.52
C ILE A 402 27.57 -8.25 -28.54
N ASN A 403 26.75 -8.43 -29.59
CA ASN A 403 25.67 -9.39 -29.51
C ASN A 403 26.16 -10.83 -29.58
N ASP A 404 27.28 -11.09 -30.26
CA ASP A 404 27.82 -12.44 -30.35
C ASP A 404 28.96 -12.70 -29.36
N SER A 405 29.20 -11.80 -28.40
CA SER A 405 30.22 -12.02 -27.39
C SER A 405 29.79 -13.13 -26.43
N ALA A 406 30.73 -14.02 -26.11
CA ALA A 406 30.47 -15.09 -25.15
C ALA A 406 30.08 -14.54 -23.78
N TRP A 407 30.70 -13.44 -23.39
CA TRP A 407 30.44 -12.81 -22.11
C TRP A 407 29.14 -12.02 -22.07
N GLN A 408 28.47 -11.86 -23.22
CA GLN A 408 27.38 -10.91 -23.41
C GLN A 408 27.78 -9.58 -22.78
N MET A 409 28.77 -8.97 -23.39
CA MET A 409 29.40 -7.74 -22.95
C MET A 409 28.79 -6.56 -23.65
N SER A 410 28.66 -5.46 -22.91
CA SER A 410 28.23 -4.17 -23.41
C SER A 410 29.16 -3.12 -22.84
N PHE A 411 29.23 -1.97 -23.47
CA PHE A 411 30.10 -0.94 -22.94
C PHE A 411 29.55 0.40 -23.38
N THR A 412 29.89 1.43 -22.61
CA THR A 412 29.43 2.78 -22.91
C THR A 412 30.57 3.77 -22.71
N ILE A 413 30.61 4.79 -23.57
CA ILE A 413 31.37 6.00 -23.34
C ILE A 413 30.34 7.13 -23.17
N ASN A 414 30.21 7.66 -21.95
CA ASN A 414 29.31 8.77 -21.70
C ASN A 414 29.97 10.07 -22.16
N ARG A 415 29.36 11.21 -21.86
CA ARG A 415 30.05 12.48 -22.09
C ARG A 415 31.41 12.42 -21.39
N GLN A 416 32.46 12.82 -22.11
CA GLN A 416 33.81 12.83 -21.56
C GLN A 416 34.27 14.26 -21.35
N GLN A 417 35.03 14.49 -20.28
CA GLN A 417 35.36 13.48 -19.28
C GLN A 417 34.25 13.36 -18.24
N GLN A 418 34.04 12.16 -17.71
CA GLN A 418 33.06 11.95 -16.65
C GLN A 418 33.57 12.40 -15.29
N PHE A 419 34.85 12.75 -15.16
CA PHE A 419 35.45 13.25 -13.93
C PHE A 419 35.95 14.68 -14.11
N LYS A 420 35.99 15.41 -12.99
CA LYS A 420 36.28 16.85 -13.02
C LYS A 420 37.75 17.13 -13.38
N ASP A 421 38.68 16.38 -12.80
CA ASP A 421 40.12 16.62 -13.03
C ASP A 421 40.70 15.41 -13.74
N GLN A 422 40.25 15.19 -14.96
CA GLN A 422 40.77 14.16 -15.84
C GLN A 422 41.27 14.78 -17.15
N PRO A 423 42.46 14.43 -17.62
CA PRO A 423 42.98 15.04 -18.86
C PRO A 423 42.00 14.93 -20.01
N GLU A 424 41.87 16.01 -20.77
CA GLU A 424 40.89 16.09 -21.84
C GLU A 424 41.30 15.33 -23.08
N ASN A 425 42.43 14.62 -23.07
CA ASN A 425 42.78 13.70 -24.15
C ASN A 425 42.35 12.26 -23.84
N GLU A 426 41.80 12.02 -22.66
CA GLU A 426 41.50 10.68 -22.18
C GLU A 426 40.00 10.41 -22.30
N ILE A 427 39.68 9.15 -22.59
CA ILE A 427 38.32 8.64 -22.44
C ILE A 427 38.31 7.57 -21.37
N SER A 428 37.15 7.38 -20.75
CA SER A 428 36.91 6.28 -19.82
C SER A 428 35.71 5.48 -20.29
N THR A 429 35.95 4.22 -20.65
CA THR A 429 34.94 3.30 -21.16
C THR A 429 34.53 2.36 -20.02
N TRP A 430 33.23 2.24 -19.81
CA TRP A 430 32.70 1.33 -18.81
C TRP A 430 32.26 0.05 -19.49
N ILE A 431 32.71 -1.08 -18.95
CA ILE A 431 32.47 -2.39 -19.54
C ILE A 431 31.79 -3.27 -18.50
N TYR A 432 30.75 -3.97 -18.92
CA TYR A 432 30.18 -5.01 -18.09
C TYR A 432 29.84 -6.21 -18.96
N ALA A 433 29.74 -7.36 -18.32
CA ALA A 433 29.43 -8.63 -18.98
C ALA A 433 28.35 -9.41 -18.23
N LEU A 434 27.29 -9.77 -18.94
CA LEU A 434 26.14 -10.38 -18.30
C LEU A 434 26.43 -11.78 -17.82
N TYR A 435 27.37 -12.48 -18.47
CA TYR A 435 27.67 -13.88 -18.20
C TYR A 435 29.08 -14.01 -17.67
N SER A 436 29.23 -14.57 -16.46
CA SER A 436 30.50 -14.53 -15.75
C SER A 436 31.28 -15.84 -15.72
N ASP A 437 30.72 -16.93 -16.20
CA ASP A 437 31.35 -18.23 -16.08
C ASP A 437 31.58 -18.86 -17.45
N VAL A 438 31.75 -18.04 -18.49
CA VAL A 438 31.90 -18.49 -19.86
C VAL A 438 33.22 -17.97 -20.40
N ASN A 439 33.99 -18.83 -21.08
CA ASN A 439 35.25 -18.37 -21.66
C ASN A 439 35.00 -17.30 -22.70
N GLY A 440 35.84 -16.26 -22.69
CA GLY A 440 35.81 -15.26 -23.74
C GLY A 440 36.05 -15.84 -25.12
N ASP A 441 35.84 -14.99 -26.12
CA ASP A 441 36.12 -15.37 -27.51
C ASP A 441 37.59 -15.16 -27.87
N TYR A 442 38.25 -14.20 -27.23
CA TYR A 442 39.66 -13.93 -27.48
C TYR A 442 40.51 -14.33 -26.29
N ILE A 443 40.21 -13.79 -25.12
CA ILE A 443 40.75 -14.27 -23.85
C ILE A 443 39.86 -15.44 -23.45
N LYS A 444 40.36 -16.66 -23.65
CA LYS A 444 39.57 -17.87 -23.41
C LYS A 444 39.50 -18.20 -21.92
N LYS A 445 38.94 -17.27 -21.16
CA LYS A 445 38.80 -17.36 -19.72
C LYS A 445 37.51 -16.68 -19.31
N PRO A 446 36.90 -17.10 -18.20
CA PRO A 446 35.79 -16.32 -17.66
C PRO A 446 36.24 -14.95 -17.18
N ILE A 447 35.30 -14.00 -17.26
CA ILE A 447 35.67 -12.63 -16.93
C ILE A 447 36.15 -12.56 -15.49
N THR A 448 35.66 -13.45 -14.63
CA THR A 448 36.07 -13.41 -13.23
C THR A 448 37.54 -13.78 -13.03
N GLU A 449 38.16 -14.40 -14.02
CA GLU A 449 39.56 -14.76 -13.97
C GLU A 449 40.42 -13.78 -14.76
N CYS A 450 39.83 -12.65 -15.19
CA CYS A 450 40.51 -11.72 -16.09
C CYS A 450 41.01 -10.48 -15.34
N SER A 451 42.27 -10.12 -15.59
CA SER A 451 42.79 -8.83 -15.21
C SER A 451 42.14 -7.71 -16.02
N GLY A 452 42.26 -6.49 -15.53
CA GLY A 452 41.83 -5.34 -16.32
C GLY A 452 42.29 -5.41 -17.76
N ASN A 453 43.59 -5.61 -17.99
CA ASN A 453 44.08 -5.58 -19.36
C ASN A 453 43.46 -6.69 -20.19
N GLU A 454 43.20 -7.83 -19.59
CA GLU A 454 42.54 -8.91 -20.35
C GLU A 454 41.09 -8.57 -20.72
N ILE A 455 40.33 -8.00 -19.79
CA ILE A 455 38.99 -7.55 -20.14
C ILE A 455 39.07 -6.54 -21.29
N CYS A 456 40.02 -5.62 -21.20
CA CYS A 456 40.27 -4.69 -22.29
C CYS A 456 40.54 -5.43 -23.60
N GLN A 457 41.38 -6.45 -23.56
CA GLN A 457 41.68 -7.20 -24.78
C GLN A 457 40.43 -7.81 -25.38
N GLU A 458 39.60 -8.43 -24.57
CA GLU A 458 38.38 -9.05 -25.11
C GLU A 458 37.50 -7.98 -25.75
N TRP A 459 37.42 -6.84 -25.10
CA TRP A 459 36.63 -5.72 -25.63
C TRP A 459 37.20 -5.21 -26.96
N LEU A 460 38.51 -4.94 -27.00
CA LEU A 460 39.11 -4.43 -28.23
C LEU A 460 38.94 -5.41 -29.37
N TYR A 461 39.03 -6.71 -29.04
CA TYR A 461 38.80 -7.74 -30.03
C TYR A 461 37.45 -7.55 -30.71
N HIS A 462 36.38 -7.41 -29.91
CA HIS A 462 35.01 -7.26 -30.44
C HIS A 462 34.79 -5.88 -31.08
N LEU A 463 35.64 -4.91 -30.76
CA LEU A 463 35.67 -3.68 -31.52
C LEU A 463 36.23 -3.87 -32.91
N GLY A 464 36.98 -4.96 -33.12
CA GLY A 464 37.59 -5.20 -34.42
C GLY A 464 39.03 -4.73 -34.54
N VAL A 465 39.67 -4.41 -33.43
CA VAL A 465 41.09 -4.10 -33.49
C VAL A 465 41.85 -5.35 -33.89
N SER A 466 42.72 -5.20 -34.89
CA SER A 466 43.66 -6.24 -35.24
C SER A 466 44.23 -6.94 -34.00
N THR A 467 44.11 -8.27 -33.97
CA THR A 467 44.58 -9.00 -32.80
C THR A 467 46.08 -8.82 -32.59
N ASP A 468 46.84 -8.56 -33.65
CA ASP A 468 48.28 -8.30 -33.48
C ASP A 468 48.54 -7.03 -32.67
N LYS A 469 47.55 -6.15 -32.51
CA LYS A 469 47.75 -4.91 -31.74
C LYS A 469 47.09 -4.94 -30.37
N ILE A 470 46.17 -5.86 -30.14
CA ILE A 470 45.28 -5.78 -28.99
C ILE A 470 46.08 -5.84 -27.70
N GLU A 471 47.00 -6.80 -27.58
CA GLU A 471 47.67 -7.02 -26.30
C GLU A 471 48.40 -5.77 -25.83
N ASP A 472 49.20 -5.16 -26.71
CA ASP A 472 49.98 -4.02 -26.24
C ASP A 472 49.09 -2.83 -25.92
N LEU A 473 48.02 -2.67 -26.69
CA LEU A 473 47.12 -1.54 -26.46
C LEU A 473 46.47 -1.65 -25.09
N ALA A 474 46.07 -2.86 -24.72
CA ALA A 474 45.47 -3.07 -23.40
C ALA A 474 46.51 -2.84 -22.30
N LYS A 475 47.72 -3.41 -22.47
CA LYS A 475 48.71 -3.40 -21.39
C LYS A 475 49.41 -2.05 -21.24
N HIS A 476 49.71 -1.39 -22.34
CA HIS A 476 50.61 -0.24 -22.28
C HIS A 476 50.01 1.02 -22.86
N ALA A 477 48.79 0.96 -23.41
CA ALA A 477 48.16 2.13 -23.99
C ALA A 477 46.83 2.45 -23.32
N SER A 478 46.51 1.75 -22.23
CA SER A 478 45.24 1.79 -21.53
C SER A 478 45.44 1.35 -20.08
N ASN A 479 44.53 1.80 -19.21
CA ASN A 479 44.48 1.32 -17.85
C ASN A 479 43.04 0.93 -17.52
N THR A 480 42.83 -0.33 -17.15
CA THR A 480 41.50 -0.88 -16.95
C THR A 480 41.40 -1.46 -15.55
N ILE A 481 40.41 -0.98 -14.80
CA ILE A 481 40.21 -1.34 -13.40
C ILE A 481 38.94 -2.17 -13.32
N PRO A 482 39.03 -3.46 -13.04
CA PRO A 482 37.83 -4.26 -12.89
C PRO A 482 37.33 -4.23 -11.45
N VAL A 483 36.04 -4.43 -11.29
CA VAL A 483 35.44 -4.55 -9.97
C VAL A 483 34.58 -5.80 -10.02
N TYR A 484 34.65 -6.58 -8.96
CA TYR A 484 33.81 -7.75 -8.75
C TYR A 484 32.76 -7.40 -7.70
N MET A 485 31.50 -7.53 -8.06
CA MET A 485 30.37 -7.14 -7.22
C MET A 485 29.47 -8.35 -7.03
N PRO A 486 29.59 -9.07 -5.92
CA PRO A 486 28.78 -10.29 -5.76
C PRO A 486 27.28 -10.04 -5.86
N TYR A 487 26.80 -8.87 -5.43
CA TYR A 487 25.36 -8.66 -5.30
C TYR A 487 24.82 -7.70 -6.35
N ILE A 488 25.52 -7.49 -7.46
CA ILE A 488 25.08 -6.48 -8.43
C ILE A 488 23.82 -6.89 -9.17
N THR A 489 23.47 -8.18 -9.20
CA THR A 489 22.20 -8.62 -9.78
C THR A 489 21.09 -8.79 -8.75
N SER A 490 21.34 -8.44 -7.49
CA SER A 490 20.51 -8.87 -6.39
C SER A 490 19.08 -8.31 -6.47
N TYR A 491 18.93 -7.13 -7.07
CA TYR A 491 17.62 -6.48 -7.08
C TYR A 491 16.62 -7.32 -7.83
N PHE A 492 17.07 -8.04 -8.86
CA PHE A 492 16.20 -8.70 -9.82
C PHE A 492 15.93 -10.15 -9.50
N MET A 493 16.44 -10.68 -8.39
CA MET A 493 16.24 -12.10 -8.13
C MET A 493 14.75 -12.40 -7.95
N THR A 494 14.32 -13.57 -8.42
CA THR A 494 12.94 -14.00 -8.25
C THR A 494 12.55 -13.85 -6.80
N ARG A 495 11.36 -13.29 -6.59
CA ARG A 495 10.90 -12.96 -5.26
C ARG A 495 9.41 -13.24 -5.19
N ALA A 496 8.89 -13.22 -3.99
CA ALA A 496 7.48 -13.38 -3.71
C ALA A 496 7.00 -12.12 -3.00
N ILE A 497 5.72 -11.78 -3.18
CA ILE A 497 5.13 -10.75 -2.37
C ILE A 497 5.41 -11.09 -0.94
N GLY A 498 6.00 -10.17 -0.20
CA GLY A 498 6.41 -10.41 1.16
C GLY A 498 7.91 -10.49 1.36
N ASP A 499 8.67 -10.82 0.32
CA ASP A 499 10.12 -10.89 0.46
C ASP A 499 10.74 -9.53 0.68
N ARG A 500 10.09 -8.48 0.23
CA ARG A 500 10.52 -7.09 0.47
C ARG A 500 9.61 -6.44 1.52
N PRO A 501 10.18 -5.88 2.59
CA PRO A 501 9.35 -5.19 3.58
C PRO A 501 8.70 -3.96 2.97
N LEU A 502 7.48 -3.68 3.40
CA LEU A 502 6.88 -2.43 3.03
C LEU A 502 7.76 -1.29 3.51
N VAL A 503 7.66 -0.14 2.83
CA VAL A 503 8.43 1.03 3.25
C VAL A 503 8.17 1.34 4.73
N VAL A 504 6.90 1.31 5.14
CA VAL A 504 6.52 1.40 6.54
C VAL A 504 5.66 0.17 6.84
N PRO A 505 6.26 -0.87 7.41
CA PRO A 505 5.48 -2.07 7.74
C PRO A 505 4.26 -1.74 8.57
N HIS A 506 3.21 -2.56 8.37
CA HIS A 506 1.98 -2.47 9.15
C HIS A 506 2.30 -2.27 10.63
N GLN A 507 1.72 -1.21 11.21
CA GLN A 507 1.82 -0.88 12.63
C GLN A 507 3.19 -0.35 13.03
N SER A 508 4.04 -0.03 12.08
CA SER A 508 5.32 0.54 12.45
C SER A 508 5.16 1.98 12.90
N GLN A 509 5.70 2.30 14.07
CA GLN A 509 5.59 3.64 14.60
C GLN A 509 6.75 4.52 14.21
N ASN A 510 7.94 3.96 14.18
CA ASN A 510 9.13 4.76 14.01
C ASN A 510 10.17 4.06 13.17
N LEU A 511 9.78 3.11 12.31
CA LEU A 511 10.73 2.34 11.54
C LEU A 511 10.30 2.26 10.10
N ALA A 512 11.21 2.57 9.19
CA ALA A 512 10.92 2.47 7.78
C ALA A 512 12.05 1.82 7.02
N PHE A 513 11.71 1.19 5.91
CA PHE A 513 12.68 0.56 5.05
C PHE A 513 12.72 1.27 3.70
N ILE A 514 13.92 1.66 3.27
CA ILE A 514 14.03 2.45 2.07
C ILE A 514 15.06 1.83 1.14
N GLY A 515 15.03 2.28 -0.12
CA GLY A 515 15.91 1.78 -1.13
C GLY A 515 15.27 0.67 -1.96
N ASN A 516 16.09 0.12 -2.80
CA ASN A 516 15.63 -0.78 -3.85
C ASN A 516 15.40 -2.19 -3.37
N PHE A 517 15.41 -2.45 -2.06
CA PHE A 517 14.91 -3.71 -1.56
C PHE A 517 13.66 -3.55 -0.71
N ALA A 518 13.04 -2.37 -0.71
CA ALA A 518 11.77 -2.11 -0.02
C ALA A 518 10.68 -2.24 -1.05
N GLU A 519 9.46 -2.39 -0.56
CA GLU A 519 8.30 -2.66 -1.38
C GLU A 519 7.44 -1.42 -1.50
N THR A 520 7.13 -1.02 -2.73
CA THR A 520 6.13 -0.02 -3.05
C THR A 520 5.47 -0.43 -4.37
N GLU A 521 4.29 0.11 -4.63
CA GLU A 521 3.52 -0.37 -5.77
C GLU A 521 4.10 0.12 -7.09
N ARG A 522 4.07 -0.77 -8.08
CA ARG A 522 4.36 -0.46 -9.48
C ARG A 522 5.77 -0.04 -9.88
N ASP A 523 6.52 0.64 -9.02
CA ASP A 523 7.78 1.18 -9.51
C ASP A 523 8.84 0.09 -9.62
N THR A 524 9.89 0.43 -10.35
CA THR A 524 10.91 -0.51 -10.81
C THR A 524 12.23 -0.27 -10.08
N VAL A 525 12.83 -1.35 -9.57
CA VAL A 525 14.05 -1.24 -8.81
C VAL A 525 15.21 -1.22 -9.78
N PHE A 526 16.42 -1.10 -9.23
CA PHE A 526 17.61 -0.75 -10.02
C PHE A 526 17.47 0.64 -10.65
N THR A 527 16.64 1.52 -10.05
CA THR A 527 16.60 2.92 -10.49
C THR A 527 16.87 3.83 -9.30
N THR A 528 17.49 4.98 -9.56
CA THR A 528 17.58 6.03 -8.55
C THR A 528 16.20 6.54 -8.16
N GLU A 529 15.25 6.57 -9.09
CA GLU A 529 13.89 6.96 -8.74
C GLU A 529 13.35 6.10 -7.61
N TYR A 530 13.63 4.79 -7.62
CA TYR A 530 13.04 3.93 -6.60
C TYR A 530 13.61 4.28 -5.25
N SER A 531 14.91 4.61 -5.20
CA SER A 531 15.50 5.02 -3.94
C SER A 531 14.87 6.31 -3.41
N VAL A 532 14.65 7.29 -4.29
CA VAL A 532 14.04 8.55 -3.82
C VAL A 532 12.57 8.34 -3.46
N ARG A 533 11.87 7.53 -4.23
CA ARG A 533 10.46 7.32 -3.94
C ARG A 533 10.28 6.71 -2.56
N THR A 534 11.02 5.64 -2.27
CA THR A 534 10.82 4.98 -1.00
C THR A 534 11.18 5.92 0.13
N ALA A 535 12.29 6.65 -0.01
CA ALA A 535 12.66 7.68 0.96
C ALA A 535 11.53 8.68 1.20
N MET A 536 10.83 9.11 0.14
CA MET A 536 9.77 10.12 0.29
C MET A 536 8.53 9.52 0.97
N GLU A 537 8.13 8.34 0.50
CA GLU A 537 7.07 7.62 1.14
C GLU A 537 7.37 7.32 2.60
N ALA A 538 8.62 6.96 2.95
CA ALA A 538 8.92 6.71 4.36
C ALA A 538 8.78 7.98 5.19
N VAL A 539 9.41 9.08 4.77
CA VAL A 539 9.32 10.32 5.55
C VAL A 539 7.86 10.78 5.65
N TYR A 540 7.14 10.71 4.54
CA TYR A 540 5.77 11.26 4.51
C TYR A 540 4.85 10.47 5.44
N GLN A 541 4.95 9.13 5.35
CA GLN A 541 4.16 8.25 6.18
C GLN A 541 4.57 8.37 7.65
N LEU A 542 5.86 8.35 7.94
CA LEU A 542 6.23 8.34 9.36
C LEU A 542 5.98 9.69 10.03
N LEU A 543 6.04 10.78 9.30
CA LEU A 543 5.70 12.09 9.85
C LEU A 543 4.27 12.55 9.49
N ASN A 544 3.53 11.79 8.67
CA ASN A 544 2.13 12.08 8.34
C ASN A 544 2.03 13.41 7.60
N ILE A 545 2.88 13.56 6.59
CA ILE A 545 3.02 14.84 5.91
C ILE A 545 1.83 15.01 4.99
N ASP A 546 1.21 16.20 5.04
CA ASP A 546 -0.07 16.41 4.35
C ASP A 546 0.16 16.94 2.93
N ARG A 547 0.75 16.07 2.11
CA ARG A 547 1.00 16.37 0.71
C ARG A 547 1.00 15.05 -0.05
N GLY A 548 0.53 15.09 -1.29
CA GLY A 548 0.43 13.89 -2.09
C GLY A 548 1.81 13.49 -2.63
N ILE A 549 2.04 12.18 -2.71
CA ILE A 549 3.29 11.65 -3.29
C ILE A 549 3.00 11.34 -4.75
N PRO A 550 3.84 11.82 -5.68
CA PRO A 550 3.57 11.56 -7.09
C PRO A 550 3.48 10.08 -7.34
N GLU A 551 2.39 9.64 -8.00
CA GLU A 551 2.27 8.23 -8.34
C GLU A 551 3.26 7.87 -9.45
N VAL A 552 3.56 6.56 -9.55
CA VAL A 552 4.31 6.09 -10.71
C VAL A 552 3.55 6.52 -11.95
N ILE A 553 4.28 7.05 -12.93
CA ILE A 553 3.62 7.71 -14.06
C ILE A 553 2.57 6.80 -14.69
N ASN A 554 1.39 7.35 -15.00
CA ASN A 554 0.25 6.56 -15.49
C ASN A 554 0.28 6.11 -16.95
N SER A 555 1.47 5.98 -17.50
CA SER A 555 1.64 5.53 -18.89
C SER A 555 0.94 4.24 -19.28
N PRO A 556 1.03 3.17 -18.51
CA PRO A 556 0.40 1.90 -18.95
C PRO A 556 -1.11 1.96 -18.92
N PHE A 557 -1.69 3.07 -18.46
CA PHE A 557 -3.13 3.27 -18.43
C PHE A 557 -3.56 4.30 -19.46
N ASP A 558 -2.60 4.93 -20.14
CA ASP A 558 -2.86 5.98 -21.12
C ASP A 558 -3.06 5.31 -22.47
N LEU A 559 -4.29 5.40 -22.99
CA LEU A 559 -4.60 4.79 -24.28
C LEU A 559 -3.70 5.31 -25.38
N ARG A 560 -3.34 6.59 -25.32
CA ARG A 560 -2.44 7.15 -26.31
C ARG A 560 -1.13 6.37 -26.30
N VAL A 561 -0.58 6.18 -25.09
CA VAL A 561 0.70 5.48 -24.94
C VAL A 561 0.57 4.04 -25.36
N LEU A 562 -0.56 3.41 -25.02
CA LEU A 562 -0.80 2.03 -25.37
C LEU A 562 -0.93 1.84 -26.88
N MET A 563 -1.43 2.86 -27.56
CA MET A 563 -1.54 2.82 -29.01
C MET A 563 -0.13 2.83 -29.58
N ASP A 564 0.71 3.71 -29.06
CA ASP A 564 2.08 3.80 -29.52
C ASP A 564 2.83 2.49 -29.24
N ALA A 565 2.61 1.90 -28.07
CA ALA A 565 3.32 0.67 -27.75
C ALA A 565 3.01 -0.39 -28.81
N ILE A 566 1.73 -0.57 -29.12
CA ILE A 566 1.37 -1.56 -30.13
C ILE A 566 2.12 -1.27 -31.42
N TYR A 567 2.03 -0.02 -31.85
CA TYR A 567 2.69 0.39 -33.08
C TYR A 567 4.16 0.03 -33.04
N GLU A 568 4.84 0.45 -31.98
CA GLU A 568 6.29 0.28 -31.95
C GLU A 568 6.66 -1.17 -31.77
N LEU A 569 5.91 -1.89 -30.91
CA LEU A 569 6.28 -3.28 -30.64
C LEU A 569 6.21 -4.09 -31.92
N ASN A 570 5.29 -3.74 -32.82
CA ASN A 570 5.08 -4.39 -34.09
C ASN A 570 5.94 -3.79 -35.18
N ASP A 571 6.99 -3.05 -34.80
CA ASP A 571 8.00 -2.54 -35.72
C ASP A 571 7.37 -1.61 -36.76
N HIS A 572 6.47 -0.73 -36.28
CA HIS A 572 5.86 0.31 -37.11
C HIS A 572 4.92 -0.32 -38.14
N GLN A 573 4.08 -1.21 -37.66
CA GLN A 573 3.00 -1.78 -38.45
C GLN A 573 1.66 -1.28 -37.94
N ASP A 574 0.76 -0.95 -38.88
CA ASP A 574 -0.59 -0.56 -38.53
C ASP A 574 -1.47 -1.79 -38.33
N LEU A 575 -2.68 -1.58 -37.79
CA LEU A 575 -3.48 -2.73 -37.39
C LEU A 575 -3.85 -3.64 -38.56
N ARG A 576 -3.86 -3.12 -39.78
CA ARG A 576 -4.09 -3.97 -40.94
C ARG A 576 -2.88 -4.87 -41.20
N GLU A 577 -1.68 -4.31 -41.12
CA GLU A 577 -0.49 -5.13 -41.30
C GLU A 577 -0.36 -6.14 -40.17
N ILE A 578 -0.68 -5.72 -38.96
CA ILE A 578 -0.51 -6.59 -37.80
C ILE A 578 -1.38 -7.84 -37.94
N THR A 579 -2.58 -7.69 -38.47
CA THR A 579 -3.52 -8.81 -38.55
C THR A 579 -3.51 -9.51 -39.91
N LYS A 580 -2.70 -9.02 -40.86
CA LYS A 580 -2.59 -9.55 -42.21
C LYS A 580 -2.79 -11.05 -42.34
N ASP A 581 -1.96 -11.83 -41.67
CA ASP A 581 -1.89 -13.26 -41.90
C ASP A 581 -2.69 -14.03 -40.86
N SER A 582 -3.71 -13.43 -40.27
CA SER A 582 -4.53 -14.09 -39.27
C SER A 582 -6.01 -13.89 -39.56
N LYS A 583 -6.74 -15.00 -39.67
CA LYS A 583 -8.13 -14.92 -40.10
C LYS A 583 -9.03 -14.42 -38.98
N MET A 584 -8.75 -14.82 -37.75
CA MET A 584 -9.60 -14.47 -36.62
C MET A 584 -9.45 -12.99 -36.24
N GLN A 585 -8.23 -12.47 -36.22
CA GLN A 585 -8.11 -11.06 -35.83
C GLN A 585 -8.49 -10.14 -36.97
N LYS A 586 -8.22 -10.51 -38.23
CA LYS A 586 -8.60 -9.60 -39.29
C LYS A 586 -10.12 -9.48 -39.42
N LEU A 587 -10.86 -10.46 -38.90
CA LEU A 587 -12.31 -10.37 -38.89
C LEU A 587 -12.80 -9.50 -37.73
N ALA A 588 -12.25 -9.72 -36.53
CA ALA A 588 -12.51 -8.82 -35.42
C ALA A 588 -12.11 -7.39 -35.77
N LEU A 589 -10.99 -7.21 -36.46
CA LEU A 589 -10.59 -5.85 -36.83
C LEU A 589 -11.64 -5.23 -37.74
N ALA A 590 -11.97 -5.94 -38.82
CA ALA A 590 -13.01 -5.50 -39.74
C ALA A 590 -14.23 -4.97 -38.98
N GLY A 591 -14.79 -5.81 -38.12
CA GLY A 591 -15.97 -5.39 -37.35
C GLY A 591 -15.71 -4.11 -36.60
N PHE A 592 -14.56 -4.04 -35.93
CA PHE A 592 -14.19 -2.86 -35.17
C PHE A 592 -14.14 -1.63 -36.06
N LEU A 593 -13.51 -1.75 -37.22
CA LEU A 593 -13.32 -0.61 -38.12
C LEU A 593 -14.66 -0.12 -38.68
N LYS A 594 -15.56 -1.06 -39.02
CA LYS A 594 -16.90 -0.64 -39.42
C LYS A 594 -17.55 0.18 -38.29
N LYS A 595 -17.32 -0.25 -37.03
CA LYS A 595 -17.95 0.43 -35.90
C LYS A 595 -17.33 1.81 -35.64
N ILE A 596 -16.04 1.97 -35.92
CA ILE A 596 -15.34 3.20 -35.52
C ILE A 596 -15.04 4.11 -36.69
N LYS A 597 -15.39 3.72 -37.93
CA LYS A 597 -15.19 4.56 -39.10
C LYS A 597 -15.78 5.95 -38.85
N GLY A 598 -14.95 6.98 -39.05
CA GLY A 598 -15.41 8.34 -38.92
C GLY A 598 -15.59 8.83 -37.52
N THR A 599 -15.12 8.08 -36.54
CA THR A 599 -15.21 8.48 -35.15
C THR A 599 -13.86 8.99 -34.63
N TYR A 600 -13.93 9.49 -33.41
CA TYR A 600 -12.73 9.95 -32.70
C TYR A 600 -11.74 8.81 -32.47
N ILE A 601 -12.24 7.59 -32.28
CA ILE A 601 -11.36 6.43 -32.12
C ILE A 601 -10.54 6.19 -33.38
N GLU A 602 -11.18 6.32 -34.55
CA GLU A 602 -10.43 6.25 -35.80
C GLU A 602 -9.37 7.33 -35.83
N SER A 603 -9.76 8.56 -35.50
CA SER A 603 -8.80 9.65 -35.60
C SER A 603 -7.61 9.41 -34.65
N LEU A 604 -7.88 8.93 -33.44
CA LEU A 604 -6.79 8.64 -32.51
C LEU A 604 -5.84 7.56 -33.07
N LEU A 605 -6.42 6.46 -33.54
CA LEU A 605 -5.63 5.38 -34.14
C LEU A 605 -4.78 5.89 -35.27
N LYS A 606 -5.32 6.82 -36.09
CA LYS A 606 -4.55 7.39 -37.20
C LYS A 606 -3.39 8.25 -36.70
N GLU A 607 -3.67 9.14 -35.76
CA GLU A 607 -2.62 9.97 -35.17
C GLU A 607 -1.46 9.13 -34.63
N HIS A 608 -1.77 7.99 -34.04
CA HIS A 608 -0.77 7.10 -33.50
C HIS A 608 -0.34 6.03 -34.49
N LYS A 609 -0.66 6.19 -35.77
CA LYS A 609 -0.13 5.43 -36.88
C LYS A 609 -0.57 3.98 -36.87
N LEU A 610 -1.69 3.68 -36.22
CA LEU A 610 -2.21 2.33 -36.22
C LEU A 610 -3.21 2.12 -37.34
N LEU A 611 -3.57 3.18 -38.06
CA LEU A 611 -4.53 3.09 -39.17
C LEU A 611 -4.10 4.08 -40.27
N SER B 19 -28.89 -28.97 39.60
CA SER B 19 -28.16 -29.93 40.49
C SER B 19 -27.50 -29.17 41.65
N HIS B 20 -26.21 -29.38 41.85
CA HIS B 20 -25.45 -28.62 42.84
C HIS B 20 -24.53 -27.60 42.20
N MET B 21 -24.74 -27.32 40.91
CA MET B 21 -24.07 -26.25 40.20
C MET B 21 -24.91 -25.95 38.97
N TYR B 22 -24.59 -24.80 38.34
CA TYR B 22 -25.08 -24.47 37.03
C TYR B 22 -23.97 -23.81 36.23
N TYR B 23 -24.11 -23.93 34.91
CA TYR B 23 -23.18 -23.39 33.93
C TYR B 23 -23.69 -22.02 33.49
N SER B 24 -22.75 -21.14 33.22
CA SER B 24 -23.08 -19.79 32.79
C SER B 24 -22.04 -19.35 31.79
N TYR B 25 -22.31 -18.20 31.17
CA TYR B 25 -21.27 -17.50 30.43
C TYR B 25 -21.60 -16.04 30.52
N GLY B 26 -20.64 -15.21 30.11
CA GLY B 26 -20.78 -13.76 30.19
C GLY B 26 -20.17 -13.19 31.45
N ASN B 27 -20.04 -11.84 31.43
CA ASN B 27 -19.32 -11.09 32.45
C ASN B 27 -20.05 -11.07 33.79
N TYR B 28 -21.40 -11.08 33.76
CA TYR B 28 -22.17 -10.98 34.99
C TYR B 28 -21.73 -12.06 35.98
N GLU B 29 -21.81 -13.31 35.57
CA GLU B 29 -21.37 -14.36 36.46
C GLU B 29 -19.86 -14.39 36.58
N ALA B 30 -19.15 -13.87 35.58
CA ALA B 30 -17.68 -13.87 35.62
C ALA B 30 -17.18 -12.98 36.74
N PHE B 31 -17.76 -11.80 36.92
CA PHE B 31 -17.30 -10.83 37.89
C PHE B 31 -18.00 -10.97 39.24
N ALA B 32 -19.13 -11.66 39.28
CA ALA B 32 -19.82 -11.91 40.54
C ALA B 32 -18.96 -12.68 41.53
N ARG B 33 -19.11 -12.32 42.80
CA ARG B 33 -18.56 -13.14 43.87
C ARG B 33 -19.68 -13.89 44.57
N PRO B 34 -19.42 -15.17 44.85
CA PRO B 34 -20.38 -15.98 45.57
C PRO B 34 -20.47 -15.56 47.02
N LYS B 35 -21.67 -15.69 47.57
CA LYS B 35 -21.83 -15.59 49.01
C LYS B 35 -21.07 -16.72 49.68
N LYS B 36 -20.57 -16.46 50.89
CA LYS B 36 -19.89 -17.48 51.68
C LYS B 36 -20.82 -18.67 51.81
N PRO B 37 -20.43 -19.85 51.37
CA PRO B 37 -21.38 -20.97 51.37
C PRO B 37 -21.75 -21.41 52.77
N GLU B 38 -22.86 -22.13 52.84
CA GLU B 38 -23.46 -22.47 54.12
C GLU B 38 -22.57 -23.47 54.85
N ASN B 39 -22.27 -23.15 56.11
CA ASN B 39 -21.62 -24.05 57.04
C ASN B 39 -20.15 -24.30 56.76
N VAL B 40 -19.53 -23.58 55.82
CA VAL B 40 -18.13 -23.83 55.45
C VAL B 40 -17.22 -23.72 56.66
N GLU B 41 -17.64 -22.93 57.67
CA GLU B 41 -16.88 -22.80 58.92
C GLU B 41 -16.64 -24.13 59.62
N ASN B 42 -17.47 -25.13 59.39
CA ASN B 42 -17.33 -26.41 60.06
C ASN B 42 -16.80 -27.49 59.13
N LYS B 43 -16.22 -27.11 58.02
CA LYS B 43 -15.75 -28.05 57.02
C LYS B 43 -14.25 -27.92 56.84
N SER B 44 -13.66 -29.02 56.44
CA SER B 44 -12.27 -29.06 56.07
C SER B 44 -12.19 -29.74 54.72
N ALA B 45 -11.02 -29.69 54.11
CA ALA B 45 -10.79 -30.39 52.86
C ALA B 45 -9.47 -31.14 52.89
N TYR B 46 -9.46 -32.29 52.24
CA TYR B 46 -8.24 -33.05 51.96
C TYR B 46 -8.14 -33.19 50.46
N LEU B 47 -6.96 -32.89 49.93
CA LEU B 47 -6.71 -32.97 48.49
C LEU B 47 -5.59 -33.95 48.22
N ILE B 48 -5.87 -34.95 47.42
CA ILE B 48 -4.91 -36.00 47.12
C ILE B 48 -4.10 -35.58 45.91
N GLY B 49 -2.80 -35.41 46.12
CA GLY B 49 -1.94 -34.95 45.05
C GLY B 49 -1.78 -33.44 45.08
N SER B 50 -0.66 -32.97 44.55
CA SER B 50 -0.39 -31.54 44.48
C SER B 50 -0.18 -31.11 43.02
N GLY B 51 -0.80 -31.82 42.09
CA GLY B 51 -0.91 -31.33 40.72
C GLY B 51 -1.81 -30.10 40.62
N LEU B 52 -1.89 -29.58 39.39
CA LEU B 52 -2.65 -28.37 39.15
C LEU B 52 -4.09 -28.49 39.64
N ALA B 53 -4.74 -29.63 39.39
CA ALA B 53 -6.11 -29.80 39.87
C ALA B 53 -6.23 -29.55 41.37
N SER B 54 -5.52 -30.36 42.17
CA SER B 54 -5.61 -30.15 43.62
C SER B 54 -5.31 -28.71 43.96
N LEU B 55 -4.26 -28.14 43.35
CA LEU B 55 -3.88 -26.78 43.70
C LEU B 55 -5.00 -25.82 43.34
N ALA B 56 -5.56 -25.97 42.14
CA ALA B 56 -6.72 -25.20 41.73
C ALA B 56 -7.85 -25.33 42.76
N ALA B 57 -8.16 -26.55 43.18
CA ALA B 57 -9.28 -26.75 44.08
C ALA B 57 -9.02 -26.05 45.40
N ALA B 58 -7.78 -26.08 45.88
CA ALA B 58 -7.45 -25.40 47.13
C ALA B 58 -7.67 -23.91 46.95
N CYS B 59 -7.29 -23.40 45.79
CA CYS B 59 -7.46 -21.97 45.51
C CYS B 59 -8.93 -21.59 45.52
N PHE B 60 -9.79 -22.38 44.89
CA PHE B 60 -11.22 -22.12 44.93
C PHE B 60 -11.80 -22.31 46.34
N LEU B 61 -11.31 -23.30 47.10
CA LEU B 61 -11.80 -23.46 48.47
C LEU B 61 -11.55 -22.19 49.27
N ILE B 62 -10.34 -21.65 49.13
CA ILE B 62 -9.95 -20.42 49.81
C ILE B 62 -10.77 -19.26 49.29
N ARG B 63 -10.69 -19.01 47.98
CA ARG B 63 -11.21 -17.76 47.43
C ARG B 63 -12.73 -17.73 47.45
N ASP B 64 -13.36 -18.81 47.00
CA ASP B 64 -14.82 -18.78 46.86
C ASP B 64 -15.54 -19.59 47.92
N GLY B 65 -14.93 -20.70 48.37
CA GLY B 65 -15.50 -21.37 49.51
C GLY B 65 -15.35 -20.59 50.78
N GLN B 66 -14.37 -19.69 50.82
CA GLN B 66 -14.01 -19.00 52.03
C GLN B 66 -13.72 -19.98 53.17
N MET B 67 -13.08 -21.10 52.82
CA MET B 67 -12.61 -22.04 53.81
C MET B 67 -11.29 -21.56 54.41
N GLU B 68 -11.08 -21.79 55.69
CA GLU B 68 -9.85 -21.36 56.34
C GLU B 68 -8.69 -22.23 55.87
N GLY B 69 -7.56 -21.58 55.51
CA GLY B 69 -6.45 -22.33 54.93
C GLY B 69 -6.00 -23.46 55.82
N SER B 70 -5.99 -23.24 57.14
CA SER B 70 -5.62 -24.23 58.13
C SER B 70 -6.44 -25.52 58.03
N LYS B 71 -7.62 -25.47 57.41
CA LYS B 71 -8.46 -26.65 57.27
C LYS B 71 -8.28 -27.30 55.91
N ILE B 72 -7.35 -26.81 55.10
CA ILE B 72 -7.12 -27.34 53.76
C ILE B 72 -5.80 -28.11 53.80
N HIS B 73 -5.85 -29.39 53.51
CA HIS B 73 -4.72 -30.30 53.67
C HIS B 73 -4.39 -30.91 52.32
N ILE B 74 -3.22 -30.60 51.80
CA ILE B 74 -2.77 -31.14 50.53
C ILE B 74 -1.76 -32.25 50.79
N LEU B 75 -2.05 -33.44 50.31
CA LEU B 75 -1.25 -34.63 50.57
C LEU B 75 -0.53 -35.05 49.30
N GLU B 76 0.79 -34.90 49.30
CA GLU B 76 1.62 -35.16 48.11
C GLU B 76 2.56 -36.29 48.46
N GLU B 77 2.66 -37.27 47.55
CA GLU B 77 3.54 -38.41 47.75
C GLU B 77 5.00 -38.03 47.49
N LEU B 78 5.22 -37.14 46.54
CA LEU B 78 6.55 -36.71 46.13
C LEU B 78 6.97 -35.51 46.97
N PRO B 79 8.24 -35.10 46.86
CA PRO B 79 8.73 -34.04 47.74
C PRO B 79 8.24 -32.64 47.39
N LYS B 80 7.62 -32.43 46.22
CA LYS B 80 7.31 -31.10 45.73
C LYS B 80 5.96 -31.09 45.04
N ALA B 81 5.44 -29.87 44.81
CA ALA B 81 4.12 -29.62 44.20
C ALA B 81 4.19 -29.51 42.67
N PRO B 91 18.05 -36.65 41.84
CA PRO B 91 19.31 -36.64 41.08
C PRO B 91 19.10 -36.66 39.57
N LEU B 92 18.82 -35.49 38.98
CA LEU B 92 18.43 -35.40 37.57
C LEU B 92 19.63 -35.18 36.63
N LYS B 93 20.53 -34.24 36.97
CA LYS B 93 21.78 -34.03 36.26
C LYS B 93 21.59 -33.27 34.93
N GLY B 94 20.58 -32.42 34.87
CA GLY B 94 20.29 -31.60 33.71
C GLY B 94 18.92 -30.99 33.82
N TYR B 95 18.73 -29.89 33.09
CA TYR B 95 17.41 -29.28 32.99
C TYR B 95 16.42 -30.26 32.36
N VAL B 96 15.22 -30.30 32.91
CA VAL B 96 14.16 -31.12 32.34
C VAL B 96 12.91 -30.27 32.15
N VAL B 97 12.45 -30.17 30.91
CA VAL B 97 11.21 -29.48 30.54
C VAL B 97 10.07 -30.48 30.63
N ARG B 98 9.00 -30.12 31.35
CA ARG B 98 7.92 -31.08 31.59
C ARG B 98 6.91 -31.10 30.45
N GLY B 99 7.36 -30.79 29.23
CA GLY B 99 6.51 -30.81 28.06
C GLY B 99 5.53 -29.67 28.05
N GLY B 100 4.79 -29.53 29.15
CA GLY B 100 3.68 -28.59 29.29
C GLY B 100 3.96 -27.20 28.72
N ARG B 101 3.05 -26.73 27.88
CA ARG B 101 3.28 -25.44 27.30
C ARG B 101 2.15 -24.59 26.78
N ALA B 102 1.18 -25.16 26.06
CA ALA B 102 0.29 -24.27 25.34
C ALA B 102 -1.06 -24.06 26.03
N MET B 103 -1.43 -22.80 26.23
CA MET B 103 -2.76 -22.38 26.65
C MET B 103 -3.40 -21.58 25.50
N GLU B 104 -4.69 -21.31 25.65
CA GLU B 104 -5.40 -20.49 24.70
C GLU B 104 -6.28 -19.53 25.48
N ASN B 105 -6.89 -18.58 24.77
CA ASN B 105 -7.66 -17.56 25.45
C ASN B 105 -8.87 -18.16 26.13
N HIS B 106 -9.48 -19.19 25.52
CA HIS B 106 -10.73 -19.74 26.03
C HIS B 106 -10.53 -20.91 26.99
N PHE B 107 -9.47 -20.84 27.76
CA PHE B 107 -9.33 -21.54 29.02
C PHE B 107 -10.10 -20.76 30.08
N GLU B 108 -11.43 -20.94 30.06
CA GLU B 108 -12.31 -20.05 30.79
C GLU B 108 -12.16 -20.21 32.31
N CYS B 109 -12.16 -21.43 32.82
CA CYS B 109 -11.97 -21.66 34.24
C CYS B 109 -10.55 -21.32 34.73
N LEU B 110 -9.54 -21.56 33.89
CA LEU B 110 -8.18 -21.30 34.28
C LEU B 110 -7.89 -19.82 34.46
N TRP B 111 -8.42 -18.99 33.57
CA TRP B 111 -8.28 -17.55 33.75
C TRP B 111 -9.14 -17.04 34.90
N ASP B 112 -10.30 -17.66 35.15
CA ASP B 112 -11.04 -17.32 36.36
C ASP B 112 -10.16 -17.54 37.58
N LEU B 113 -9.41 -18.63 37.61
CA LEU B 113 -8.51 -18.87 38.74
C LEU B 113 -7.32 -17.88 38.74
N PHE B 114 -6.60 -17.77 37.60
CA PHE B 114 -5.31 -17.09 37.69
C PHE B 114 -5.41 -15.57 37.64
N ARG B 115 -6.61 -15.01 37.49
CA ARG B 115 -6.78 -13.58 37.76
C ARG B 115 -6.68 -13.27 39.24
N SER B 116 -6.75 -14.29 40.10
CA SER B 116 -6.66 -14.07 41.54
C SER B 116 -5.32 -14.46 42.15
N ILE B 117 -4.38 -14.99 41.38
CA ILE B 117 -3.12 -15.48 41.91
C ILE B 117 -2.09 -14.38 41.66
N PRO B 118 -1.47 -13.82 42.69
CA PRO B 118 -0.45 -12.81 42.46
C PRO B 118 0.70 -13.36 41.61
N SER B 119 1.21 -12.50 40.73
CA SER B 119 2.41 -12.78 39.96
C SER B 119 3.60 -12.73 40.88
N LEU B 120 4.57 -13.59 40.62
CA LEU B 120 5.84 -13.54 41.35
C LEU B 120 6.87 -12.67 40.66
N GLU B 121 6.54 -12.11 39.49
CA GLU B 121 7.47 -11.31 38.70
C GLU B 121 7.13 -9.83 38.66
N ILE B 122 5.85 -9.48 38.60
CA ILE B 122 5.42 -8.10 38.38
C ILE B 122 4.58 -7.70 39.56
N ASP B 123 4.99 -6.65 40.28
CA ASP B 123 4.24 -6.20 41.45
C ASP B 123 2.83 -5.77 41.03
N ASN B 124 1.90 -5.83 41.98
CA ASN B 124 0.48 -5.49 41.79
C ASN B 124 -0.10 -6.00 40.48
N ALA B 125 0.02 -7.31 40.28
CA ALA B 125 -0.44 -7.94 39.06
C ALA B 125 -0.70 -9.40 39.32
N SER B 126 -1.70 -9.95 38.63
CA SER B 126 -1.97 -11.38 38.71
C SER B 126 -1.10 -12.14 37.70
N VAL B 127 -1.04 -13.46 37.88
CA VAL B 127 -0.54 -14.34 36.83
C VAL B 127 -1.19 -14.00 35.50
N LEU B 128 -2.51 -13.82 35.51
CA LEU B 128 -3.20 -13.57 34.26
C LEU B 128 -2.69 -12.29 33.64
N ASP B 129 -2.41 -11.28 34.46
CA ASP B 129 -1.92 -10.03 33.91
C ASP B 129 -0.59 -10.27 33.24
N GLU B 130 0.35 -10.86 33.96
CA GLU B 130 1.66 -11.14 33.41
C GLU B 130 1.55 -11.87 32.08
N PHE B 131 0.76 -12.94 32.05
CA PHE B 131 0.63 -13.77 30.85
C PHE B 131 -0.02 -12.98 29.71
N TYR B 132 -1.10 -12.30 30.00
CA TYR B 132 -1.79 -11.45 29.01
C TYR B 132 -0.83 -10.49 28.35
N TRP B 133 -0.14 -9.70 29.15
CA TRP B 133 0.78 -8.73 28.59
C TRP B 133 1.91 -9.40 27.81
N LEU B 134 2.44 -10.49 28.35
CA LEU B 134 3.57 -11.15 27.67
C LEU B 134 3.16 -11.60 26.28
N ASN B 135 1.98 -12.19 26.17
CA ASN B 135 1.55 -12.71 24.89
C ASN B 135 1.06 -11.63 23.96
N LYS B 136 0.82 -10.40 24.44
CA LYS B 136 0.66 -9.26 23.53
C LYS B 136 2.01 -8.66 23.12
N GLU B 137 2.99 -8.71 24.01
CA GLU B 137 4.30 -8.17 23.69
C GLU B 137 4.98 -9.07 22.67
N ASP B 138 4.84 -10.39 22.84
CA ASP B 138 5.59 -11.39 22.08
C ASP B 138 4.60 -12.46 21.64
N PRO B 139 3.70 -12.12 20.72
CA PRO B 139 2.66 -13.08 20.34
C PRO B 139 3.27 -14.30 19.65
N ASN B 140 2.67 -15.44 19.88
CA ASN B 140 3.23 -16.68 19.40
C ASN B 140 2.78 -16.97 17.99
N TYR B 141 3.69 -17.50 17.19
CA TYR B 141 3.35 -17.96 15.87
C TYR B 141 4.58 -18.67 15.37
N SER B 142 4.36 -19.63 14.51
CA SER B 142 5.43 -20.45 13.99
C SER B 142 5.78 -20.00 12.58
N ARG B 143 7.07 -19.89 12.29
CA ARG B 143 7.59 -19.59 10.97
C ARG B 143 8.07 -20.84 10.23
N CYS B 144 7.99 -21.99 10.86
CA CYS B 144 8.29 -23.23 10.15
C CYS B 144 7.71 -24.32 11.03
N ARG B 145 6.62 -24.94 10.57
CA ARG B 145 5.87 -25.90 11.36
C ARG B 145 6.24 -27.34 11.09
N VAL B 146 6.66 -27.65 9.86
CA VAL B 146 7.01 -29.01 9.49
C VAL B 146 8.28 -28.98 8.66
N ILE B 147 9.16 -29.95 8.89
CA ILE B 147 10.37 -30.08 8.11
C ILE B 147 10.50 -31.55 7.71
N GLU B 148 11.40 -31.80 6.77
CA GLU B 148 11.65 -33.12 6.22
C GLU B 148 12.98 -33.05 5.47
N LYS B 149 13.42 -34.20 4.97
CA LYS B 149 14.65 -34.30 4.19
C LYS B 149 15.80 -33.58 4.89
N GLN B 150 15.96 -33.86 6.16
CA GLN B 150 17.04 -33.30 6.96
C GLN B 150 17.05 -31.77 6.91
N GLY B 151 15.92 -31.17 7.25
CA GLY B 151 15.92 -29.78 7.64
C GLY B 151 15.24 -28.86 6.69
N GLN B 152 14.61 -29.38 5.66
CA GLN B 152 13.89 -28.56 4.70
C GLN B 152 12.47 -28.36 5.17
N ARG B 153 11.97 -27.13 4.97
CA ARG B 153 10.56 -26.84 5.24
C ARG B 153 9.67 -27.64 4.29
N LEU B 154 8.66 -28.31 4.84
CA LEU B 154 7.70 -29.00 3.99
C LEU B 154 7.04 -27.99 3.04
N VAL B 155 6.73 -28.43 1.83
CA VAL B 155 6.45 -27.46 0.78
C VAL B 155 5.03 -26.95 0.89
N THR B 156 4.11 -27.82 1.29
CA THR B 156 2.72 -27.44 1.46
C THR B 156 2.45 -26.92 2.86
N ASP B 157 3.49 -26.73 3.68
CA ASP B 157 3.32 -26.12 4.99
C ASP B 157 2.40 -24.91 4.89
N GLY B 158 1.31 -24.94 5.66
CA GLY B 158 0.29 -23.91 5.62
C GLY B 158 -1.08 -24.51 5.34
N ASP B 159 -1.12 -25.42 4.37
CA ASP B 159 -2.38 -25.97 3.89
C ASP B 159 -2.76 -27.19 4.70
N PHE B 160 -4.07 -27.45 4.76
CA PHE B 160 -4.53 -28.66 5.42
C PHE B 160 -4.53 -29.87 4.48
N THR B 161 -4.54 -29.63 3.18
CA THR B 161 -4.62 -30.68 2.14
C THR B 161 -5.64 -31.77 2.48
N LEU B 162 -6.84 -31.32 2.82
CA LEU B 162 -7.95 -32.24 3.04
C LEU B 162 -8.79 -32.37 1.78
N THR B 163 -9.15 -33.59 1.44
CA THR B 163 -10.11 -33.84 0.36
C THR B 163 -11.53 -33.64 0.88
N LYS B 164 -12.47 -33.55 -0.06
CA LYS B 164 -13.88 -33.43 0.35
C LYS B 164 -14.28 -34.65 1.18
N THR B 165 -13.76 -35.81 0.80
CA THR B 165 -14.00 -37.01 1.58
C THR B 165 -13.53 -36.84 3.03
N ALA B 166 -12.29 -36.39 3.21
CA ALA B 166 -11.78 -36.24 4.57
C ALA B 166 -12.59 -35.20 5.35
N ILE B 167 -12.93 -34.07 4.73
CA ILE B 167 -13.73 -33.06 5.43
C ILE B 167 -15.06 -33.65 5.86
N LYS B 168 -15.69 -34.43 4.99
CA LYS B 168 -16.92 -35.12 5.36
C LYS B 168 -16.73 -35.97 6.61
N GLU B 169 -15.65 -36.77 6.65
CA GLU B 169 -15.43 -37.62 7.82
C GLU B 169 -15.35 -36.76 9.08
N ILE B 170 -14.68 -35.63 8.99
CA ILE B 170 -14.58 -34.76 10.17
C ILE B 170 -15.97 -34.32 10.63
N LEU B 171 -16.80 -33.85 9.70
CA LEU B 171 -18.13 -33.36 10.06
C LEU B 171 -19.03 -34.50 10.50
N ASP B 172 -18.95 -35.66 9.83
CA ASP B 172 -19.71 -36.81 10.30
C ASP B 172 -19.30 -37.18 11.72
N LEU B 173 -18.00 -37.13 12.05
CA LEU B 173 -17.58 -37.46 13.41
C LEU B 173 -18.24 -36.52 14.43
N CYS B 174 -18.19 -35.23 14.11
CA CYS B 174 -18.80 -34.18 14.91
C CYS B 174 -20.29 -34.43 15.02
N LEU B 175 -20.87 -34.92 13.93
CA LEU B 175 -22.29 -35.19 13.89
C LEU B 175 -22.67 -36.50 14.53
N THR B 176 -21.70 -37.26 15.05
CA THR B 176 -21.97 -38.47 15.80
C THR B 176 -22.19 -38.17 17.27
N ASN B 177 -23.23 -38.76 17.85
CA ASN B 177 -23.48 -38.63 19.28
C ASN B 177 -22.29 -39.17 20.07
N GLU B 178 -21.80 -38.40 21.05
CA GLU B 178 -20.74 -38.92 21.91
C GLU B 178 -21.09 -40.30 22.40
N GLU B 179 -22.34 -40.47 22.84
CA GLU B 179 -22.81 -41.72 23.42
C GLU B 179 -22.61 -42.91 22.49
N ASP B 180 -22.45 -42.67 21.20
CA ASP B 180 -22.26 -43.73 20.23
C ASP B 180 -20.80 -43.98 19.90
N LEU B 181 -19.87 -43.35 20.63
CA LEU B 181 -18.45 -43.49 20.34
C LEU B 181 -17.72 -44.29 21.41
N ASP B 182 -18.43 -45.04 22.23
CA ASP B 182 -17.80 -45.90 23.22
C ASP B 182 -16.75 -46.80 22.57
N ASP B 183 -15.51 -46.68 23.02
CA ASP B 183 -14.40 -47.54 22.65
C ASP B 183 -14.14 -47.52 21.15
N VAL B 184 -14.58 -46.47 20.46
CA VAL B 184 -14.30 -46.30 19.03
C VAL B 184 -12.95 -45.61 18.88
N LYS B 185 -12.16 -46.08 17.93
CA LYS B 185 -10.84 -45.54 17.66
C LYS B 185 -10.88 -44.49 16.55
N ILE B 186 -9.84 -43.67 16.53
CA ILE B 186 -9.71 -42.67 15.47
C ILE B 186 -9.70 -43.35 14.11
N THR B 187 -9.04 -44.51 14.00
CA THR B 187 -8.97 -45.21 12.73
C THR B 187 -10.29 -45.85 12.35
N ASP B 188 -11.22 -46.02 13.31
CA ASP B 188 -12.54 -46.52 12.97
C ASP B 188 -13.38 -45.49 12.20
N VAL B 189 -13.06 -44.21 12.29
CA VAL B 189 -13.95 -43.17 11.80
C VAL B 189 -13.34 -42.31 10.70
N PHE B 190 -12.08 -42.53 10.37
CA PHE B 190 -11.42 -41.78 9.32
C PHE B 190 -10.80 -42.77 8.35
N SER B 191 -10.63 -42.33 7.11
CA SER B 191 -10.01 -43.15 6.09
C SER B 191 -8.72 -42.52 5.57
N ASP B 192 -8.25 -43.07 4.46
CA ASP B 192 -6.93 -42.77 3.94
C ASP B 192 -6.75 -41.27 3.69
N ASP B 193 -7.69 -40.65 2.98
CA ASP B 193 -7.53 -39.25 2.63
C ASP B 193 -7.15 -38.43 3.86
N PHE B 194 -7.95 -38.52 4.93
CA PHE B 194 -7.67 -37.79 6.15
C PHE B 194 -6.26 -38.09 6.68
N PHE B 195 -5.92 -39.37 6.85
CA PHE B 195 -4.64 -39.71 7.45
C PHE B 195 -3.47 -39.27 6.58
N ASN B 196 -3.71 -38.98 5.30
CA ASN B 196 -2.72 -38.39 4.39
C ASN B 196 -2.71 -36.87 4.37
N SER B 197 -3.61 -36.20 5.10
CA SER B 197 -3.68 -34.74 5.03
C SER B 197 -2.61 -34.08 5.86
N ASN B 198 -2.27 -32.85 5.48
CA ASN B 198 -1.49 -31.99 6.38
C ASN B 198 -2.25 -31.81 7.68
N PHE B 199 -3.58 -31.71 7.61
CA PHE B 199 -4.36 -31.47 8.82
C PHE B 199 -3.98 -32.47 9.92
N TRP B 200 -3.93 -33.75 9.55
CA TRP B 200 -3.59 -34.80 10.50
C TRP B 200 -2.16 -34.70 10.97
N ILE B 201 -1.25 -34.22 10.15
CA ILE B 201 0.11 -33.98 10.62
C ILE B 201 0.10 -32.96 11.75
N TYR B 202 -0.53 -31.80 11.48
CA TYR B 202 -0.61 -30.75 12.47
C TYR B 202 -1.25 -31.28 13.74
N TRP B 203 -2.36 -31.95 13.57
CA TRP B 203 -3.24 -32.30 14.67
C TRP B 203 -2.61 -33.38 15.53
N LYS B 204 -2.18 -34.48 14.95
CA LYS B 204 -1.70 -35.56 15.80
C LYS B 204 -0.50 -35.11 16.61
N THR B 205 0.32 -34.21 16.04
CA THR B 205 1.57 -33.84 16.66
C THR B 205 1.39 -32.79 17.72
N MET B 206 0.54 -31.79 17.44
CA MET B 206 0.35 -30.74 18.43
C MET B 206 -0.45 -31.25 19.60
N PHE B 207 -1.34 -32.20 19.38
CA PHE B 207 -2.12 -32.72 20.47
C PHE B 207 -1.68 -34.09 20.96
N ALA B 208 -0.76 -34.75 20.23
CA ALA B 208 -0.27 -36.08 20.57
C ALA B 208 -1.39 -37.11 20.49
N PHE B 209 -2.17 -37.05 19.41
CA PHE B 209 -3.12 -38.12 19.13
C PHE B 209 -2.38 -39.26 18.40
N GLU B 210 -2.59 -40.49 18.88
CA GLU B 210 -2.26 -41.71 18.13
C GLU B 210 -3.49 -42.22 17.39
N PRO B 211 -3.31 -43.03 16.35
CA PRO B 211 -4.47 -43.45 15.55
C PRO B 211 -5.43 -44.38 16.25
N TRP B 212 -4.97 -45.10 17.28
CA TRP B 212 -5.77 -46.00 18.08
C TRP B 212 -6.40 -45.29 19.29
N HIS B 213 -6.27 -43.98 19.38
CA HIS B 213 -6.81 -43.28 20.52
C HIS B 213 -8.30 -43.02 20.34
N SER B 214 -8.87 -42.40 21.37
CA SER B 214 -10.29 -42.19 21.50
C SER B 214 -10.83 -41.28 20.41
N ALA B 215 -11.72 -41.79 19.59
CA ALA B 215 -12.41 -40.93 18.63
C ALA B 215 -13.35 -39.99 19.36
N MET B 216 -13.94 -40.46 20.46
CA MET B 216 -14.76 -39.59 21.30
C MET B 216 -13.99 -38.37 21.74
N GLU B 217 -12.73 -38.54 22.14
CA GLU B 217 -11.93 -37.40 22.57
C GLU B 217 -11.52 -36.55 21.37
N MET B 218 -11.21 -37.19 20.25
CA MET B 218 -10.84 -36.41 19.08
C MET B 218 -12.00 -35.50 18.67
N ARG B 219 -13.21 -36.02 18.75
CA ARG B 219 -14.41 -35.23 18.52
C ARG B 219 -14.48 -34.05 19.47
N ARG B 220 -14.30 -34.31 20.76
CA ARG B 220 -14.33 -33.19 21.70
C ARG B 220 -13.33 -32.14 21.27
N TYR B 221 -12.16 -32.58 20.82
CA TYR B 221 -11.14 -31.60 20.43
C TYR B 221 -11.60 -30.79 19.24
N LEU B 222 -12.20 -31.45 18.25
CA LEU B 222 -12.65 -30.74 17.06
C LEU B 222 -13.65 -29.66 17.42
N MET B 223 -14.67 -30.00 18.20
CA MET B 223 -15.65 -29.02 18.64
C MET B 223 -15.02 -28.03 19.61
N ARG B 224 -14.10 -28.49 20.44
CA ARG B 224 -13.61 -27.62 21.50
C ARG B 224 -12.83 -26.42 20.97
N PHE B 225 -12.01 -26.62 19.93
CA PHE B 225 -11.05 -25.62 19.47
C PHE B 225 -11.38 -25.13 18.06
N VAL B 226 -12.61 -25.36 17.60
CA VAL B 226 -12.98 -24.97 16.25
C VAL B 226 -12.81 -23.46 16.04
N HIS B 227 -12.91 -22.66 17.10
CA HIS B 227 -12.70 -21.23 16.91
C HIS B 227 -11.27 -20.88 16.57
N HIS B 228 -10.34 -21.82 16.72
CA HIS B 228 -8.93 -21.56 16.42
C HIS B 228 -8.41 -22.25 15.17
N ILE B 229 -9.28 -22.78 14.32
CA ILE B 229 -8.80 -23.54 13.17
C ILE B 229 -7.89 -22.69 12.27
N SER B 230 -8.17 -21.40 12.13
CA SER B 230 -7.25 -20.61 11.31
C SER B 230 -5.88 -20.45 11.95
N GLY B 231 -5.73 -20.81 13.22
CA GLY B 231 -4.47 -20.70 13.92
C GLY B 231 -3.81 -22.03 14.17
N LEU B 232 -4.25 -23.08 13.47
CA LEU B 232 -3.77 -24.43 13.71
C LEU B 232 -2.38 -24.68 13.11
N ALA B 233 -2.17 -24.25 11.88
CA ALA B 233 -0.93 -24.54 11.18
C ALA B 233 0.23 -23.70 11.67
N ASP B 234 -0.01 -22.44 12.00
CA ASP B 234 1.07 -21.55 12.39
C ASP B 234 1.09 -21.28 13.89
N PHE B 235 0.20 -21.93 14.64
CA PHE B 235 0.14 -21.83 16.08
C PHE B 235 -0.15 -20.41 16.56
N SER B 236 -0.69 -19.56 15.70
CA SER B 236 -1.03 -18.19 16.12
C SER B 236 -2.06 -18.15 17.26
N ALA B 237 -2.75 -19.25 17.51
CA ALA B 237 -3.70 -19.34 18.62
C ALA B 237 -3.08 -19.72 19.94
N LEU B 238 -1.83 -20.13 19.98
CA LEU B 238 -1.24 -20.63 21.21
C LEU B 238 -0.67 -19.48 22.03
N LYS B 239 -0.71 -19.63 23.36
CA LYS B 239 -0.13 -18.64 24.25
C LYS B 239 0.71 -19.36 25.28
N PHE B 240 1.80 -18.72 25.71
CA PHE B 240 2.72 -19.39 26.61
C PHE B 240 3.13 -18.49 27.76
N THR B 241 3.46 -19.13 28.89
CA THR B 241 3.95 -18.48 30.09
C THR B 241 5.41 -18.10 29.91
N LYS B 242 5.88 -17.19 30.76
CA LYS B 242 7.23 -16.66 30.64
C LYS B 242 8.27 -17.75 30.89
N TYR B 243 8.09 -18.51 31.95
CA TYR B 243 8.95 -19.64 32.28
C TYR B 243 8.20 -20.95 32.16
N ASN B 244 8.90 -22.05 32.48
CA ASN B 244 8.26 -23.36 32.53
C ASN B 244 7.05 -23.32 33.47
N GLN B 245 6.17 -24.31 33.36
CA GLN B 245 4.87 -24.25 34.03
C GLN B 245 5.02 -24.29 35.55
N TYR B 246 6.07 -24.94 36.04
CA TYR B 246 6.30 -24.97 37.47
C TYR B 246 6.53 -23.57 38.01
N GLU B 247 7.44 -22.82 37.38
CA GLU B 247 7.83 -21.50 37.88
C GLU B 247 6.72 -20.47 37.65
N SER B 248 5.98 -20.64 36.55
CA SER B 248 4.99 -19.67 36.10
C SER B 248 3.58 -19.96 36.59
N LEU B 249 3.24 -21.21 36.85
CA LEU B 249 1.89 -21.58 37.27
C LEU B 249 1.87 -22.11 38.69
N VAL B 250 2.67 -23.15 38.96
CA VAL B 250 2.60 -23.85 40.24
C VAL B 250 3.08 -22.95 41.36
N LEU B 251 4.28 -22.40 41.22
CA LEU B 251 4.82 -21.64 42.35
C LEU B 251 3.96 -20.43 42.71
N PRO B 252 3.41 -19.66 41.76
CA PRO B 252 2.45 -18.59 42.15
C PRO B 252 1.30 -19.12 42.97
N MET B 253 0.71 -20.24 42.55
CA MET B 253 -0.38 -20.84 43.32
C MET B 253 0.06 -21.28 44.71
N VAL B 254 1.24 -21.94 44.80
CA VAL B 254 1.69 -22.42 46.11
C VAL B 254 1.88 -21.26 47.07
N GLU B 255 2.50 -20.18 46.58
CA GLU B 255 2.71 -19.01 47.41
C GLU B 255 1.38 -18.45 47.89
N TYR B 256 0.41 -18.31 46.99
CA TYR B 256 -0.93 -17.88 47.39
C TYR B 256 -1.45 -18.81 48.49
N LEU B 257 -1.44 -20.11 48.25
CA LEU B 257 -1.99 -21.03 49.24
C LEU B 257 -1.26 -20.92 50.58
N LYS B 258 0.07 -20.90 50.54
CA LYS B 258 0.82 -20.78 51.79
C LYS B 258 0.54 -19.47 52.49
N SER B 259 0.43 -18.38 51.73
CA SER B 259 0.09 -17.09 52.32
C SER B 259 -1.24 -17.15 53.04
N HIS B 260 -2.10 -18.11 52.67
CA HIS B 260 -3.41 -18.26 53.27
C HIS B 260 -3.46 -19.38 54.29
N GLY B 261 -2.31 -19.96 54.65
CA GLY B 261 -2.28 -20.93 55.70
C GLY B 261 -2.51 -22.36 55.27
N VAL B 262 -2.60 -22.63 53.96
CA VAL B 262 -2.90 -23.99 53.54
C VAL B 262 -1.78 -24.94 53.96
N GLN B 263 -2.17 -26.13 54.43
CA GLN B 263 -1.24 -27.14 54.93
C GLN B 263 -0.82 -28.08 53.80
N PHE B 264 0.47 -28.08 53.48
CA PHE B 264 1.03 -29.02 52.51
C PHE B 264 1.70 -30.16 53.27
N GLU B 265 1.32 -31.38 52.96
CA GLU B 265 1.82 -32.59 53.63
C GLU B 265 2.58 -33.35 52.56
N TYR B 266 3.90 -33.40 52.67
CA TYR B 266 4.73 -33.99 51.64
C TYR B 266 5.15 -35.41 52.04
N ASP B 267 5.59 -36.17 51.03
CA ASP B 267 5.95 -37.59 51.18
C ASP B 267 4.86 -38.36 51.93
N VAL B 268 3.61 -38.11 51.55
CA VAL B 268 2.43 -38.83 51.99
C VAL B 268 1.84 -39.55 50.78
N LYS B 269 1.91 -40.86 50.76
CA LYS B 269 1.28 -41.65 49.71
C LYS B 269 -0.08 -42.10 50.22
N VAL B 270 -1.13 -41.74 49.50
CA VAL B 270 -2.48 -42.19 49.83
C VAL B 270 -2.70 -43.53 49.14
N GLU B 271 -2.90 -44.58 49.95
CA GLU B 271 -3.12 -45.93 49.44
C GLU B 271 -4.60 -46.20 49.12
N ASP B 272 -5.49 -45.73 49.98
CA ASP B 272 -6.91 -46.00 49.79
C ASP B 272 -7.72 -44.94 50.51
N ILE B 273 -8.97 -44.84 50.11
CA ILE B 273 -9.97 -44.08 50.84
C ILE B 273 -11.13 -45.03 51.02
N LYS B 274 -11.48 -45.30 52.26
CA LYS B 274 -12.63 -46.14 52.53
C LYS B 274 -13.88 -45.28 52.35
N ILE B 275 -14.76 -45.74 51.47
CA ILE B 275 -15.99 -45.03 51.17
C ILE B 275 -17.14 -45.95 51.48
N ASP B 276 -18.16 -45.39 52.12
CA ASP B 276 -19.45 -46.06 52.30
C ASP B 276 -20.33 -45.75 51.10
N VAL B 277 -20.70 -46.78 50.37
CA VAL B 277 -21.55 -46.60 49.20
C VAL B 277 -22.86 -47.31 49.53
N THR B 278 -23.77 -46.60 50.21
CA THR B 278 -25.07 -47.11 50.60
C THR B 278 -26.07 -46.96 49.46
N THR B 279 -27.33 -47.33 49.72
CA THR B 279 -28.39 -47.10 48.74
C THR B 279 -28.74 -45.62 48.62
N SER B 280 -28.28 -44.79 49.55
CA SER B 280 -28.69 -43.40 49.57
C SER B 280 -27.55 -42.39 49.50
N GLN B 281 -26.33 -42.78 49.90
CA GLN B 281 -25.24 -41.83 49.87
C GLN B 281 -23.88 -42.48 49.64
N LYS B 282 -22.93 -41.65 49.22
CA LYS B 282 -21.52 -42.00 49.20
C LYS B 282 -20.79 -41.05 50.14
N ILE B 283 -20.09 -41.61 51.13
CA ILE B 283 -19.37 -40.81 52.11
C ILE B 283 -17.96 -41.35 52.29
N ALA B 284 -16.95 -40.52 52.17
CA ALA B 284 -15.59 -40.96 52.48
C ALA B 284 -15.43 -40.97 53.99
N ARG B 285 -14.96 -42.11 54.55
CA ARG B 285 -14.84 -42.27 56.00
C ARG B 285 -13.42 -42.20 56.52
N GLU B 286 -12.45 -42.66 55.74
CA GLU B 286 -11.07 -42.76 56.20
C GLU B 286 -10.13 -42.67 55.01
N ILE B 287 -9.03 -41.93 55.19
CA ILE B 287 -7.94 -41.91 54.23
C ILE B 287 -6.82 -42.76 54.81
N LEU B 288 -6.43 -43.80 54.08
CA LEU B 288 -5.28 -44.60 54.45
C LEU B 288 -4.02 -44.12 53.75
N ILE B 289 -3.04 -43.68 54.52
CA ILE B 289 -1.80 -43.14 54.00
C ILE B 289 -0.57 -43.85 54.55
N ASP B 290 0.50 -43.82 53.76
CA ASP B 290 1.85 -44.08 54.22
C ASP B 290 2.55 -42.73 54.38
N ARG B 291 2.82 -42.34 55.63
CA ARG B 291 3.44 -41.04 55.92
C ARG B 291 4.93 -41.29 56.11
N ASN B 292 5.69 -41.15 55.01
CA ASN B 292 7.14 -41.33 54.99
C ASN B 292 7.56 -42.72 55.45
N GLY B 293 6.63 -43.67 55.44
CA GLY B 293 6.93 -45.06 55.75
C GLY B 293 6.04 -45.66 56.80
N ASN B 294 5.25 -44.86 57.50
CA ASN B 294 4.39 -45.34 58.58
C ASN B 294 2.94 -45.36 58.13
N ALA B 295 2.25 -46.47 58.39
CA ALA B 295 0.83 -46.55 58.10
C ALA B 295 0.08 -45.63 59.05
N GLU B 296 -0.85 -44.86 58.49
CA GLU B 296 -1.62 -43.91 59.27
C GLU B 296 -3.01 -43.82 58.66
N SER B 297 -3.95 -43.33 59.45
CA SER B 297 -5.31 -43.16 59.02
C SER B 297 -5.71 -41.72 59.31
N ILE B 298 -6.48 -41.13 58.40
CA ILE B 298 -7.14 -39.84 58.63
C ILE B 298 -8.62 -40.13 58.66
N LYS B 299 -9.22 -39.97 59.83
CA LYS B 299 -10.64 -40.26 59.97
C LYS B 299 -11.42 -39.05 59.49
N LEU B 300 -12.43 -39.29 58.67
CA LEU B 300 -13.22 -38.23 58.09
C LEU B 300 -14.66 -38.32 58.54
N THR B 301 -15.27 -37.15 58.72
CA THR B 301 -16.71 -37.01 58.81
C THR B 301 -17.26 -36.46 57.49
N ILE B 302 -18.59 -36.36 57.43
CA ILE B 302 -19.25 -35.80 56.26
C ILE B 302 -18.85 -34.36 56.01
N ASN B 303 -18.32 -33.69 57.02
CA ASN B 303 -17.86 -32.32 56.86
C ASN B 303 -16.42 -32.24 56.41
N ASP B 304 -15.76 -33.39 56.18
CA ASP B 304 -14.40 -33.41 55.66
C ASP B 304 -14.48 -33.82 54.21
N LEU B 305 -14.19 -32.87 53.32
CA LEU B 305 -14.29 -33.08 51.90
C LEU B 305 -13.01 -33.70 51.36
N VAL B 306 -13.16 -34.68 50.47
CA VAL B 306 -12.01 -35.34 49.85
C VAL B 306 -12.04 -35.12 48.34
N PHE B 307 -10.94 -34.61 47.80
CA PHE B 307 -10.74 -34.40 46.38
C PHE B 307 -9.64 -35.32 45.90
N VAL B 308 -9.98 -36.19 44.96
CA VAL B 308 -9.06 -37.21 44.47
C VAL B 308 -8.67 -36.82 43.04
N THR B 309 -7.42 -36.48 42.81
CA THR B 309 -6.92 -36.46 41.43
C THR B 309 -6.70 -37.92 41.03
N ASN B 310 -7.65 -38.50 40.29
CA ASN B 310 -7.56 -39.92 40.00
C ASN B 310 -6.72 -40.15 38.76
N GLY B 311 -5.71 -41.00 38.88
CA GLY B 311 -4.86 -41.28 37.75
C GLY B 311 -3.85 -40.18 37.50
N SER B 312 -2.75 -40.55 36.83
CA SER B 312 -1.75 -39.56 36.43
C SER B 312 -0.94 -40.00 35.19
N ILE B 313 -0.74 -39.09 34.27
CA ILE B 313 0.00 -39.44 33.08
C ILE B 313 1.50 -39.42 33.37
N THR B 314 1.95 -38.78 34.45
CA THR B 314 3.37 -38.68 34.74
C THR B 314 3.79 -39.63 35.85
N GLU B 315 2.85 -40.37 36.43
CA GLU B 315 3.19 -41.40 37.41
C GLU B 315 4.22 -42.40 36.85
N SER B 316 5.11 -42.85 37.73
CA SER B 316 6.07 -43.91 37.41
C SER B 316 7.05 -43.48 36.32
N SER B 317 7.32 -42.18 36.23
CA SER B 317 8.28 -41.69 35.25
C SER B 317 9.71 -42.04 35.64
N THR B 318 10.49 -42.49 34.65
CA THR B 318 11.91 -42.72 34.84
C THR B 318 12.73 -41.74 34.00
N TYR B 319 13.96 -41.49 34.46
CA TYR B 319 14.85 -40.51 33.89
C TYR B 319 16.18 -41.16 33.50
N GLY B 320 16.67 -40.85 32.33
CA GLY B 320 17.99 -41.25 31.89
C GLY B 320 18.97 -40.12 32.07
N ASP B 321 19.98 -40.08 31.20
CA ASP B 321 20.93 -38.96 31.19
C ASP B 321 21.66 -38.99 29.84
N ASN B 322 22.63 -38.14 29.67
CA ASN B 322 23.28 -38.04 28.36
C ASN B 322 23.80 -39.40 27.88
N ASP B 323 24.14 -40.29 28.79
CA ASP B 323 24.71 -41.57 28.41
C ASP B 323 23.84 -42.76 28.77
N THR B 324 22.63 -42.53 29.29
CA THR B 324 21.77 -43.61 29.71
C THR B 324 20.35 -43.44 29.20
N PRO B 325 19.74 -44.47 28.64
CA PRO B 325 18.30 -44.43 28.40
C PRO B 325 17.51 -44.30 29.70
N ALA B 326 16.36 -43.62 29.63
CA ALA B 326 15.39 -43.70 30.71
C ALA B 326 14.83 -45.12 30.73
N PRO B 327 14.93 -45.82 31.85
CA PRO B 327 14.59 -47.25 31.86
C PRO B 327 13.08 -47.45 31.74
N PRO B 328 12.63 -48.16 30.70
CA PRO B 328 11.20 -48.42 30.58
C PRO B 328 10.67 -49.09 31.82
N THR B 329 9.40 -48.83 32.10
CA THR B 329 8.75 -49.34 33.30
C THR B 329 7.26 -49.52 33.04
N ASP B 330 6.65 -50.44 33.79
CA ASP B 330 5.21 -50.67 33.72
C ASP B 330 4.57 -50.54 35.09
N GLU B 331 5.31 -50.08 36.08
CA GLU B 331 4.79 -49.95 37.42
C GLU B 331 3.57 -49.07 37.46
N LEU B 332 2.48 -49.56 38.06
CA LEU B 332 1.43 -48.67 38.53
C LEU B 332 1.97 -47.89 39.72
N GLY B 333 1.93 -46.59 39.67
CA GLY B 333 2.38 -45.86 40.83
C GLY B 333 1.33 -45.85 41.92
N GLY B 334 1.50 -44.91 42.83
CA GLY B 334 0.47 -44.67 43.82
C GLY B 334 -0.82 -44.17 43.20
N SER B 335 -0.73 -43.37 42.13
CA SER B 335 -1.94 -42.77 41.57
C SER B 335 -2.85 -43.82 40.96
N TRP B 336 -2.29 -44.71 40.16
CA TRP B 336 -3.08 -45.77 39.55
C TRP B 336 -3.50 -46.81 40.57
N THR B 337 -2.67 -47.06 41.58
CA THR B 337 -3.09 -47.99 42.64
C THR B 337 -4.26 -47.42 43.41
N LEU B 338 -4.22 -46.12 43.71
CA LEU B 338 -5.31 -45.51 44.45
C LEU B 338 -6.61 -45.62 43.67
N TRP B 339 -6.58 -45.25 42.40
CA TRP B 339 -7.80 -45.24 41.60
C TRP B 339 -8.38 -46.65 41.45
N LYS B 340 -7.52 -47.64 41.21
CA LYS B 340 -7.98 -49.04 41.21
C LYS B 340 -8.65 -49.40 42.52
N ASN B 341 -8.06 -48.99 43.65
CA ASN B 341 -8.65 -49.24 44.96
C ASN B 341 -9.97 -48.49 45.15
N LEU B 342 -10.15 -47.34 44.52
CA LEU B 342 -11.45 -46.69 44.61
C LEU B 342 -12.45 -47.41 43.72
N ALA B 343 -11.99 -47.86 42.54
CA ALA B 343 -12.89 -48.47 41.57
C ALA B 343 -13.46 -49.77 42.11
N ARG B 344 -12.72 -50.41 43.04
CA ARG B 344 -13.14 -51.65 43.70
C ARG B 344 -14.32 -51.40 44.64
N GLN B 345 -14.64 -50.14 44.96
CA GLN B 345 -15.70 -49.81 45.91
C GLN B 345 -16.99 -49.36 45.22
N SER B 346 -16.94 -49.10 43.91
CA SER B 346 -18.15 -48.72 43.17
C SER B 346 -17.81 -48.57 41.69
N PRO B 347 -18.60 -49.13 40.77
CA PRO B 347 -18.34 -48.86 39.36
C PRO B 347 -18.55 -47.40 39.00
N GLU B 348 -19.28 -46.67 39.84
CA GLU B 348 -19.41 -45.24 39.63
C GLU B 348 -18.09 -44.51 39.81
N PHE B 349 -17.04 -45.16 40.34
CA PHE B 349 -15.75 -44.48 40.52
C PHE B 349 -14.83 -44.70 39.34
N GLY B 350 -15.33 -45.27 38.26
CA GLY B 350 -14.55 -45.29 37.04
C GLY B 350 -13.80 -46.59 36.85
N ASN B 351 -13.08 -46.66 35.73
CA ASN B 351 -12.49 -47.89 35.22
C ASN B 351 -11.04 -47.62 34.90
N PRO B 352 -10.18 -47.56 35.92
CA PRO B 352 -8.79 -47.17 35.66
C PRO B 352 -8.10 -48.08 34.65
N ASP B 353 -8.49 -49.35 34.54
CA ASP B 353 -7.72 -50.21 33.66
C ASP B 353 -7.86 -49.79 32.20
N LYS B 354 -8.93 -49.08 31.86
CA LYS B 354 -9.06 -48.64 30.46
C LYS B 354 -7.92 -47.74 30.06
N PHE B 355 -7.37 -47.01 31.01
CA PHE B 355 -6.34 -46.01 30.73
C PHE B 355 -4.95 -46.47 31.10
N CYS B 356 -4.77 -47.30 32.13
CA CYS B 356 -3.42 -47.72 32.51
C CYS B 356 -3.04 -49.16 32.17
N GLN B 357 -3.85 -49.85 31.37
CA GLN B 357 -3.51 -51.20 30.96
C GLN B 357 -3.52 -51.25 29.45
N ASN B 358 -2.72 -52.16 28.87
CA ASN B 358 -2.78 -52.39 27.44
C ASN B 358 -2.50 -51.13 26.63
N ILE B 359 -1.58 -50.31 27.11
CA ILE B 359 -1.08 -49.20 26.33
C ILE B 359 -0.14 -49.77 25.26
N PRO B 360 -0.45 -49.59 23.97
CA PRO B 360 0.36 -50.18 22.91
C PRO B 360 1.82 -49.79 23.05
N LYS B 361 2.70 -50.73 22.72
CA LYS B 361 4.12 -50.43 22.87
C LYS B 361 4.59 -49.43 21.84
N LYS B 362 3.81 -49.19 20.77
CA LYS B 362 4.18 -48.13 19.83
C LYS B 362 3.93 -46.74 20.39
N SER B 363 3.28 -46.60 21.55
CA SER B 363 2.83 -45.30 22.00
C SER B 363 3.98 -44.41 22.46
N TRP B 364 3.74 -43.10 22.40
CA TRP B 364 4.63 -42.14 23.02
C TRP B 364 4.91 -42.56 24.46
N PHE B 365 6.19 -42.63 24.78
CA PHE B 365 6.65 -42.87 26.15
C PHE B 365 7.76 -41.92 26.49
N VAL B 366 8.61 -41.59 25.52
CA VAL B 366 9.83 -40.81 25.81
C VAL B 366 9.75 -39.37 25.34
N SER B 367 10.28 -38.47 26.17
CA SER B 367 10.55 -37.09 25.89
C SER B 367 11.97 -36.83 26.37
N ALA B 368 12.56 -35.80 25.84
CA ALA B 368 13.92 -35.47 26.18
C ALA B 368 14.03 -33.97 26.15
N THR B 369 14.79 -33.44 27.10
CA THR B 369 15.18 -32.04 27.10
C THR B 369 16.66 -31.98 26.79
N SER B 370 16.98 -31.41 25.64
CA SER B 370 18.38 -31.29 25.22
C SER B 370 18.86 -29.81 25.35
N THR B 371 19.83 -29.61 26.22
CA THR B 371 20.35 -28.27 26.55
C THR B 371 21.73 -28.07 25.95
N THR B 372 21.96 -26.87 25.44
CA THR B 372 23.23 -26.56 24.80
C THR B 372 23.50 -25.07 24.82
N ASN B 373 24.80 -24.71 24.78
CA ASN B 373 25.23 -23.35 24.45
C ASN B 373 26.08 -23.34 23.19
N ASN B 374 25.93 -24.34 22.32
CA ASN B 374 26.80 -24.50 21.17
C ASN B 374 26.22 -23.79 19.96
N LYS B 375 27.07 -23.01 19.30
CA LYS B 375 26.60 -22.08 18.27
C LYS B 375 26.24 -22.81 17.00
N GLU B 376 26.91 -23.92 16.70
CA GLU B 376 26.52 -24.64 15.49
C GLU B 376 25.10 -25.20 15.63
N ILE B 377 24.78 -25.75 16.80
CA ILE B 377 23.42 -26.20 17.03
C ILE B 377 22.47 -25.01 16.99
N ILE B 378 22.78 -23.98 17.75
CA ILE B 378 21.88 -22.85 17.87
C ILE B 378 21.72 -22.12 16.53
N ASP B 379 22.81 -22.02 15.75
CA ASP B 379 22.73 -21.42 14.43
C ASP B 379 21.91 -22.27 13.50
N THR B 380 22.01 -23.59 13.62
CA THR B 380 21.22 -24.48 12.78
C THR B 380 19.74 -24.36 13.14
N ILE B 381 19.43 -24.25 14.43
CA ILE B 381 18.04 -24.01 14.80
C ILE B 381 17.56 -22.70 14.21
N GLU B 382 18.37 -21.65 14.33
CA GLU B 382 17.98 -20.33 13.82
C GLU B 382 17.71 -20.37 12.31
N SER B 383 18.52 -21.10 11.55
CA SER B 383 18.29 -21.18 10.11
C SER B 383 16.99 -21.85 9.77
N ILE B 384 16.47 -22.68 10.65
CA ILE B 384 15.22 -23.37 10.35
C ILE B 384 14.02 -22.58 10.85
N CYS B 385 14.10 -22.06 12.07
CA CYS B 385 12.92 -21.46 12.66
C CYS B 385 12.89 -19.97 12.46
N LYS B 386 13.94 -19.38 11.87
CA LYS B 386 14.04 -18.00 11.41
C LYS B 386 14.16 -16.99 12.54
N ARG B 387 14.30 -17.43 13.76
CA ARG B 387 14.56 -16.51 14.86
C ARG B 387 15.79 -16.94 15.66
N ASP B 388 16.36 -15.97 16.35
CA ASP B 388 17.48 -16.21 17.23
C ASP B 388 17.00 -16.87 18.51
N PRO B 389 17.36 -18.15 18.75
CA PRO B 389 16.88 -18.79 20.00
C PRO B 389 17.29 -18.09 21.28
N LEU B 390 18.39 -17.35 21.29
CA LEU B 390 18.88 -16.73 22.51
C LEU B 390 18.30 -15.33 22.75
N ALA B 391 17.43 -14.84 21.86
CA ALA B 391 16.96 -13.46 21.98
C ALA B 391 15.98 -13.25 23.14
N GLY B 392 15.32 -14.29 23.60
CA GLY B 392 14.43 -14.19 24.71
C GLY B 392 12.99 -14.00 24.31
N LYS B 393 12.70 -14.18 23.04
CA LYS B 393 11.37 -14.14 22.47
C LYS B 393 11.07 -15.52 21.91
N THR B 394 9.89 -15.65 21.34
CA THR B 394 9.46 -16.87 20.68
C THR B 394 10.58 -17.39 19.80
N VAL B 395 10.78 -18.72 19.78
CA VAL B 395 11.80 -19.34 18.96
C VAL B 395 11.15 -20.15 17.86
N THR B 396 10.61 -21.33 18.20
CA THR B 396 9.95 -22.15 17.20
C THR B 396 8.45 -21.90 17.17
N GLY B 397 7.94 -21.25 18.22
CA GLY B 397 6.54 -20.89 18.31
C GLY B 397 5.63 -22.08 18.56
N GLY B 398 6.14 -23.15 19.16
CA GLY B 398 5.48 -24.43 19.18
C GLY B 398 6.35 -25.48 18.51
N ILE B 399 5.86 -26.72 18.50
CA ILE B 399 6.68 -27.80 17.99
C ILE B 399 6.96 -27.56 16.51
N ILE B 400 8.15 -28.00 16.07
CA ILE B 400 8.43 -28.33 14.69
C ILE B 400 8.37 -29.86 14.55
N THR B 401 7.60 -30.32 13.58
CA THR B 401 7.44 -31.74 13.31
C THR B 401 8.39 -32.18 12.20
N ILE B 402 9.12 -33.28 12.45
CA ILE B 402 9.95 -33.88 11.43
C ILE B 402 9.07 -34.90 10.73
N ASN B 403 8.48 -34.48 9.61
CA ASN B 403 7.38 -35.26 9.07
C ASN B 403 7.82 -36.65 8.67
N ASP B 404 9.05 -36.77 8.18
CA ASP B 404 9.53 -38.02 7.62
C ASP B 404 10.45 -38.76 8.57
N SER B 405 10.45 -38.40 9.86
CA SER B 405 11.21 -39.11 10.87
C SER B 405 10.51 -40.41 11.19
N ALA B 406 11.30 -41.50 11.29
CA ALA B 406 10.72 -42.79 11.64
C ALA B 406 10.03 -42.73 12.99
N TRP B 407 10.61 -41.99 13.92
CA TRP B 407 10.05 -41.90 15.26
C TRP B 407 8.79 -41.03 15.31
N GLN B 408 8.43 -40.38 14.22
CA GLN B 408 7.50 -39.24 14.21
C GLN B 408 7.77 -38.32 15.38
N MET B 409 8.91 -37.67 15.30
CA MET B 409 9.45 -36.81 16.32
C MET B 409 9.10 -35.35 16.04
N SER B 410 8.89 -34.60 17.12
CA SER B 410 8.67 -33.16 17.03
C SER B 410 9.47 -32.56 18.16
N PHE B 411 9.82 -31.29 18.02
CA PHE B 411 10.57 -30.61 19.06
C PHE B 411 10.19 -29.15 19.16
N THR B 412 10.45 -28.55 20.32
CA THR B 412 10.05 -27.17 20.52
C THR B 412 11.05 -26.45 21.40
N ILE B 413 11.17 -25.16 21.14
CA ILE B 413 12.07 -24.29 21.87
C ILE B 413 11.17 -23.11 22.22
N ASN B 414 10.77 -23.01 23.49
CA ASN B 414 9.99 -21.89 23.93
C ASN B 414 10.89 -20.68 24.11
N ARG B 415 10.31 -19.56 24.61
CA ARG B 415 11.13 -18.41 24.94
C ARG B 415 12.23 -18.86 25.87
N GLN B 416 13.47 -18.45 25.60
CA GLN B 416 14.62 -18.88 26.39
C GLN B 416 15.11 -17.74 27.26
N GLN B 417 15.60 -18.06 28.45
CA GLN B 417 15.57 -19.40 29.04
C GLN B 417 14.24 -19.67 29.72
N GLN B 418 13.88 -20.93 29.80
CA GLN B 418 12.65 -21.37 30.47
C GLN B 418 12.85 -21.60 31.94
N PHE B 419 14.07 -21.45 32.46
CA PHE B 419 14.39 -21.63 33.87
C PHE B 419 15.11 -20.40 34.37
N LYS B 420 14.59 -19.81 35.45
CA LYS B 420 15.02 -18.50 35.93
C LYS B 420 16.54 -18.41 36.10
N ASP B 421 17.15 -19.43 36.68
CA ASP B 421 18.59 -19.36 36.96
C ASP B 421 19.43 -19.94 35.84
N GLN B 422 18.85 -20.24 34.70
CA GLN B 422 19.69 -20.86 33.67
C GLN B 422 20.53 -19.81 32.94
N PRO B 423 21.79 -20.12 32.64
CA PRO B 423 22.65 -19.15 31.94
C PRO B 423 22.02 -18.64 30.66
N GLU B 424 22.36 -17.41 30.30
CA GLU B 424 21.74 -16.74 29.17
C GLU B 424 22.38 -17.11 27.83
N ASN B 425 23.38 -17.99 27.79
CA ASN B 425 23.91 -18.45 26.52
C ASN B 425 23.48 -19.87 26.21
N GLU B 426 22.48 -20.35 26.92
CA GLU B 426 21.96 -21.69 26.75
C GLU B 426 20.53 -21.65 26.23
N ILE B 427 20.22 -22.65 25.42
CA ILE B 427 18.86 -23.02 25.12
C ILE B 427 18.57 -24.39 25.70
N SER B 428 17.28 -24.65 25.95
CA SER B 428 16.80 -25.98 26.24
C SER B 428 15.72 -26.31 25.22
N THR B 429 15.84 -27.49 24.62
CA THR B 429 14.96 -27.95 23.57
C THR B 429 14.23 -29.20 24.04
N TRP B 430 12.93 -29.23 23.82
CA TRP B 430 12.10 -30.34 24.23
C TRP B 430 11.74 -31.18 23.01
N ILE B 431 11.90 -32.51 23.12
CA ILE B 431 11.78 -33.46 22.02
C ILE B 431 10.87 -34.59 22.47
N TYR B 432 9.98 -35.01 21.59
CA TYR B 432 9.17 -36.18 21.82
C TYR B 432 9.01 -36.92 20.51
N ALA B 433 8.79 -38.22 20.63
CA ALA B 433 8.54 -39.11 19.51
C ALA B 433 7.18 -39.75 19.70
N LEU B 434 6.36 -39.74 18.66
CA LEU B 434 5.06 -40.38 18.76
C LEU B 434 5.17 -41.88 18.64
N TYR B 435 6.25 -42.41 18.06
CA TYR B 435 6.36 -43.86 17.88
C TYR B 435 7.56 -44.32 18.68
N SER B 436 7.35 -45.29 19.59
CA SER B 436 8.43 -45.71 20.48
C SER B 436 9.07 -47.07 20.15
N ASP B 437 8.54 -47.85 19.22
CA ASP B 437 9.08 -49.16 18.92
C ASP B 437 9.57 -49.28 17.48
N VAL B 438 10.13 -48.19 16.94
CA VAL B 438 10.54 -48.10 15.55
C VAL B 438 11.96 -47.59 15.50
N ASN B 439 12.78 -48.15 14.62
CA ASN B 439 14.15 -47.70 14.49
C ASN B 439 14.21 -46.30 13.92
N GLY B 440 15.11 -45.48 14.44
CA GLY B 440 15.34 -44.16 13.87
C GLY B 440 16.01 -44.20 12.51
N ASP B 441 16.09 -43.04 11.91
CA ASP B 441 16.72 -42.87 10.60
C ASP B 441 18.23 -42.72 10.69
N TYR B 442 18.76 -42.27 11.82
CA TYR B 442 20.20 -42.15 12.01
C TYR B 442 20.67 -43.05 13.14
N ILE B 443 20.00 -42.99 14.29
CA ILE B 443 20.20 -43.94 15.39
C ILE B 443 19.17 -45.06 15.20
N LYS B 444 19.67 -46.23 14.75
CA LYS B 444 18.81 -47.31 14.26
C LYS B 444 18.28 -48.13 15.40
N LYS B 445 17.67 -47.46 16.39
CA LYS B 445 17.06 -48.11 17.51
C LYS B 445 15.79 -47.35 17.86
N PRO B 446 14.86 -47.99 18.55
CA PRO B 446 13.67 -47.26 19.01
C PRO B 446 14.09 -46.28 20.11
N ILE B 447 13.33 -45.20 20.23
CA ILE B 447 13.69 -44.17 21.19
C ILE B 447 13.85 -44.75 22.58
N THR B 448 13.12 -45.83 22.88
CA THR B 448 13.15 -46.36 24.24
C THR B 448 14.50 -46.96 24.59
N GLU B 449 15.30 -47.30 23.58
CA GLU B 449 16.60 -47.89 23.77
C GLU B 449 17.70 -46.83 23.74
N CYS B 450 17.33 -45.57 23.67
CA CYS B 450 18.27 -44.49 23.38
C CYS B 450 18.61 -43.67 24.61
N SER B 451 19.89 -43.37 24.72
CA SER B 451 20.34 -42.44 25.73
C SER B 451 19.97 -41.02 25.32
N GLY B 452 20.10 -40.11 26.25
CA GLY B 452 19.97 -38.69 25.91
C GLY B 452 20.71 -38.33 24.63
N ASN B 453 22.03 -38.60 24.60
CA ASN B 453 22.82 -38.14 23.46
C ASN B 453 22.37 -38.85 22.19
N GLU B 454 21.93 -40.08 22.29
CA GLU B 454 21.44 -40.75 21.09
C GLU B 454 20.14 -40.10 20.56
N ILE B 455 19.25 -39.70 21.44
CA ILE B 455 18.09 -38.95 20.97
C ILE B 455 18.53 -37.62 20.33
N CYS B 456 19.45 -36.93 20.97
CA CYS B 456 19.99 -35.70 20.40
C CYS B 456 20.57 -35.95 19.01
N GLN B 457 21.27 -37.06 18.82
CA GLN B 457 21.84 -37.32 17.50
C GLN B 457 20.73 -37.49 16.45
N GLU B 458 19.73 -38.29 16.77
CA GLU B 458 18.63 -38.48 15.82
C GLU B 458 18.06 -37.12 15.45
N TRP B 459 17.80 -36.29 16.46
CA TRP B 459 17.28 -34.94 16.25
C TRP B 459 18.23 -34.09 15.40
N LEU B 460 19.50 -33.99 15.79
CA LEU B 460 20.46 -33.21 15.00
C LEU B 460 20.53 -33.67 13.55
N TYR B 461 20.44 -34.96 13.31
CA TYR B 461 20.39 -35.46 11.93
C TYR B 461 19.21 -34.86 11.17
N HIS B 462 18.04 -34.79 11.82
CA HIS B 462 16.86 -34.29 11.12
C HIS B 462 16.86 -32.77 11.02
N LEU B 463 17.68 -32.11 11.80
CA LEU B 463 17.92 -30.70 11.59
C LEU B 463 18.84 -30.40 10.41
N GLY B 464 19.49 -31.41 9.81
CA GLY B 464 20.41 -31.16 8.72
C GLY B 464 21.86 -31.00 9.09
N VAL B 465 22.23 -31.32 10.32
CA VAL B 465 23.59 -31.16 10.76
C VAL B 465 24.47 -32.21 10.08
N SER B 466 25.67 -31.78 9.67
CA SER B 466 26.57 -32.69 8.98
C SER B 466 26.81 -33.93 9.82
N THR B 467 26.60 -35.09 9.20
CA THR B 467 26.86 -36.39 9.80
C THR B 467 28.21 -36.48 10.56
N ASP B 468 29.23 -35.80 10.05
CA ASP B 468 30.55 -35.87 10.68
C ASP B 468 30.63 -35.10 11.98
N LYS B 469 29.68 -34.20 12.25
CA LYS B 469 29.70 -33.46 13.52
C LYS B 469 28.66 -33.94 14.54
N ILE B 470 27.63 -34.67 14.10
CA ILE B 470 26.49 -34.96 15.00
C ILE B 470 26.99 -35.60 16.28
N GLU B 471 27.73 -36.70 16.14
CA GLU B 471 28.17 -37.42 17.33
C GLU B 471 28.80 -36.49 18.36
N ASP B 472 29.79 -35.71 17.91
CA ASP B 472 30.50 -34.86 18.87
C ASP B 472 29.61 -33.75 19.44
N LEU B 473 28.72 -33.19 18.63
CA LEU B 473 27.83 -32.14 19.13
C LEU B 473 26.84 -32.71 20.15
N ALA B 474 26.37 -33.93 19.93
CA ALA B 474 25.37 -34.51 20.83
C ALA B 474 25.99 -35.00 22.13
N LYS B 475 27.20 -35.57 22.08
CA LYS B 475 27.81 -36.13 23.28
C LYS B 475 28.52 -35.07 24.13
N HIS B 476 29.26 -34.17 23.51
CA HIS B 476 30.08 -33.22 24.25
C HIS B 476 29.55 -31.81 24.28
N ALA B 477 28.74 -31.39 23.30
CA ALA B 477 28.29 -30.00 23.25
C ALA B 477 26.87 -29.83 23.78
N SER B 478 26.22 -30.91 24.19
CA SER B 478 24.85 -30.89 24.68
C SER B 478 24.70 -31.84 25.85
N ASN B 479 23.66 -31.59 26.64
CA ASN B 479 23.23 -32.46 27.72
C ASN B 479 21.75 -32.71 27.53
N THR B 480 21.38 -33.95 27.25
CA THR B 480 20.01 -34.39 26.96
C THR B 480 19.55 -35.37 28.02
N ILE B 481 18.47 -35.05 28.70
CA ILE B 481 17.87 -35.89 29.73
C ILE B 481 16.65 -36.54 29.16
N PRO B 482 16.61 -37.86 28.88
CA PRO B 482 15.38 -38.51 28.45
C PRO B 482 14.46 -38.83 29.62
N VAL B 483 13.16 -38.89 29.36
CA VAL B 483 12.20 -39.22 30.39
C VAL B 483 11.28 -40.27 29.81
N TYR B 484 11.07 -41.38 30.51
CA TYR B 484 10.19 -42.40 29.99
C TYR B 484 8.93 -42.47 30.90
N MET B 485 7.79 -42.03 30.35
CA MET B 485 6.49 -41.97 31.01
C MET B 485 5.58 -43.05 30.47
N PRO B 486 5.36 -44.13 31.22
CA PRO B 486 4.45 -45.18 30.74
C PRO B 486 3.04 -44.71 30.43
N TYR B 487 2.55 -43.65 31.10
CA TYR B 487 1.14 -43.27 30.99
C TYR B 487 0.93 -41.92 30.30
N ILE B 488 1.94 -41.43 29.59
CA ILE B 488 1.80 -40.10 28.99
C ILE B 488 0.69 -40.03 27.94
N THR B 489 0.31 -41.14 27.34
CA THR B 489 -0.76 -41.18 26.37
C THR B 489 -2.09 -41.61 26.97
N SER B 490 -2.14 -41.86 28.28
CA SER B 490 -3.30 -42.48 28.92
C SER B 490 -4.56 -41.64 28.89
N TYR B 491 -4.46 -40.31 28.90
CA TYR B 491 -5.67 -39.50 28.86
C TYR B 491 -6.54 -39.90 27.67
N PHE B 492 -5.93 -40.25 26.54
CA PHE B 492 -6.59 -40.42 25.26
C PHE B 492 -6.97 -41.88 24.97
N MET B 493 -6.70 -42.82 25.88
CA MET B 493 -7.01 -44.21 25.60
C MET B 493 -8.51 -44.33 25.33
N THR B 494 -8.92 -45.20 24.37
CA THR B 494 -10.31 -45.41 24.00
C THR B 494 -11.11 -45.69 25.25
N ARG B 495 -12.25 -45.01 25.37
CA ARG B 495 -13.04 -45.15 26.57
C ARG B 495 -14.51 -45.21 26.22
N ALA B 496 -15.29 -45.53 27.23
CA ALA B 496 -16.72 -45.65 27.16
C ALA B 496 -17.25 -44.74 28.26
N ILE B 497 -18.37 -44.08 27.96
CA ILE B 497 -19.06 -43.34 29.00
C ILE B 497 -19.20 -44.22 30.22
N GLY B 498 -18.79 -43.72 31.37
CA GLY B 498 -18.78 -44.51 32.58
C GLY B 498 -17.40 -44.82 33.11
N ASP B 499 -16.38 -44.78 32.22
CA ASP B 499 -15.00 -45.12 32.60
C ASP B 499 -14.33 -44.02 33.43
N ARG B 500 -14.71 -42.80 33.22
CA ARG B 500 -14.26 -41.72 34.09
C ARG B 500 -15.33 -41.38 35.11
N PRO B 501 -15.01 -41.24 36.38
CA PRO B 501 -16.04 -40.88 37.35
C PRO B 501 -16.50 -39.45 37.16
N LEU B 502 -17.77 -39.22 37.45
CA LEU B 502 -18.28 -37.86 37.54
C LEU B 502 -17.44 -37.10 38.56
N VAL B 503 -17.29 -35.79 38.34
CA VAL B 503 -16.54 -34.97 39.28
C VAL B 503 -17.15 -35.12 40.64
N VAL B 504 -18.47 -35.11 40.76
CA VAL B 504 -19.12 -35.49 41.98
C VAL B 504 -20.06 -36.63 41.71
N PRO B 505 -19.65 -37.88 42.00
CA PRO B 505 -20.51 -39.01 41.77
C PRO B 505 -21.85 -38.85 42.48
N HIS B 506 -22.86 -39.54 41.93
CA HIS B 506 -24.23 -39.38 42.38
C HIS B 506 -24.32 -39.71 43.85
N GLN B 507 -24.98 -38.85 44.60
CA GLN B 507 -25.19 -38.99 46.05
C GLN B 507 -23.90 -38.87 46.85
N SER B 508 -22.78 -38.56 46.21
CA SER B 508 -21.58 -38.32 46.99
C SER B 508 -21.80 -37.10 47.85
N GLN B 509 -21.46 -37.23 49.13
CA GLN B 509 -21.61 -36.18 50.12
C GLN B 509 -20.33 -35.40 50.37
N ASN B 510 -19.17 -36.08 50.29
CA ASN B 510 -17.93 -35.39 50.60
C ASN B 510 -16.76 -35.85 49.75
N LEU B 511 -17.00 -36.38 48.55
CA LEU B 511 -15.99 -36.97 47.71
C LEU B 511 -16.15 -36.46 46.30
N ALA B 512 -15.07 -36.01 45.72
CA ALA B 512 -15.09 -35.61 44.33
C ALA B 512 -13.85 -36.15 43.64
N PHE B 513 -13.94 -36.28 42.33
CA PHE B 513 -12.82 -36.64 41.48
C PHE B 513 -12.50 -35.45 40.62
N ILE B 514 -11.21 -35.08 40.54
CA ILE B 514 -10.78 -33.92 39.78
C ILE B 514 -9.63 -34.33 38.85
N GLY B 515 -9.30 -33.46 37.91
CA GLY B 515 -8.28 -33.74 36.94
C GLY B 515 -8.79 -34.40 35.67
N ASN B 516 -7.83 -34.83 34.85
CA ASN B 516 -8.08 -35.18 33.45
C ASN B 516 -8.58 -36.60 33.27
N PHE B 517 -8.91 -37.31 34.35
CA PHE B 517 -9.57 -38.59 34.27
C PHE B 517 -10.95 -38.55 34.96
N ALA B 518 -11.38 -37.37 35.40
CA ALA B 518 -12.75 -37.22 35.84
C ALA B 518 -13.61 -36.82 34.63
N GLU B 519 -14.92 -37.00 34.74
CA GLU B 519 -15.86 -36.79 33.65
C GLU B 519 -16.56 -35.45 33.86
N THR B 520 -16.49 -34.55 32.86
CA THR B 520 -17.38 -33.39 32.80
C THR B 520 -17.71 -33.12 31.35
N GLU B 521 -18.78 -32.39 31.10
CA GLU B 521 -19.26 -32.24 29.72
C GLU B 521 -18.27 -31.48 28.85
N ARG B 522 -18.35 -31.78 27.54
CA ARG B 522 -17.62 -31.22 26.40
C ARG B 522 -16.16 -30.79 26.45
N ASP B 523 -15.56 -30.63 27.61
CA ASP B 523 -14.20 -30.14 27.61
C ASP B 523 -13.20 -31.24 27.23
N THR B 524 -11.98 -30.81 26.94
CA THR B 524 -10.96 -31.66 26.35
C THR B 524 -9.88 -31.96 27.40
N VAL B 525 -9.48 -33.23 27.47
CA VAL B 525 -8.46 -33.61 28.43
C VAL B 525 -7.11 -33.41 27.79
N PHE B 526 -6.02 -33.61 28.53
CA PHE B 526 -4.69 -33.21 28.12
C PHE B 526 -4.63 -31.71 28.14
N THR B 527 -5.36 -31.02 29.04
CA THR B 527 -5.20 -29.57 29.17
C THR B 527 -5.22 -29.15 30.63
N THR B 528 -4.46 -28.10 30.95
CA THR B 528 -4.59 -27.46 32.25
C THR B 528 -6.02 -26.95 32.53
N GLU B 529 -6.73 -26.46 31.51
CA GLU B 529 -8.11 -26.00 31.73
C GLU B 529 -9.00 -27.11 32.26
N TYR B 530 -8.81 -28.33 31.75
CA TYR B 530 -9.61 -29.44 32.26
C TYR B 530 -9.38 -29.67 33.75
N SER B 531 -8.13 -29.62 34.18
CA SER B 531 -7.85 -29.73 35.59
C SER B 531 -8.51 -28.63 36.38
N VAL B 532 -8.40 -27.36 35.91
CA VAL B 532 -9.01 -26.25 36.63
C VAL B 532 -10.53 -26.41 36.64
N ARG B 533 -11.11 -26.76 35.50
CA ARG B 533 -12.55 -26.93 35.43
C ARG B 533 -13.06 -27.99 36.40
N THR B 534 -12.39 -29.14 36.48
CA THR B 534 -12.86 -30.18 37.38
C THR B 534 -12.68 -29.73 38.81
N ALA B 535 -11.59 -29.05 39.08
CA ALA B 535 -11.38 -28.52 40.43
C ALA B 535 -12.52 -27.59 40.82
N MET B 536 -12.81 -26.61 39.97
CA MET B 536 -13.86 -25.65 40.24
C MET B 536 -15.20 -26.33 40.42
N GLU B 537 -15.57 -27.19 39.46
CA GLU B 537 -16.86 -27.86 39.56
C GLU B 537 -16.95 -28.70 40.83
N ALA B 538 -15.84 -29.32 41.20
CA ALA B 538 -15.84 -30.12 42.42
C ALA B 538 -16.09 -29.25 43.64
N VAL B 539 -15.34 -28.15 43.77
CA VAL B 539 -15.51 -27.29 44.94
C VAL B 539 -16.92 -26.69 44.95
N TYR B 540 -17.43 -26.30 43.78
CA TYR B 540 -18.72 -25.61 43.80
C TYR B 540 -19.84 -26.55 44.20
N GLN B 541 -19.80 -27.78 43.73
CA GLN B 541 -20.82 -28.76 44.04
C GLN B 541 -20.75 -29.19 45.50
N LEU B 542 -19.57 -29.55 45.97
CA LEU B 542 -19.53 -30.03 47.34
C LEU B 542 -19.86 -28.94 48.34
N LEU B 543 -19.51 -27.68 48.07
CA LEU B 543 -19.83 -26.59 48.98
C LEU B 543 -21.10 -25.86 48.59
N ASN B 544 -21.70 -26.24 47.46
CA ASN B 544 -22.91 -25.62 46.93
C ASN B 544 -22.74 -24.08 46.88
N ILE B 545 -21.74 -23.69 46.12
CA ILE B 545 -21.34 -22.29 46.00
C ILE B 545 -22.26 -21.65 44.98
N ASP B 546 -22.80 -20.51 45.34
CA ASP B 546 -23.91 -19.93 44.57
C ASP B 546 -23.36 -18.90 43.59
N ARG B 547 -22.71 -19.44 42.54
CA ARG B 547 -22.10 -18.71 41.44
C ARG B 547 -22.03 -19.68 40.25
N GLY B 548 -22.19 -19.14 39.05
CA GLY B 548 -22.07 -19.95 37.84
C GLY B 548 -20.66 -20.43 37.58
N ILE B 549 -20.60 -21.62 36.99
CA ILE B 549 -19.37 -22.16 36.42
C ILE B 549 -19.43 -21.82 34.95
N PRO B 550 -18.39 -21.19 34.40
CA PRO B 550 -18.40 -20.90 32.95
C PRO B 550 -18.43 -22.18 32.14
N GLU B 551 -19.33 -22.22 31.16
CA GLU B 551 -19.39 -23.39 30.30
C GLU B 551 -18.16 -23.45 29.39
N VAL B 552 -17.87 -24.65 28.88
CA VAL B 552 -16.96 -24.77 27.76
C VAL B 552 -17.39 -23.77 26.69
N ILE B 553 -16.44 -23.00 26.18
CA ILE B 553 -16.79 -21.93 25.25
C ILE B 553 -17.75 -22.47 24.19
N ASN B 554 -18.69 -21.62 23.78
CA ASN B 554 -19.79 -22.06 22.93
C ASN B 554 -19.46 -22.00 21.46
N SER B 555 -18.20 -22.02 21.09
CA SER B 555 -17.83 -21.88 19.69
C SER B 555 -18.47 -22.87 18.73
N PRO B 556 -18.60 -24.16 19.04
CA PRO B 556 -19.20 -25.09 18.06
C PRO B 556 -20.67 -24.87 17.83
N PHE B 557 -21.32 -24.07 18.66
CA PHE B 557 -22.71 -23.70 18.48
C PHE B 557 -22.86 -22.32 17.85
N ASP B 558 -21.75 -21.64 17.58
CA ASP B 558 -21.75 -20.27 17.07
C ASP B 558 -21.70 -20.31 15.55
N LEU B 559 -22.82 -19.93 14.91
CA LEU B 559 -22.89 -19.96 13.47
C LEU B 559 -21.70 -19.28 12.82
N ARG B 560 -21.22 -18.21 13.42
CA ARG B 560 -20.14 -17.47 12.76
C ARG B 560 -18.86 -18.31 12.72
N VAL B 561 -18.57 -19.00 13.83
CA VAL B 561 -17.39 -19.85 13.90
C VAL B 561 -17.51 -20.99 12.91
N LEU B 562 -18.70 -21.57 12.84
CA LEU B 562 -18.92 -22.70 11.97
C LEU B 562 -18.75 -22.31 10.49
N MET B 563 -19.08 -21.06 10.17
CA MET B 563 -18.90 -20.55 8.83
C MET B 563 -17.39 -20.47 8.57
N ASP B 564 -16.67 -19.83 9.47
CA ASP B 564 -15.24 -19.73 9.35
C ASP B 564 -14.60 -21.12 9.21
N ALA B 565 -15.08 -22.06 10.01
CA ALA B 565 -14.48 -23.37 10.00
C ALA B 565 -14.60 -24.00 8.62
N ILE B 566 -15.75 -23.87 7.99
CA ILE B 566 -15.96 -24.44 6.66
C ILE B 566 -14.99 -23.83 5.64
N TYR B 567 -14.82 -22.51 5.70
CA TYR B 567 -13.89 -21.81 4.80
C TYR B 567 -12.43 -22.22 5.04
N GLU B 568 -12.01 -22.33 6.30
CA GLU B 568 -10.63 -22.71 6.61
C GLU B 568 -10.39 -24.19 6.25
N LEU B 569 -11.32 -25.05 6.62
CA LEU B 569 -11.19 -26.47 6.33
C LEU B 569 -11.01 -26.74 4.85
N ASN B 570 -11.68 -25.96 4.00
CA ASN B 570 -11.55 -26.13 2.56
C ASN B 570 -10.38 -25.34 2.00
N ASP B 571 -9.37 -25.04 2.82
CA ASP B 571 -8.23 -24.20 2.43
C ASP B 571 -8.72 -22.93 1.71
N HIS B 572 -9.64 -22.22 2.37
CA HIS B 572 -10.05 -20.87 1.96
C HIS B 572 -10.76 -20.86 0.60
N GLN B 573 -11.72 -21.74 0.43
CA GLN B 573 -12.55 -21.75 -0.76
C GLN B 573 -13.99 -21.45 -0.36
N ASP B 574 -14.67 -20.64 -1.19
CA ASP B 574 -16.09 -20.34 -0.99
C ASP B 574 -16.98 -21.51 -1.42
N LEU B 575 -18.28 -21.36 -1.13
CA LEU B 575 -19.21 -22.46 -1.36
C LEU B 575 -19.30 -22.86 -2.83
N ARG B 576 -19.11 -21.93 -3.76
CA ARG B 576 -19.18 -22.31 -5.18
C ARG B 576 -18.01 -23.19 -5.57
N GLU B 577 -16.79 -22.82 -5.14
CA GLU B 577 -15.63 -23.62 -5.46
C GLU B 577 -15.70 -24.98 -4.77
N ILE B 578 -16.15 -25.01 -3.51
CA ILE B 578 -16.27 -26.28 -2.80
C ILE B 578 -17.06 -27.28 -3.63
N THR B 579 -18.31 -26.93 -3.94
CA THR B 579 -19.23 -27.84 -4.64
C THR B 579 -19.06 -27.81 -6.15
N LYS B 580 -18.08 -27.05 -6.65
CA LYS B 580 -17.87 -26.89 -8.08
C LYS B 580 -18.02 -28.20 -8.85
N ASP B 581 -17.15 -29.16 -8.58
CA ASP B 581 -17.11 -30.34 -9.44
C ASP B 581 -18.08 -31.42 -8.99
N SER B 582 -19.09 -31.09 -8.18
CA SER B 582 -20.20 -32.00 -7.89
C SER B 582 -21.50 -31.30 -8.23
N LYS B 583 -22.30 -31.92 -9.09
CA LYS B 583 -23.53 -31.30 -9.59
C LYS B 583 -24.75 -31.61 -8.73
N MET B 584 -24.73 -32.70 -7.96
CA MET B 584 -25.79 -32.90 -6.97
C MET B 584 -25.75 -31.80 -5.91
N GLN B 585 -24.57 -31.25 -5.65
CA GLN B 585 -24.40 -30.16 -4.70
C GLN B 585 -24.44 -28.81 -5.40
N LYS B 586 -23.77 -28.70 -6.56
CA LYS B 586 -23.78 -27.46 -7.31
C LYS B 586 -25.19 -26.99 -7.63
N LEU B 587 -26.19 -27.84 -7.52
CA LEU B 587 -27.54 -27.30 -7.61
C LEU B 587 -28.18 -27.17 -6.27
N ALA B 588 -27.97 -28.10 -5.32
CA ALA B 588 -28.46 -27.75 -4.01
C ALA B 588 -27.94 -26.35 -3.57
N LEU B 589 -26.76 -25.96 -4.04
CA LEU B 589 -26.19 -24.66 -3.69
C LEU B 589 -26.95 -23.52 -4.37
N ALA B 590 -27.17 -23.63 -5.69
CA ALA B 590 -27.88 -22.58 -6.41
C ALA B 590 -29.30 -22.44 -5.91
N GLY B 591 -29.93 -23.55 -5.52
CA GLY B 591 -31.23 -23.47 -4.88
C GLY B 591 -31.15 -22.91 -3.47
N PHE B 592 -30.00 -23.06 -2.81
CA PHE B 592 -29.79 -22.34 -1.57
C PHE B 592 -29.59 -20.85 -1.83
N LEU B 593 -28.68 -20.52 -2.76
CA LEU B 593 -28.39 -19.11 -3.03
C LEU B 593 -29.63 -18.37 -3.49
N LYS B 594 -30.60 -19.07 -4.09
CA LYS B 594 -31.83 -18.41 -4.50
C LYS B 594 -32.74 -18.16 -3.30
N LYS B 595 -32.81 -19.11 -2.36
CA LYS B 595 -33.62 -18.92 -1.16
C LYS B 595 -33.14 -17.72 -0.34
N ILE B 596 -31.81 -17.54 -0.23
CA ILE B 596 -31.23 -16.58 0.70
C ILE B 596 -30.71 -15.33 0.02
N LYS B 597 -30.89 -15.20 -1.29
CA LYS B 597 -30.46 -14.01 -2.01
C LYS B 597 -30.96 -12.75 -1.33
N GLY B 598 -30.06 -11.78 -1.17
CA GLY B 598 -30.42 -10.50 -0.62
C GLY B 598 -30.80 -10.49 0.85
N THR B 599 -30.67 -11.62 1.54
CA THR B 599 -30.96 -11.66 2.97
C THR B 599 -29.68 -11.53 3.80
N TYR B 600 -29.91 -11.43 5.10
CA TYR B 600 -28.85 -11.40 6.09
C TYR B 600 -27.99 -12.65 6.06
N ILE B 601 -28.59 -13.80 5.76
CA ILE B 601 -27.77 -14.99 5.68
C ILE B 601 -26.68 -14.82 4.62
N GLU B 602 -27.06 -14.29 3.47
CA GLU B 602 -26.08 -14.06 2.42
C GLU B 602 -24.96 -13.17 2.89
N SER B 603 -25.31 -12.10 3.61
CA SER B 603 -24.31 -11.15 4.10
C SER B 603 -23.38 -11.81 5.10
N LEU B 604 -23.90 -12.65 5.97
CA LEU B 604 -23.05 -13.37 6.88
C LEU B 604 -22.11 -14.29 6.12
N LEU B 605 -22.66 -15.00 5.12
CA LEU B 605 -21.86 -15.93 4.31
C LEU B 605 -20.76 -15.17 3.57
N LYS B 606 -21.08 -13.96 3.11
CA LYS B 606 -20.05 -13.13 2.47
C LYS B 606 -19.08 -12.62 3.51
N GLU B 607 -19.59 -12.17 4.66
CA GLU B 607 -18.71 -11.71 5.73
C GLU B 607 -17.68 -12.78 6.07
N HIS B 608 -18.05 -14.04 6.02
CA HIS B 608 -17.12 -15.10 6.36
C HIS B 608 -16.54 -15.78 5.15
N LYS B 609 -16.57 -15.09 4.02
CA LYS B 609 -15.87 -15.44 2.79
C LYS B 609 -16.37 -16.75 2.18
N LEU B 610 -17.57 -17.17 2.56
CA LEU B 610 -18.17 -18.32 1.93
C LEU B 610 -18.92 -17.96 0.65
N LEU B 611 -19.19 -16.68 0.40
CA LEU B 611 -19.71 -16.24 -0.90
C LEU B 611 -18.94 -15.00 -1.38
N SER C 19 2.89 26.25 -32.59
CA SER C 19 3.96 25.40 -33.19
C SER C 19 5.33 25.66 -32.54
N HIS C 20 5.51 26.88 -32.01
CA HIS C 20 6.71 27.26 -31.25
C HIS C 20 6.61 26.85 -29.78
N MET C 21 6.11 25.63 -29.52
CA MET C 21 5.90 25.17 -28.17
C MET C 21 5.75 23.66 -28.20
N TYR C 22 5.75 23.05 -27.02
CA TYR C 22 5.44 21.65 -26.92
C TYR C 22 4.72 21.44 -25.61
N TYR C 23 3.89 20.41 -25.60
CA TYR C 23 3.09 20.02 -24.46
C TYR C 23 3.81 18.94 -23.70
N SER C 24 3.62 18.95 -22.39
CA SER C 24 4.37 18.07 -21.53
C SER C 24 3.50 17.75 -20.34
N TYR C 25 3.96 16.81 -19.53
CA TYR C 25 3.32 16.54 -18.25
C TYR C 25 4.34 15.80 -17.41
N GLY C 26 4.17 15.87 -16.10
CA GLY C 26 5.09 15.29 -15.15
C GLY C 26 5.90 16.34 -14.44
N ASN C 27 6.60 15.89 -13.41
CA ASN C 27 7.34 16.81 -12.56
C ASN C 27 8.58 17.39 -13.23
N TYR C 28 9.26 16.63 -14.08
CA TYR C 28 10.46 17.14 -14.75
C TYR C 28 10.23 18.51 -15.38
N GLU C 29 9.24 18.62 -16.26
CA GLU C 29 8.99 19.89 -16.94
C GLU C 29 8.30 20.90 -16.03
N ALA C 30 7.51 20.42 -15.07
CA ALA C 30 6.84 21.34 -14.15
C ALA C 30 7.84 22.13 -13.33
N PHE C 31 8.80 21.43 -12.75
CA PHE C 31 9.75 22.08 -11.87
C PHE C 31 10.89 22.75 -12.61
N ALA C 32 11.15 22.36 -13.86
CA ALA C 32 12.28 22.89 -14.61
C ALA C 32 12.09 24.37 -14.93
N ARG C 33 13.13 25.04 -14.96
CA ARG C 33 13.15 26.44 -15.34
C ARG C 33 13.65 26.59 -16.78
N PRO C 34 12.99 27.39 -17.59
CA PRO C 34 13.48 27.67 -18.94
C PRO C 34 14.66 28.63 -18.92
N LYS C 35 15.58 28.42 -19.84
CA LYS C 35 16.65 29.39 -20.03
C LYS C 35 16.03 30.71 -20.48
N LYS C 36 16.72 31.80 -20.20
CA LYS C 36 16.27 33.12 -20.64
C LYS C 36 16.12 33.11 -22.16
N PRO C 37 14.95 33.46 -22.69
CA PRO C 37 14.79 33.33 -24.15
C PRO C 37 15.61 34.36 -24.90
N GLU C 38 15.91 34.00 -26.16
CA GLU C 38 16.90 34.71 -26.95
C GLU C 38 16.44 36.13 -27.29
N ASN C 39 17.28 37.11 -26.97
CA ASN C 39 17.12 38.50 -27.35
C ASN C 39 15.96 39.18 -26.65
N VAL C 40 15.53 38.69 -25.50
CA VAL C 40 14.37 39.27 -24.85
C VAL C 40 14.69 40.65 -24.27
N GLU C 41 15.96 40.99 -24.12
CA GLU C 41 16.35 42.29 -23.61
C GLU C 41 15.98 43.41 -24.57
N ASN C 42 15.71 43.07 -25.82
CA ASN C 42 15.36 44.06 -26.84
C ASN C 42 13.89 43.97 -27.20
N LYS C 43 13.08 43.45 -26.30
CA LYS C 43 11.68 43.25 -26.58
C LYS C 43 10.86 43.93 -25.52
N SER C 44 9.62 44.21 -25.91
CA SER C 44 8.63 44.83 -25.04
C SER C 44 7.31 44.13 -25.31
N ALA C 45 6.34 44.37 -24.43
CA ALA C 45 5.01 43.79 -24.55
C ALA C 45 3.93 44.82 -24.22
N TYR C 46 2.82 44.71 -24.96
CA TYR C 46 1.62 45.49 -24.75
C TYR C 46 0.48 44.50 -24.56
N LEU C 47 -0.21 44.58 -23.43
CA LEU C 47 -1.31 43.68 -23.12
C LEU C 47 -2.60 44.47 -23.02
N ILE C 48 -3.55 44.17 -23.87
CA ILE C 48 -4.77 44.96 -23.98
C ILE C 48 -5.69 44.54 -22.83
N GLY C 49 -5.92 45.42 -21.88
CA GLY C 49 -6.80 45.11 -20.77
C GLY C 49 -6.12 44.49 -19.56
N SER C 50 -6.83 44.56 -18.44
CA SER C 50 -6.38 44.07 -17.14
C SER C 50 -7.14 42.86 -16.69
N GLY C 51 -7.66 42.08 -17.64
CA GLY C 51 -8.31 40.84 -17.26
C GLY C 51 -7.33 39.80 -16.72
N LEU C 52 -7.82 38.65 -16.29
CA LEU C 52 -6.91 37.64 -15.73
C LEU C 52 -5.93 37.10 -16.77
N ALA C 53 -6.39 36.92 -18.01
CA ALA C 53 -5.49 36.41 -19.02
C ALA C 53 -4.34 37.38 -19.27
N SER C 54 -4.67 38.65 -19.43
CA SER C 54 -3.66 39.64 -19.71
C SER C 54 -2.68 39.73 -18.55
N LEU C 55 -3.17 39.66 -17.32
CA LEU C 55 -2.28 39.70 -16.16
C LEU C 55 -1.41 38.46 -16.07
N ALA C 56 -2.03 37.29 -16.26
CA ALA C 56 -1.32 36.03 -16.38
C ALA C 56 -0.19 36.12 -17.40
N ALA C 57 -0.48 36.64 -18.61
CA ALA C 57 0.57 36.79 -19.61
C ALA C 57 1.70 37.66 -19.09
N ALA C 58 1.36 38.74 -18.39
CA ALA C 58 2.38 39.66 -17.90
C ALA C 58 3.28 38.94 -16.92
N CYS C 59 2.69 38.10 -16.08
CA CYS C 59 3.45 37.32 -15.11
C CYS C 59 4.39 36.34 -15.80
N PHE C 60 3.94 35.65 -16.85
CA PHE C 60 4.84 34.74 -17.53
C PHE C 60 5.99 35.50 -18.20
N LEU C 61 5.68 36.71 -18.70
CA LEU C 61 6.69 37.57 -19.29
C LEU C 61 7.80 37.84 -18.29
N ILE C 62 7.41 38.18 -17.06
CA ILE C 62 8.36 38.46 -15.99
C ILE C 62 9.13 37.21 -15.64
N ARG C 63 8.41 36.13 -15.33
CA ARG C 63 9.03 35.03 -14.62
C ARG C 63 9.82 34.13 -15.57
N ASP C 64 9.26 33.83 -16.75
CA ASP C 64 9.87 32.93 -17.72
C ASP C 64 10.46 33.66 -18.90
N GLY C 65 9.81 34.72 -19.37
CA GLY C 65 10.43 35.59 -20.36
C GLY C 65 11.65 36.30 -19.84
N GLN C 66 11.68 36.59 -18.55
CA GLN C 66 12.68 37.50 -18.00
C GLN C 66 12.66 38.84 -18.74
N MET C 67 11.49 39.20 -19.29
CA MET C 67 11.32 40.55 -19.83
C MET C 67 11.42 41.56 -18.68
N GLU C 68 12.00 42.72 -18.97
CA GLU C 68 12.07 43.76 -17.96
C GLU C 68 10.69 44.37 -17.71
N GLY C 69 10.33 44.52 -16.44
CA GLY C 69 8.99 44.99 -16.13
C GLY C 69 8.66 46.33 -16.77
N SER C 70 9.67 47.20 -16.84
CA SER C 70 9.48 48.50 -17.44
C SER C 70 9.18 48.43 -18.92
N LYS C 71 9.34 47.26 -19.54
CA LYS C 71 9.02 47.10 -20.96
C LYS C 71 7.70 46.36 -21.18
N ILE C 72 6.95 46.13 -20.10
CA ILE C 72 5.61 45.52 -20.13
C ILE C 72 4.59 46.60 -19.83
N HIS C 73 3.61 46.76 -20.73
CA HIS C 73 2.63 47.85 -20.64
C HIS C 73 1.22 47.27 -20.71
N ILE C 74 0.52 47.34 -19.60
CA ILE C 74 -0.86 46.91 -19.49
C ILE C 74 -1.75 48.09 -19.86
N LEU C 75 -2.53 47.95 -20.90
CA LEU C 75 -3.38 49.02 -21.38
C LEU C 75 -4.80 48.72 -20.92
N GLU C 76 -5.30 49.52 -19.99
CA GLU C 76 -6.61 49.31 -19.37
C GLU C 76 -7.47 50.54 -19.56
N GLU C 77 -8.74 50.30 -19.91
CA GLU C 77 -9.68 51.39 -20.12
C GLU C 77 -9.81 52.27 -18.86
N LEU C 78 -9.97 51.65 -17.70
CA LEU C 78 -10.45 52.36 -16.52
C LEU C 78 -9.34 53.18 -15.92
N PRO C 79 -9.71 54.16 -15.04
CA PRO C 79 -8.81 55.29 -14.80
C PRO C 79 -7.84 55.22 -13.64
N LYS C 80 -7.97 54.25 -12.76
CA LYS C 80 -7.23 54.38 -11.52
C LYS C 80 -5.76 53.99 -11.67
N PRO C 91 -19.24 53.70 -8.96
CA PRO C 91 -20.08 53.97 -7.77
C PRO C 91 -21.24 52.99 -7.65
N LEU C 92 -21.02 51.88 -6.94
CA LEU C 92 -22.02 50.84 -6.77
C LEU C 92 -22.66 50.94 -5.39
N LYS C 93 -23.94 50.56 -5.36
CA LYS C 93 -24.78 50.68 -4.22
C LYS C 93 -24.98 49.39 -3.47
N GLY C 94 -24.01 48.42 -3.55
CA GLY C 94 -24.01 47.23 -2.73
C GLY C 94 -22.85 46.36 -3.17
N TYR C 95 -22.51 45.41 -2.31
CA TYR C 95 -21.53 44.40 -2.69
C TYR C 95 -22.04 43.67 -3.93
N VAL C 96 -21.10 43.36 -4.82
CA VAL C 96 -21.36 42.60 -6.05
C VAL C 96 -20.37 41.44 -6.13
N VAL C 97 -20.88 40.23 -6.30
CA VAL C 97 -20.09 39.02 -6.43
C VAL C 97 -20.12 38.53 -7.88
N ARG C 98 -18.97 38.09 -8.37
CA ARG C 98 -18.85 37.23 -9.56
C ARG C 98 -17.39 37.06 -9.90
N GLY C 99 -17.11 36.35 -11.00
CA GLY C 99 -15.76 36.03 -11.38
C GLY C 99 -15.19 34.82 -10.68
N GLY C 100 -15.74 34.46 -9.53
CA GLY C 100 -15.20 33.36 -8.76
C GLY C 100 -15.91 32.04 -8.99
N ARG C 101 -15.85 31.54 -10.23
CA ARG C 101 -16.23 30.15 -10.45
C ARG C 101 -15.32 29.25 -9.60
N ALA C 102 -15.71 28.00 -9.50
CA ALA C 102 -14.91 27.03 -8.81
C ALA C 102 -13.57 26.87 -9.51
N MET C 103 -12.65 26.23 -8.82
CA MET C 103 -11.45 25.69 -9.47
C MET C 103 -11.33 24.24 -9.04
N GLU C 104 -10.40 23.55 -9.69
CA GLU C 104 -10.19 22.14 -9.48
C GLU C 104 -8.69 21.91 -9.44
N ASN C 105 -8.27 20.77 -8.90
CA ASN C 105 -6.86 20.48 -8.78
C ASN C 105 -6.16 20.50 -10.12
N HIS C 106 -6.82 20.03 -11.18
CA HIS C 106 -6.17 19.88 -12.47
C HIS C 106 -6.30 21.11 -13.36
N PHE C 107 -6.34 22.30 -12.75
CA PHE C 107 -6.01 23.56 -13.42
C PHE C 107 -4.50 23.71 -13.54
N GLU C 108 -3.92 22.95 -14.48
CA GLU C 108 -2.48 22.71 -14.52
C GLU C 108 -1.67 23.98 -14.80
N CYS C 109 -2.11 24.82 -15.73
CA CYS C 109 -1.39 26.07 -15.98
C CYS C 109 -1.59 27.08 -14.84
N LEU C 110 -2.82 27.15 -14.32
CA LEU C 110 -3.10 28.10 -13.26
C LEU C 110 -2.23 27.87 -12.04
N TRP C 111 -2.05 26.64 -11.62
CA TRP C 111 -1.21 26.38 -10.47
C TRP C 111 0.26 26.55 -10.82
N ASP C 112 0.66 26.28 -12.05
CA ASP C 112 2.03 26.63 -12.47
C ASP C 112 2.25 28.12 -12.24
N LEU C 113 1.26 28.93 -12.59
CA LEU C 113 1.40 30.37 -12.39
C LEU C 113 1.39 30.75 -10.92
N PHE C 114 0.41 30.31 -10.15
CA PHE C 114 0.22 30.94 -8.85
C PHE C 114 1.10 30.36 -7.76
N ARG C 115 1.79 29.25 -8.03
CA ARG C 115 2.89 28.86 -7.14
C ARG C 115 3.96 29.92 -7.08
N SER C 116 3.99 30.82 -8.05
CA SER C 116 5.03 31.84 -8.14
C SER C 116 4.54 33.20 -7.68
N ILE C 117 3.27 33.31 -7.33
CA ILE C 117 2.66 34.57 -6.95
C ILE C 117 2.58 34.60 -5.41
N PRO C 118 3.19 35.59 -4.76
CA PRO C 118 3.09 35.64 -3.29
C PRO C 118 1.65 35.82 -2.83
N SER C 119 1.31 35.09 -1.78
CA SER C 119 0.07 35.33 -1.08
C SER C 119 0.11 36.70 -0.45
N LEU C 120 -1.03 37.40 -0.50
CA LEU C 120 -1.19 38.64 0.25
C LEU C 120 -1.74 38.40 1.65
N GLU C 121 -2.15 37.18 1.95
CA GLU C 121 -2.76 36.83 3.22
C GLU C 121 -1.78 36.16 4.17
N ILE C 122 -1.02 35.19 3.68
CA ILE C 122 -0.11 34.38 4.49
C ILE C 122 1.32 34.71 4.10
N ASP C 123 2.15 34.99 5.11
CA ASP C 123 3.56 35.28 4.89
C ASP C 123 4.27 34.05 4.34
N ASN C 124 5.26 34.29 3.49
CA ASN C 124 6.17 33.23 3.02
C ASN C 124 5.43 32.13 2.27
N ALA C 125 4.38 32.48 1.53
CA ALA C 125 3.51 31.47 0.97
C ALA C 125 3.01 31.98 -0.37
N SER C 126 2.84 31.05 -1.32
CA SER C 126 2.28 31.45 -2.60
C SER C 126 0.73 31.49 -2.50
N VAL C 127 0.10 31.99 -3.57
CA VAL C 127 -1.37 31.86 -3.68
C VAL C 127 -1.78 30.39 -3.73
N LEU C 128 -1.00 29.57 -4.43
CA LEU C 128 -1.25 28.14 -4.40
C LEU C 128 -1.19 27.59 -2.98
N ASP C 129 -0.12 27.90 -2.23
CA ASP C 129 -0.04 27.40 -0.86
C ASP C 129 -1.28 27.80 -0.05
N GLU C 130 -1.66 29.08 -0.11
CA GLU C 130 -2.85 29.54 0.62
C GLU C 130 -4.10 28.77 0.20
N PHE C 131 -4.37 28.73 -1.09
CA PHE C 131 -5.48 27.96 -1.61
C PHE C 131 -5.40 26.50 -1.19
N TYR C 132 -4.21 25.93 -1.27
CA TYR C 132 -4.05 24.50 -0.99
C TYR C 132 -4.44 24.19 0.44
N TRP C 133 -3.90 24.95 1.38
CA TRP C 133 -4.18 24.73 2.79
C TRP C 133 -5.64 25.02 3.12
N LEU C 134 -6.17 26.10 2.58
CA LEU C 134 -7.56 26.43 2.85
C LEU C 134 -8.48 25.28 2.44
N ASN C 135 -8.28 24.76 1.26
CA ASN C 135 -9.21 23.78 0.79
C ASN C 135 -8.97 22.41 1.41
N LYS C 136 -7.84 22.21 2.09
CA LYS C 136 -7.71 21.02 2.91
C LYS C 136 -8.31 21.21 4.30
N GLU C 137 -8.24 22.42 4.81
CA GLU C 137 -8.80 22.71 6.10
C GLU C 137 -10.32 22.76 6.08
N ASP C 138 -10.88 23.23 5.00
CA ASP C 138 -12.33 23.34 4.84
C ASP C 138 -12.73 22.84 3.45
N PRO C 139 -12.69 21.52 3.25
CA PRO C 139 -13.01 20.97 1.93
C PRO C 139 -14.45 21.27 1.54
N ASN C 140 -14.59 21.59 0.28
CA ASN C 140 -15.88 21.90 -0.27
C ASN C 140 -16.66 20.67 -0.61
N TYR C 141 -17.94 20.72 -0.25
CA TYR C 141 -18.94 19.76 -0.67
C TYR C 141 -20.30 20.38 -0.37
N SER C 142 -21.30 19.97 -1.11
CA SER C 142 -22.68 20.41 -0.92
C SER C 142 -23.48 19.38 -0.13
N ARG C 143 -24.24 19.85 0.85
CA ARG C 143 -25.18 19.01 1.61
C ARG C 143 -26.60 19.15 1.10
N CYS C 144 -26.81 19.91 0.05
CA CYS C 144 -28.12 20.08 -0.55
C CYS C 144 -27.88 20.77 -1.87
N ARG C 145 -28.14 20.06 -2.95
CA ARG C 145 -27.75 20.50 -4.27
C ARG C 145 -28.92 21.01 -5.07
N VAL C 146 -30.11 20.45 -4.89
CA VAL C 146 -31.29 20.83 -5.67
C VAL C 146 -32.46 20.87 -4.71
N ILE C 147 -33.25 21.92 -4.80
CA ILE C 147 -34.48 22.03 -4.02
C ILE C 147 -35.61 22.25 -5.00
N GLU C 148 -36.83 22.11 -4.49
CA GLU C 148 -38.06 22.27 -5.26
C GLU C 148 -39.20 22.54 -4.27
N LYS C 149 -40.36 22.88 -4.82
CA LYS C 149 -41.56 23.05 -4.01
C LYS C 149 -41.27 23.91 -2.79
N GLN C 150 -40.53 25.01 -3.01
CA GLN C 150 -40.31 26.02 -2.01
C GLN C 150 -39.53 25.48 -0.81
N GLY C 151 -38.30 25.07 -1.06
CA GLY C 151 -37.35 24.79 0.00
C GLY C 151 -37.15 23.33 0.33
N GLN C 152 -37.78 22.44 -0.40
CA GLN C 152 -37.69 21.01 -0.16
C GLN C 152 -36.61 20.40 -1.04
N ARG C 153 -35.82 19.51 -0.46
CA ARG C 153 -34.74 18.88 -1.21
C ARG C 153 -35.28 17.90 -2.23
N LEU C 154 -34.65 17.85 -3.41
CA LEU C 154 -35.03 16.88 -4.42
C LEU C 154 -34.78 15.47 -3.91
N VAL C 155 -35.76 14.60 -4.10
CA VAL C 155 -35.73 13.28 -3.47
C VAL C 155 -34.58 12.45 -4.01
N THR C 156 -34.40 12.49 -5.34
CA THR C 156 -33.31 11.79 -6.03
C THR C 156 -32.00 12.58 -5.99
N ASP C 157 -31.88 13.60 -5.16
CA ASP C 157 -30.65 14.35 -5.09
C ASP C 157 -29.51 13.36 -4.79
N GLY C 158 -28.47 13.42 -5.61
CA GLY C 158 -27.40 12.45 -5.51
C GLY C 158 -27.26 11.68 -6.79
N ASP C 159 -28.36 11.20 -7.34
CA ASP C 159 -28.32 10.35 -8.52
C ASP C 159 -28.34 11.14 -9.81
N PHE C 160 -27.79 10.53 -10.86
CA PHE C 160 -27.82 11.08 -12.21
C PHE C 160 -29.11 10.72 -12.96
N THR C 161 -29.82 9.68 -12.53
CA THR C 161 -31.02 9.16 -13.20
C THR C 161 -30.85 9.22 -14.72
N LEU C 162 -29.73 8.67 -15.19
CA LEU C 162 -29.46 8.54 -16.62
C LEU C 162 -29.93 7.16 -17.06
N THR C 163 -30.65 7.13 -18.17
CA THR C 163 -31.00 5.89 -18.82
C THR C 163 -29.86 5.46 -19.75
N LYS C 164 -29.91 4.20 -20.13
CA LYS C 164 -28.87 3.65 -20.99
C LYS C 164 -28.81 4.41 -22.31
N THR C 165 -29.97 4.79 -22.84
CA THR C 165 -29.98 5.65 -24.02
C THR C 165 -29.23 6.94 -23.76
N ALA C 166 -29.57 7.63 -22.67
CA ALA C 166 -28.88 8.88 -22.36
C ALA C 166 -27.37 8.69 -22.26
N ILE C 167 -26.95 7.63 -21.55
CA ILE C 167 -25.51 7.34 -21.40
C ILE C 167 -24.87 7.09 -22.75
N LYS C 168 -25.55 6.34 -23.61
CA LYS C 168 -25.03 6.11 -24.93
C LYS C 168 -24.86 7.42 -25.69
N GLU C 169 -25.77 8.39 -25.47
CA GLU C 169 -25.65 9.69 -26.13
C GLU C 169 -24.41 10.44 -25.67
N ILE C 170 -24.14 10.45 -24.36
CA ILE C 170 -22.93 11.10 -23.86
C ILE C 170 -21.69 10.52 -24.53
N LEU C 171 -21.52 9.21 -24.38
CA LEU C 171 -20.40 8.52 -25.00
C LEU C 171 -20.36 8.77 -26.49
N ASP C 172 -21.52 8.75 -27.15
CA ASP C 172 -21.51 8.98 -28.60
C ASP C 172 -21.07 10.40 -28.91
N LEU C 173 -21.37 11.35 -28.04
CA LEU C 173 -20.85 12.70 -28.25
C LEU C 173 -19.31 12.74 -28.13
N CYS C 174 -18.77 12.08 -27.11
CA CYS C 174 -17.32 12.12 -26.92
C CYS C 174 -16.59 11.43 -28.07
N LEU C 175 -17.17 10.35 -28.59
CA LEU C 175 -16.62 9.66 -29.73
C LEU C 175 -16.82 10.42 -31.03
N THR C 176 -17.41 11.59 -31.01
CA THR C 176 -17.52 12.39 -32.22
C THR C 176 -16.29 13.27 -32.32
N ASN C 177 -15.74 13.38 -33.53
CA ASN C 177 -14.64 14.28 -33.76
C ASN C 177 -15.10 15.72 -33.56
N GLU C 178 -14.24 16.53 -32.92
CA GLU C 178 -14.56 17.95 -32.78
C GLU C 178 -14.96 18.57 -34.10
N GLU C 179 -14.23 18.25 -35.18
CA GLU C 179 -14.51 18.88 -36.48
C GLU C 179 -15.93 18.64 -37.00
N ASP C 180 -16.55 17.55 -36.61
CA ASP C 180 -17.91 17.30 -37.06
C ASP C 180 -18.96 17.94 -36.17
N LEU C 181 -18.58 18.75 -35.18
CA LEU C 181 -19.52 19.45 -34.31
C LEU C 181 -19.65 20.95 -34.62
N ASP C 182 -19.10 21.41 -35.72
CA ASP C 182 -19.28 22.79 -36.14
C ASP C 182 -20.75 23.19 -36.11
N ASP C 183 -21.05 24.26 -35.36
CA ASP C 183 -22.36 24.87 -35.19
C ASP C 183 -23.44 23.90 -34.69
N VAL C 184 -23.08 22.74 -34.20
CA VAL C 184 -24.07 21.82 -33.64
C VAL C 184 -24.47 22.30 -32.26
N LYS C 185 -25.75 22.17 -31.94
CA LYS C 185 -26.28 22.54 -30.64
C LYS C 185 -26.46 21.31 -29.76
N ILE C 186 -26.49 21.56 -28.46
CA ILE C 186 -26.65 20.49 -27.49
C ILE C 186 -27.95 19.73 -27.74
N THR C 187 -29.02 20.43 -28.17
CA THR C 187 -30.28 19.73 -28.41
C THR C 187 -30.22 18.86 -29.67
N ASP C 188 -29.22 19.06 -30.53
CA ASP C 188 -29.03 18.23 -31.71
C ASP C 188 -28.39 16.86 -31.38
N VAL C 189 -27.79 16.69 -30.21
CA VAL C 189 -27.04 15.46 -29.94
C VAL C 189 -27.59 14.72 -28.74
N PHE C 190 -28.60 15.26 -28.05
CA PHE C 190 -29.19 14.61 -26.89
C PHE C 190 -30.70 14.60 -27.04
N SER C 191 -31.33 13.62 -26.40
CA SER C 191 -32.76 13.37 -26.55
C SER C 191 -33.44 13.43 -25.18
N ASP C 192 -34.65 12.90 -25.08
CA ASP C 192 -35.49 13.23 -23.93
C ASP C 192 -34.94 12.61 -22.65
N ASP C 193 -34.50 11.37 -22.69
CA ASP C 193 -34.02 10.76 -21.46
C ASP C 193 -32.95 11.63 -20.81
N PHE C 194 -31.97 12.06 -21.59
CA PHE C 194 -30.90 12.90 -21.05
C PHE C 194 -31.41 14.19 -20.42
N PHE C 195 -32.22 14.95 -21.15
CA PHE C 195 -32.75 16.22 -20.66
C PHE C 195 -33.67 16.08 -19.44
N ASN C 196 -34.25 14.92 -19.21
CA ASN C 196 -35.02 14.66 -18.01
C ASN C 196 -34.18 14.08 -16.85
N SER C 197 -32.87 13.91 -17.03
CA SER C 197 -32.03 13.32 -16.01
C SER C 197 -31.60 14.36 -14.98
N ASN C 198 -31.31 13.90 -13.76
CA ASN C 198 -30.67 14.81 -12.81
C ASN C 198 -29.32 15.26 -13.33
N PHE C 199 -28.68 14.42 -14.13
CA PHE C 199 -27.36 14.76 -14.62
C PHE C 199 -27.39 16.09 -15.28
N TRP C 200 -28.39 16.31 -16.13
CA TRP C 200 -28.47 17.54 -16.89
C TRP C 200 -28.85 18.73 -16.01
N ILE C 201 -29.66 18.52 -14.99
CA ILE C 201 -29.89 19.58 -14.01
C ILE C 201 -28.57 20.01 -13.39
N TYR C 202 -27.84 19.04 -12.84
CA TYR C 202 -26.53 19.30 -12.24
C TYR C 202 -25.62 20.02 -13.21
N TRP C 203 -25.53 19.47 -14.42
CA TRP C 203 -24.56 19.91 -15.41
C TRP C 203 -24.88 21.30 -15.92
N LYS C 204 -26.12 21.53 -16.36
CA LYS C 204 -26.46 22.81 -16.98
C LYS C 204 -26.35 23.96 -15.98
N THR C 205 -26.64 23.70 -14.72
CA THR C 205 -26.67 24.78 -13.74
C THR C 205 -25.27 25.11 -13.25
N MET C 206 -24.43 24.09 -13.05
CA MET C 206 -23.10 24.39 -12.55
C MET C 206 -22.22 24.96 -13.63
N PHE C 207 -22.45 24.60 -14.88
CA PHE C 207 -21.62 25.15 -15.95
C PHE C 207 -22.32 26.25 -16.75
N ALA C 208 -23.59 26.51 -16.46
CA ALA C 208 -24.37 27.52 -17.17
C ALA C 208 -24.49 27.19 -18.66
N PHE C 209 -24.86 25.94 -18.96
CA PHE C 209 -25.12 25.53 -20.35
C PHE C 209 -26.60 25.73 -20.65
N GLU C 210 -26.88 26.34 -21.81
CA GLU C 210 -28.19 26.47 -22.42
C GLU C 210 -28.37 25.40 -23.47
N PRO C 211 -29.58 24.89 -23.65
CA PRO C 211 -29.77 23.82 -24.65
C PRO C 211 -29.31 24.17 -26.08
N TRP C 212 -29.28 25.45 -26.42
CA TRP C 212 -28.84 25.85 -27.74
C TRP C 212 -27.34 26.13 -27.81
N HIS C 213 -26.60 25.86 -26.74
CA HIS C 213 -25.18 26.14 -26.73
C HIS C 213 -24.40 25.06 -27.48
N SER C 214 -23.08 25.23 -27.52
CA SER C 214 -22.21 24.50 -28.40
C SER C 214 -22.08 23.07 -27.93
N ALA C 215 -22.43 22.11 -28.78
CA ALA C 215 -22.21 20.73 -28.42
C ALA C 215 -20.73 20.41 -28.43
N MET C 216 -19.95 21.13 -29.23
CA MET C 216 -18.51 20.98 -29.21
C MET C 216 -17.95 21.30 -27.83
N GLU C 217 -18.45 22.36 -27.20
CA GLU C 217 -17.88 22.76 -25.91
C GLU C 217 -18.39 21.86 -24.81
N MET C 218 -19.65 21.42 -24.90
CA MET C 218 -20.13 20.40 -24.01
C MET C 218 -19.28 19.15 -24.11
N ARG C 219 -18.91 18.77 -25.32
CA ARG C 219 -18.02 17.62 -25.48
C ARG C 219 -16.68 17.87 -24.77
N ARG C 220 -16.11 19.06 -24.94
CA ARG C 220 -14.83 19.33 -24.28
C ARG C 220 -14.99 19.26 -22.77
N TYR C 221 -16.12 19.77 -22.23
CA TYR C 221 -16.38 19.67 -20.80
C TYR C 221 -16.49 18.21 -20.37
N LEU C 222 -17.25 17.42 -21.12
CA LEU C 222 -17.42 16.03 -20.73
C LEU C 222 -16.05 15.38 -20.53
N MET C 223 -15.18 15.55 -21.52
CA MET C 223 -13.87 14.91 -21.51
C MET C 223 -12.93 15.59 -20.54
N ARG C 224 -13.03 16.91 -20.43
CA ARG C 224 -12.11 17.67 -19.60
C ARG C 224 -12.22 17.26 -18.16
N PHE C 225 -13.41 17.02 -17.67
CA PHE C 225 -13.62 16.88 -16.24
C PHE C 225 -14.11 15.49 -15.87
N VAL C 226 -13.87 14.49 -16.74
CA VAL C 226 -14.37 13.15 -16.47
C VAL C 226 -13.78 12.57 -15.20
N HIS C 227 -12.56 13.02 -14.78
CA HIS C 227 -12.00 12.49 -13.52
C HIS C 227 -12.73 12.97 -12.28
N HIS C 228 -13.63 13.92 -12.43
CA HIS C 228 -14.38 14.45 -11.29
C HIS C 228 -15.85 14.04 -11.35
N ILE C 229 -16.19 13.04 -12.15
CA ILE C 229 -17.58 12.66 -12.26
C ILE C 229 -18.16 12.29 -10.90
N SER C 230 -17.34 11.75 -10.00
CA SER C 230 -17.85 11.38 -8.68
C SER C 230 -18.17 12.61 -7.81
N GLY C 231 -17.65 13.79 -8.17
CA GLY C 231 -17.89 15.01 -7.44
C GLY C 231 -18.90 15.91 -8.07
N LEU C 232 -19.63 15.45 -9.08
CA LEU C 232 -20.52 16.33 -9.81
C LEU C 232 -21.73 16.72 -8.97
N ALA C 233 -22.34 15.74 -8.31
CA ALA C 233 -23.61 16.01 -7.64
C ALA C 233 -23.45 16.63 -6.26
N ASP C 234 -22.32 16.41 -5.57
CA ASP C 234 -22.11 16.99 -4.26
C ASP C 234 -21.02 18.06 -4.26
N PHE C 235 -20.51 18.42 -5.46
CA PHE C 235 -19.47 19.45 -5.62
C PHE C 235 -18.21 19.12 -4.83
N SER C 236 -17.94 17.85 -4.54
CA SER C 236 -16.75 17.61 -3.74
C SER C 236 -15.46 17.83 -4.52
N ALA C 237 -15.52 18.01 -5.83
CA ALA C 237 -14.31 18.31 -6.58
C ALA C 237 -14.04 19.81 -6.72
N LEU C 238 -14.92 20.66 -6.21
CA LEU C 238 -14.70 22.09 -6.35
C LEU C 238 -13.78 22.61 -5.27
N LYS C 239 -12.99 23.64 -5.61
CA LYS C 239 -12.13 24.37 -4.70
C LYS C 239 -12.35 25.86 -4.89
N PHE C 240 -12.25 26.63 -3.82
CA PHE C 240 -12.54 28.04 -3.88
C PHE C 240 -11.48 28.83 -3.17
N THR C 241 -11.25 30.07 -3.65
CA THR C 241 -10.36 31.00 -2.95
C THR C 241 -11.02 31.44 -1.64
N LYS C 242 -10.20 32.04 -0.77
CA LYS C 242 -10.68 32.58 0.51
C LYS C 242 -11.67 33.71 0.26
N TYR C 243 -11.41 34.56 -0.73
CA TYR C 243 -12.17 35.78 -0.98
C TYR C 243 -12.66 35.84 -2.42
N ASN C 244 -13.34 36.93 -2.77
CA ASN C 244 -13.75 37.10 -4.15
C ASN C 244 -12.52 37.09 -5.06
N GLN C 245 -12.75 36.77 -6.31
CA GLN C 245 -11.68 36.63 -7.27
C GLN C 245 -10.69 37.80 -7.35
N TYR C 246 -11.19 38.99 -7.24
CA TYR C 246 -10.30 40.12 -7.41
C TYR C 246 -9.28 40.17 -6.28
N GLU C 247 -9.75 39.96 -5.05
CA GLU C 247 -8.88 39.93 -3.88
C GLU C 247 -7.97 38.68 -3.86
N SER C 248 -8.43 37.56 -4.39
CA SER C 248 -7.69 36.31 -4.20
C SER C 248 -6.81 35.95 -5.38
N LEU C 249 -7.13 36.43 -6.58
CA LEU C 249 -6.34 36.07 -7.74
C LEU C 249 -5.72 37.27 -8.42
N VAL C 250 -6.52 38.31 -8.63
CA VAL C 250 -6.08 39.47 -9.38
C VAL C 250 -5.12 40.31 -8.57
N LEU C 251 -5.50 40.68 -7.37
CA LEU C 251 -4.66 41.59 -6.60
C LEU C 251 -3.31 40.98 -6.30
N PRO C 252 -3.17 39.68 -6.00
CA PRO C 252 -1.82 39.09 -5.90
C PRO C 252 -1.00 39.21 -7.19
N MET C 253 -1.62 39.04 -8.35
CA MET C 253 -0.88 39.25 -9.58
C MET C 253 -0.48 40.70 -9.74
N VAL C 254 -1.37 41.62 -9.40
CA VAL C 254 -1.04 43.01 -9.62
C VAL C 254 0.14 43.41 -8.76
N GLU C 255 0.18 42.95 -7.51
CA GLU C 255 1.32 43.31 -6.67
C GLU C 255 2.61 42.60 -7.13
N TYR C 256 2.49 41.39 -7.67
CA TYR C 256 3.66 40.75 -8.25
C TYR C 256 4.19 41.60 -9.40
N LEU C 257 3.29 41.99 -10.30
CA LEU C 257 3.66 42.79 -11.46
C LEU C 257 4.22 44.15 -11.06
N LYS C 258 3.58 44.83 -10.12
CA LYS C 258 4.10 46.14 -9.72
C LYS C 258 5.42 46.02 -8.98
N SER C 259 5.63 44.94 -8.22
CA SER C 259 6.92 44.77 -7.56
C SER C 259 8.05 44.58 -8.57
N HIS C 260 7.72 44.16 -9.78
CA HIS C 260 8.70 43.93 -10.82
C HIS C 260 8.75 45.07 -11.81
N GLY C 261 8.18 46.21 -11.49
CA GLY C 261 8.30 47.39 -12.33
C GLY C 261 7.39 47.44 -13.52
N VAL C 262 6.31 46.66 -13.51
CA VAL C 262 5.44 46.64 -14.67
C VAL C 262 4.66 47.94 -14.73
N GLN C 263 4.34 48.37 -15.95
CA GLN C 263 3.65 49.62 -16.20
C GLN C 263 2.17 49.34 -16.43
N PHE C 264 1.33 49.98 -15.62
CA PHE C 264 -0.11 49.97 -15.83
C PHE C 264 -0.50 51.33 -16.35
N GLU C 265 -1.20 51.35 -17.48
CA GLU C 265 -1.66 52.58 -18.13
C GLU C 265 -3.18 52.56 -18.15
N TYR C 266 -3.76 53.50 -17.41
CA TYR C 266 -5.19 53.68 -17.29
C TYR C 266 -5.69 54.73 -18.27
N ASP C 267 -7.00 54.73 -18.45
CA ASP C 267 -7.66 55.63 -19.38
C ASP C 267 -7.30 55.31 -20.82
N VAL C 268 -7.01 54.05 -21.12
CA VAL C 268 -6.60 53.65 -22.45
C VAL C 268 -7.64 52.70 -23.02
N LYS C 269 -8.32 53.12 -24.07
CA LYS C 269 -9.23 52.28 -24.81
C LYS C 269 -8.56 51.97 -26.14
N VAL C 270 -8.35 50.69 -26.42
CA VAL C 270 -7.79 50.29 -27.68
C VAL C 270 -8.95 50.13 -28.66
N GLU C 271 -8.90 50.89 -29.76
CA GLU C 271 -9.93 50.81 -30.79
C GLU C 271 -9.57 49.86 -31.95
N ASP C 272 -8.29 49.77 -32.31
CA ASP C 272 -7.88 48.88 -33.40
C ASP C 272 -6.38 48.65 -33.28
N ILE C 273 -5.91 47.65 -34.00
CA ILE C 273 -4.50 47.35 -34.15
C ILE C 273 -4.26 47.15 -35.64
N LYS C 274 -3.40 47.98 -36.22
CA LYS C 274 -3.00 47.78 -37.61
C LYS C 274 -2.06 46.57 -37.70
N ILE C 275 -2.46 45.57 -38.47
CA ILE C 275 -1.67 44.37 -38.66
C ILE C 275 -1.36 44.28 -40.13
N ASP C 276 -0.08 44.30 -40.46
CA ASP C 276 0.37 43.95 -41.81
C ASP C 276 0.33 42.44 -41.94
N VAL C 277 -0.53 41.95 -42.82
CA VAL C 277 -0.73 40.54 -43.10
C VAL C 277 -0.16 40.26 -44.48
N THR C 278 0.80 39.34 -44.57
CA THR C 278 1.45 39.03 -45.82
C THR C 278 1.61 37.52 -45.95
N THR C 279 2.09 37.10 -47.12
CA THR C 279 2.30 35.68 -47.40
C THR C 279 2.93 34.95 -46.22
N SER C 280 4.07 35.47 -45.74
CA SER C 280 4.88 34.76 -44.75
C SER C 280 4.86 35.38 -43.36
N GLN C 281 4.05 36.40 -43.12
CA GLN C 281 4.17 37.12 -41.86
C GLN C 281 2.88 37.87 -41.55
N LYS C 282 2.53 37.87 -40.27
CA LYS C 282 1.54 38.80 -39.72
C LYS C 282 2.26 39.61 -38.67
N ILE C 283 2.26 40.91 -38.81
CA ILE C 283 2.95 41.75 -37.86
C ILE C 283 2.01 42.84 -37.40
N ALA C 284 1.89 43.01 -36.09
CA ALA C 284 1.25 44.21 -35.53
C ALA C 284 2.20 45.38 -35.75
N ARG C 285 1.68 46.45 -36.35
CA ARG C 285 2.41 47.68 -36.62
C ARG C 285 1.99 48.86 -35.74
N GLU C 286 0.72 48.93 -35.34
CA GLU C 286 0.26 50.07 -34.63
C GLU C 286 -0.95 49.80 -33.75
N ILE C 287 -0.94 50.36 -32.57
CA ILE C 287 -2.06 50.27 -31.64
C ILE C 287 -2.79 51.61 -31.67
N LEU C 288 -4.03 51.61 -32.16
CA LEU C 288 -4.85 52.82 -32.23
C LEU C 288 -5.69 52.95 -30.96
N ILE C 289 -5.43 53.99 -30.17
CA ILE C 289 -6.00 54.07 -28.84
C ILE C 289 -6.68 55.42 -28.63
N ASP C 290 -7.62 55.42 -27.70
CA ASP C 290 -8.10 56.63 -27.06
C ASP C 290 -7.52 56.66 -25.64
N ARG C 291 -6.62 57.61 -25.40
CA ARG C 291 -5.99 57.80 -24.10
C ARG C 291 -6.55 59.07 -23.47
N ASN C 292 -7.51 58.89 -22.57
CA ASN C 292 -8.16 60.01 -21.88
C ASN C 292 -8.60 61.05 -22.91
N GLY C 293 -9.53 60.63 -23.76
CA GLY C 293 -10.10 61.52 -24.75
C GLY C 293 -9.30 61.71 -26.01
N ASN C 294 -7.98 61.68 -25.92
CA ASN C 294 -7.13 61.99 -27.07
C ASN C 294 -6.90 60.75 -27.92
N ALA C 295 -7.11 60.88 -29.23
CA ALA C 295 -6.77 59.82 -30.15
C ALA C 295 -5.26 59.75 -30.26
N GLU C 296 -4.68 58.60 -29.92
CA GLU C 296 -3.23 58.43 -29.90
C GLU C 296 -2.88 57.12 -30.57
N SER C 297 -1.58 56.92 -30.76
CA SER C 297 -1.10 55.80 -31.54
C SER C 297 0.23 55.33 -30.98
N ILE C 298 0.27 54.09 -30.54
CA ILE C 298 1.52 53.46 -30.13
C ILE C 298 2.07 52.69 -31.32
N LYS C 299 3.25 53.08 -31.81
CA LYS C 299 3.87 52.41 -32.93
C LYS C 299 4.62 51.18 -32.44
N LEU C 300 4.53 50.11 -33.21
CA LEU C 300 5.10 48.82 -32.86
C LEU C 300 6.19 48.41 -33.84
N THR C 301 7.18 47.69 -33.34
CA THR C 301 8.08 46.91 -34.18
C THR C 301 7.77 45.43 -34.00
N ILE C 302 8.43 44.60 -34.79
CA ILE C 302 8.26 43.17 -34.62
C ILE C 302 8.69 42.74 -33.23
N ASN C 303 9.53 43.54 -32.57
CA ASN C 303 9.98 43.17 -31.24
C ASN C 303 9.09 43.68 -30.11
N ASP C 304 8.01 44.37 -30.41
CA ASP C 304 7.02 44.76 -29.40
C ASP C 304 5.85 43.82 -29.55
N LEU C 305 5.66 42.95 -28.55
CA LEU C 305 4.58 41.98 -28.60
C LEU C 305 3.26 42.61 -28.15
N VAL C 306 2.18 42.20 -28.78
CA VAL C 306 0.85 42.64 -28.40
C VAL C 306 0.02 41.41 -28.09
N PHE C 307 -0.61 41.41 -26.91
CA PHE C 307 -1.51 40.34 -26.48
C PHE C 307 -2.92 40.89 -26.44
N VAL C 308 -3.80 40.30 -27.23
CA VAL C 308 -5.18 40.75 -27.36
C VAL C 308 -6.11 39.76 -26.67
N THR C 309 -6.84 40.21 -25.66
CA THR C 309 -7.96 39.44 -25.13
C THR C 309 -9.17 39.77 -26.00
N ASN C 310 -9.48 38.91 -26.96
CA ASN C 310 -10.51 39.18 -27.96
C ASN C 310 -11.88 38.81 -27.40
N GLY C 311 -12.80 39.78 -27.39
CA GLY C 311 -14.13 39.59 -26.84
C GLY C 311 -14.13 39.58 -25.32
N SER C 312 -15.33 39.67 -24.76
CA SER C 312 -15.51 39.77 -23.32
C SER C 312 -16.94 39.38 -22.96
N ILE C 313 -17.07 38.52 -21.95
CA ILE C 313 -18.43 38.19 -21.50
C ILE C 313 -19.04 39.23 -20.57
N THR C 314 -18.23 40.15 -20.03
CA THR C 314 -18.68 41.17 -19.09
C THR C 314 -18.79 42.54 -19.74
N GLU C 315 -18.34 42.68 -20.98
CA GLU C 315 -18.47 43.95 -21.67
C GLU C 315 -19.92 44.42 -21.63
N SER C 316 -20.10 45.75 -21.54
CA SER C 316 -21.42 46.39 -21.58
C SER C 316 -22.31 45.97 -20.44
N SER C 317 -21.74 45.46 -19.37
CA SER C 317 -22.55 45.13 -18.21
C SER C 317 -23.17 46.37 -17.60
N THR C 318 -24.43 46.27 -17.18
CA THR C 318 -25.09 47.36 -16.50
C THR C 318 -25.48 46.89 -15.12
N TYR C 319 -25.62 47.84 -14.21
CA TYR C 319 -26.03 47.58 -12.84
C TYR C 319 -27.33 48.30 -12.47
N GLY C 320 -28.11 47.62 -11.65
CA GLY C 320 -29.28 48.19 -11.01
C GLY C 320 -29.06 48.26 -9.53
N ASP C 321 -30.13 48.24 -8.74
CA ASP C 321 -29.95 48.28 -7.31
C ASP C 321 -31.15 47.64 -6.64
N ASN C 322 -31.33 47.88 -5.35
CA ASN C 322 -32.43 47.21 -4.66
C ASN C 322 -33.79 47.62 -5.17
N ASP C 323 -33.88 48.78 -5.84
CA ASP C 323 -35.13 49.34 -6.31
C ASP C 323 -35.20 49.44 -7.82
N THR C 324 -34.12 49.14 -8.53
CA THR C 324 -34.01 49.41 -9.95
C THR C 324 -33.48 48.18 -10.68
N PRO C 325 -34.10 47.78 -11.79
CA PRO C 325 -33.49 46.70 -12.56
C PRO C 325 -32.21 47.16 -13.24
N ALA C 326 -31.27 46.22 -13.40
CA ALA C 326 -30.11 46.47 -14.27
C ALA C 326 -30.59 46.66 -15.69
N PRO C 327 -30.43 47.82 -16.30
CA PRO C 327 -31.14 48.09 -17.59
C PRO C 327 -30.57 47.28 -18.74
N PRO C 328 -31.40 46.55 -19.47
CA PRO C 328 -30.87 45.74 -20.57
C PRO C 328 -30.19 46.58 -21.65
N THR C 329 -29.17 45.98 -22.26
CA THR C 329 -28.42 46.63 -23.31
C THR C 329 -28.02 45.62 -24.38
N ASP C 330 -27.79 46.15 -25.59
CA ASP C 330 -27.19 45.43 -26.71
C ASP C 330 -25.86 46.03 -27.15
N GLU C 331 -25.33 47.01 -26.43
CA GLU C 331 -24.11 47.69 -26.85
C GLU C 331 -22.94 46.73 -27.05
N LEU C 332 -22.27 46.89 -28.18
CA LEU C 332 -20.92 46.35 -28.40
C LEU C 332 -19.93 47.31 -27.77
N GLY C 333 -19.40 46.98 -26.61
CA GLY C 333 -18.44 47.87 -26.01
C GLY C 333 -17.09 47.83 -26.71
N GLY C 334 -16.04 48.19 -25.98
CA GLY C 334 -14.73 48.27 -26.59
C GLY C 334 -14.21 46.93 -27.05
N SER C 335 -14.40 45.89 -26.22
CA SER C 335 -13.74 44.62 -26.50
C SER C 335 -14.27 44.02 -27.81
N TRP C 336 -15.59 43.96 -27.96
CA TRP C 336 -16.19 43.38 -29.16
C TRP C 336 -15.94 44.23 -30.39
N THR C 337 -15.85 45.54 -30.24
CA THR C 337 -15.49 46.40 -31.36
C THR C 337 -14.05 46.14 -31.79
N LEU C 338 -13.13 46.03 -30.83
CA LEU C 338 -11.74 45.74 -31.18
C LEU C 338 -11.61 44.45 -31.97
N TRP C 339 -12.34 43.39 -31.56
CA TRP C 339 -12.21 42.11 -32.24
C TRP C 339 -12.79 42.19 -33.64
N LYS C 340 -13.95 42.82 -33.79
CA LYS C 340 -14.51 42.98 -35.12
C LYS C 340 -13.53 43.71 -36.03
N ASN C 341 -12.88 44.74 -35.52
CA ASN C 341 -11.91 45.50 -36.30
C ASN C 341 -10.69 44.65 -36.66
N LEU C 342 -10.28 43.73 -35.79
CA LEU C 342 -9.20 42.81 -36.14
C LEU C 342 -9.67 41.75 -37.13
N ALA C 343 -10.88 41.23 -36.92
CA ALA C 343 -11.40 40.20 -37.80
C ALA C 343 -11.45 40.66 -39.25
N ARG C 344 -11.63 41.98 -39.45
CA ARG C 344 -11.70 42.53 -40.80
C ARG C 344 -10.38 42.37 -41.54
N GLN C 345 -9.26 42.30 -40.82
CA GLN C 345 -7.96 42.32 -41.48
C GLN C 345 -7.45 40.94 -41.84
N SER C 346 -8.14 39.87 -41.43
CA SER C 346 -7.75 38.51 -41.76
C SER C 346 -8.77 37.52 -41.22
N PRO C 347 -9.13 36.49 -41.99
CA PRO C 347 -10.05 35.47 -41.44
C PRO C 347 -9.41 34.61 -40.37
N GLU C 348 -8.09 34.59 -40.26
CA GLU C 348 -7.42 33.85 -39.21
C GLU C 348 -7.62 34.49 -37.84
N PHE C 349 -8.21 35.67 -37.78
CA PHE C 349 -8.45 36.36 -36.53
C PHE C 349 -9.85 36.09 -36.00
N GLY C 350 -10.61 35.20 -36.62
CA GLY C 350 -11.83 34.69 -36.04
C GLY C 350 -13.05 35.48 -36.47
N ASN C 351 -14.20 35.01 -35.96
CA ASN C 351 -15.54 35.51 -36.29
C ASN C 351 -16.20 35.96 -34.99
N PRO C 352 -15.99 37.22 -34.59
CA PRO C 352 -16.62 37.67 -33.32
C PRO C 352 -18.13 37.63 -33.35
N ASP C 353 -18.74 37.68 -34.54
CA ASP C 353 -20.20 37.73 -34.64
C ASP C 353 -20.84 36.44 -34.16
N LYS C 354 -20.13 35.30 -34.27
CA LYS C 354 -20.72 34.05 -33.84
C LYS C 354 -20.98 34.01 -32.34
N PHE C 355 -20.37 34.93 -31.60
CA PHE C 355 -20.37 34.98 -30.15
C PHE C 355 -21.12 36.18 -29.59
N CYS C 356 -20.99 37.37 -30.16
CA CYS C 356 -21.70 38.53 -29.62
C CYS C 356 -23.00 38.86 -30.33
N GLN C 357 -23.36 38.15 -31.40
CA GLN C 357 -24.60 38.43 -32.10
C GLN C 357 -25.60 37.30 -31.94
N ASN C 358 -26.84 37.60 -32.24
CA ASN C 358 -27.92 36.61 -32.22
C ASN C 358 -27.91 35.78 -30.93
N ILE C 359 -27.60 36.42 -29.81
CA ILE C 359 -27.78 35.83 -28.50
C ILE C 359 -29.28 35.75 -28.18
N PRO C 360 -29.84 34.55 -27.96
CA PRO C 360 -31.28 34.47 -27.68
C PRO C 360 -31.70 35.27 -26.46
N LYS C 361 -32.91 35.78 -26.52
CA LYS C 361 -33.42 36.55 -25.40
C LYS C 361 -33.83 35.71 -24.18
N LYS C 362 -33.91 34.39 -24.31
CA LYS C 362 -34.09 33.50 -23.16
C LYS C 362 -32.79 33.27 -22.42
N SER C 363 -31.65 33.64 -23.00
CA SER C 363 -30.35 33.37 -22.41
C SER C 363 -30.23 34.03 -21.05
N TRP C 364 -29.43 33.40 -20.19
CA TRP C 364 -28.89 34.07 -19.01
C TRP C 364 -28.34 35.45 -19.34
N PHE C 365 -28.83 36.45 -18.60
CA PHE C 365 -28.31 37.79 -18.63
C PHE C 365 -28.08 38.34 -17.24
N VAL C 366 -28.94 38.05 -16.29
CA VAL C 366 -28.93 38.72 -14.99
C VAL C 366 -28.36 37.79 -13.94
N SER C 367 -27.45 38.29 -13.13
CA SER C 367 -27.13 37.76 -11.81
C SER C 367 -27.40 38.86 -10.80
N ALA C 368 -27.36 38.48 -9.53
CA ALA C 368 -27.58 39.43 -8.46
C ALA C 368 -26.79 39.00 -7.24
N THR C 369 -26.40 39.99 -6.45
CA THR C 369 -25.75 39.77 -5.16
C THR C 369 -26.65 40.34 -4.08
N SER C 370 -27.16 39.47 -3.22
CA SER C 370 -28.10 39.83 -2.16
C SER C 370 -27.40 39.75 -0.82
N THR C 371 -27.25 40.89 -0.13
CA THR C 371 -26.50 40.97 1.12
C THR C 371 -27.44 41.25 2.29
N THR C 372 -27.32 40.46 3.35
CA THR C 372 -28.18 40.65 4.50
C THR C 372 -27.46 40.26 5.79
N ASN C 373 -27.85 40.89 6.89
CA ASN C 373 -27.51 40.41 8.23
C ASN C 373 -28.73 39.87 8.96
N ASN C 374 -29.83 39.70 8.24
CA ASN C 374 -31.10 39.32 8.85
C ASN C 374 -31.08 37.86 9.29
N LYS C 375 -31.41 37.61 10.55
CA LYS C 375 -31.28 36.25 11.07
C LYS C 375 -32.35 35.32 10.50
N GLU C 376 -33.52 35.84 10.07
CA GLU C 376 -34.53 34.91 9.57
C GLU C 376 -34.11 34.35 8.21
N ILE C 377 -33.56 35.20 7.35
CA ILE C 377 -33.03 34.73 6.07
C ILE C 377 -31.87 33.80 6.30
N ILE C 378 -30.90 34.22 7.09
CA ILE C 378 -29.72 33.39 7.35
C ILE C 378 -30.14 32.05 7.94
N ASP C 379 -31.11 32.06 8.86
CA ASP C 379 -31.55 30.80 9.48
C ASP C 379 -32.30 29.96 8.48
N THR C 380 -33.03 30.61 7.59
CA THR C 380 -33.71 29.86 6.54
C THR C 380 -32.69 29.14 5.67
N ILE C 381 -31.65 29.84 5.24
CA ILE C 381 -30.58 29.19 4.47
C ILE C 381 -29.95 28.07 5.29
N GLU C 382 -29.60 28.35 6.53
CA GLU C 382 -29.00 27.29 7.35
C GLU C 382 -29.87 26.03 7.32
N SER C 383 -31.19 26.18 7.44
CA SER C 383 -32.05 25.01 7.43
C SER C 383 -31.98 24.25 6.09
N ILE C 384 -31.59 24.90 5.02
CA ILE C 384 -31.53 24.24 3.72
C ILE C 384 -30.15 23.63 3.48
N CYS C 385 -29.11 24.43 3.61
CA CYS C 385 -27.77 23.96 3.28
C CYS C 385 -27.12 23.20 4.43
N LYS C 386 -27.77 23.23 5.60
CA LYS C 386 -27.41 22.51 6.82
C LYS C 386 -26.18 23.08 7.49
N ARG C 387 -25.68 24.24 7.06
CA ARG C 387 -24.51 24.85 7.69
C ARG C 387 -24.80 26.28 8.07
N ASP C 388 -24.10 26.74 9.12
CA ASP C 388 -24.16 28.13 9.54
C ASP C 388 -23.51 29.03 8.51
N PRO C 389 -24.26 29.88 7.81
CA PRO C 389 -23.63 30.77 6.82
C PRO C 389 -22.59 31.70 7.42
N LEU C 390 -22.67 31.99 8.71
CA LEU C 390 -21.79 32.99 9.30
C LEU C 390 -20.56 32.37 9.97
N ALA C 391 -20.40 31.05 9.89
CA ALA C 391 -19.26 30.45 10.60
C ALA C 391 -17.92 30.75 9.95
N GLY C 392 -17.90 31.06 8.66
CA GLY C 392 -16.67 31.39 7.96
C GLY C 392 -16.11 30.25 7.14
N LYS C 393 -16.85 29.17 6.98
CA LYS C 393 -16.50 27.96 6.27
C LYS C 393 -17.49 27.77 5.15
N THR C 394 -17.38 26.64 4.44
CA THR C 394 -18.34 26.31 3.39
C THR C 394 -19.75 26.52 3.87
N VAL C 395 -20.61 27.02 2.99
CA VAL C 395 -22.02 27.20 3.32
C VAL C 395 -22.86 26.33 2.40
N THR C 396 -23.05 26.75 1.16
CA THR C 396 -23.77 25.94 0.18
C THR C 396 -22.83 25.03 -0.60
N GLY C 397 -21.52 25.30 -0.54
CA GLY C 397 -20.55 24.46 -1.23
C GLY C 397 -20.71 24.54 -2.73
N GLY C 398 -21.25 25.66 -3.20
CA GLY C 398 -21.59 25.88 -4.58
C GLY C 398 -23.08 26.04 -4.72
N ILE C 399 -23.51 26.22 -5.96
CA ILE C 399 -24.92 26.61 -6.16
C ILE C 399 -25.88 25.56 -5.60
N ILE C 400 -27.01 26.04 -5.06
CA ILE C 400 -28.22 25.25 -4.92
C ILE C 400 -29.15 25.61 -6.08
N THR C 401 -29.71 24.61 -6.74
CA THR C 401 -30.56 24.82 -7.89
C THR C 401 -31.99 24.64 -7.45
N ILE C 402 -32.85 25.57 -7.86
CA ILE C 402 -34.28 25.51 -7.62
C ILE C 402 -34.88 24.88 -8.87
N ASN C 403 -35.08 23.56 -8.83
CA ASN C 403 -35.30 22.82 -10.05
C ASN C 403 -36.60 23.23 -10.73
N ASP C 404 -37.61 23.63 -9.95
CA ASP C 404 -38.96 23.92 -10.42
C ASP C 404 -39.25 25.42 -10.48
N SER C 405 -38.21 26.24 -10.55
CA SER C 405 -38.38 27.68 -10.67
C SER C 405 -38.51 28.04 -12.14
N ALA C 406 -39.51 28.86 -12.47
CA ALA C 406 -39.69 29.27 -13.85
C ALA C 406 -38.40 29.86 -14.42
N TRP C 407 -37.68 30.62 -13.62
CA TRP C 407 -36.49 31.27 -14.09
C TRP C 407 -35.32 30.31 -14.29
N GLN C 408 -35.47 29.08 -13.84
CA GLN C 408 -34.35 28.16 -13.63
C GLN C 408 -33.22 28.87 -12.90
N MET C 409 -33.49 29.17 -11.65
CA MET C 409 -32.61 29.96 -10.82
C MET C 409 -31.75 29.06 -9.93
N SER C 410 -30.51 29.49 -9.72
CA SER C 410 -29.59 28.85 -8.80
C SER C 410 -28.93 29.95 -7.99
N PHE C 411 -28.40 29.59 -6.83
CA PHE C 411 -27.80 30.60 -5.97
C PHE C 411 -26.71 29.89 -5.18
N THR C 412 -25.64 30.61 -4.88
CA THR C 412 -24.57 30.03 -4.07
C THR C 412 -24.22 31.00 -2.97
N ILE C 413 -23.79 30.46 -1.83
CA ILE C 413 -23.21 31.24 -0.76
C ILE C 413 -21.84 30.65 -0.49
N ASN C 414 -20.79 31.39 -0.82
CA ASN C 414 -19.42 30.95 -0.62
C ASN C 414 -19.04 31.07 0.86
N ARG C 415 -17.82 30.68 1.21
CA ARG C 415 -17.33 31.01 2.54
C ARG C 415 -17.48 32.51 2.79
N GLN C 416 -17.91 32.89 4.00
CA GLN C 416 -18.26 34.27 4.32
C GLN C 416 -17.35 34.84 5.39
N GLN C 417 -16.91 36.10 5.21
CA GLN C 417 -17.38 36.98 4.13
C GLN C 417 -16.41 36.93 2.93
N GLN C 418 -16.94 37.15 1.73
CA GLN C 418 -16.15 37.18 0.52
C GLN C 418 -15.40 38.49 0.32
N PHE C 419 -15.63 39.49 1.17
CA PHE C 419 -15.00 40.81 1.07
C PHE C 419 -14.41 41.13 2.42
N LYS C 420 -13.20 41.65 2.42
CA LYS C 420 -12.48 41.84 3.66
C LYS C 420 -13.01 42.99 4.47
N ASP C 421 -13.72 43.93 3.82
CA ASP C 421 -14.31 45.07 4.49
C ASP C 421 -15.73 44.80 4.94
N GLN C 422 -16.27 43.64 4.70
CA GLN C 422 -17.66 43.38 5.02
C GLN C 422 -17.82 43.04 6.50
N PRO C 423 -18.93 43.48 7.13
CA PRO C 423 -19.15 43.12 8.54
C PRO C 423 -19.30 41.63 8.69
N GLU C 424 -18.87 41.12 9.84
CA GLU C 424 -18.88 39.69 10.12
C GLU C 424 -20.27 39.15 10.42
N ASN C 425 -21.29 39.98 10.52
CA ASN C 425 -22.65 39.51 10.66
C ASN C 425 -23.42 39.51 9.37
N GLU C 426 -22.76 39.66 8.23
CA GLU C 426 -23.42 39.75 6.94
C GLU C 426 -23.02 38.59 6.07
N ILE C 427 -23.97 38.11 5.25
CA ILE C 427 -23.67 37.17 4.19
C ILE C 427 -23.99 37.86 2.88
N SER C 428 -23.36 37.39 1.81
CA SER C 428 -23.73 37.80 0.46
C SER C 428 -23.99 36.55 -0.38
N THR C 429 -25.17 36.47 -0.94
CA THR C 429 -25.63 35.37 -1.76
C THR C 429 -25.55 35.78 -3.22
N TRP C 430 -25.03 34.89 -4.07
CA TRP C 430 -25.00 35.14 -5.50
C TRP C 430 -26.10 34.30 -6.14
N ILE C 431 -26.83 34.91 -7.06
CA ILE C 431 -28.04 34.35 -7.63
C ILE C 431 -27.99 34.57 -9.13
N TYR C 432 -28.33 33.56 -9.91
CA TYR C 432 -28.43 33.72 -11.34
C TYR C 432 -29.63 32.94 -11.83
N ALA C 433 -30.12 33.35 -13.01
CA ALA C 433 -31.22 32.69 -13.70
C ALA C 433 -30.83 32.33 -15.11
N LEU C 434 -31.01 31.07 -15.49
CA LEU C 434 -30.71 30.67 -16.86
C LEU C 434 -31.75 31.12 -17.90
N TYR C 435 -32.98 31.43 -17.49
CA TYR C 435 -34.06 31.80 -18.41
C TYR C 435 -34.47 33.24 -18.10
N SER C 436 -34.29 34.14 -19.09
CA SER C 436 -34.43 35.55 -18.83
C SER C 436 -35.75 36.13 -19.29
N ASP C 437 -36.58 35.35 -19.96
CA ASP C 437 -37.78 35.88 -20.56
C ASP C 437 -39.02 35.14 -20.08
N VAL C 438 -39.02 34.73 -18.81
CA VAL C 438 -40.07 33.89 -18.24
C VAL C 438 -40.52 34.52 -16.94
N ASN C 439 -41.83 34.55 -16.73
CA ASN C 439 -42.38 35.08 -15.50
C ASN C 439 -41.93 34.27 -14.31
N GLY C 440 -41.57 34.95 -13.23
CA GLY C 440 -41.32 34.26 -11.99
C GLY C 440 -42.55 33.50 -11.51
N ASP C 441 -42.33 32.65 -10.52
CA ASP C 441 -43.43 31.96 -9.88
C ASP C 441 -44.08 32.79 -8.78
N TYR C 442 -43.36 33.74 -8.23
CA TYR C 442 -43.89 34.58 -7.18
C TYR C 442 -43.92 36.03 -7.63
N ILE C 443 -42.82 36.50 -8.23
CA ILE C 443 -42.79 37.77 -8.95
C ILE C 443 -42.98 37.42 -10.42
N LYS C 444 -44.19 37.66 -10.92
CA LYS C 444 -44.63 37.18 -12.23
C LYS C 444 -44.15 38.12 -13.34
N LYS C 445 -42.83 38.24 -13.42
CA LYS C 445 -42.11 39.09 -14.38
C LYS C 445 -40.84 38.38 -14.76
N PRO C 446 -40.31 38.58 -15.99
CA PRO C 446 -38.99 38.08 -16.35
C PRO C 446 -37.94 38.79 -15.53
N ILE C 447 -36.84 38.08 -15.25
CA ILE C 447 -35.82 38.62 -14.38
C ILE C 447 -35.31 39.93 -14.94
N THR C 448 -35.31 40.09 -16.27
CA THR C 448 -34.76 41.31 -16.86
C THR C 448 -35.56 42.55 -16.46
N GLU C 449 -36.79 42.39 -16.03
CA GLU C 449 -37.61 43.51 -15.63
C GLU C 449 -37.61 43.70 -14.12
N CYS C 450 -36.83 42.90 -13.41
CA CYS C 450 -36.89 42.94 -11.98
C CYS C 450 -35.80 43.74 -11.28
N SER C 451 -36.19 44.47 -10.24
CA SER C 451 -35.29 45.19 -9.37
C SER C 451 -34.59 44.20 -8.45
N GLY C 452 -33.48 44.63 -7.91
CA GLY C 452 -32.78 43.82 -6.93
C GLY C 452 -33.75 43.19 -5.94
N ASN C 453 -34.69 43.98 -5.40
CA ASN C 453 -35.48 43.44 -4.31
C ASN C 453 -36.47 42.42 -4.82
N GLU C 454 -36.93 42.59 -6.06
CA GLU C 454 -37.83 41.62 -6.66
C GLU C 454 -37.15 40.27 -6.93
N ILE C 455 -35.94 40.29 -7.47
CA ILE C 455 -35.18 39.05 -7.60
C ILE C 455 -35.08 38.36 -6.24
N CYS C 456 -34.69 39.13 -5.22
CA CYS C 456 -34.62 38.58 -3.86
C CYS C 456 -35.96 37.99 -3.41
N GLN C 457 -37.06 38.67 -3.69
CA GLN C 457 -38.35 38.10 -3.26
C GLN C 457 -38.57 36.75 -3.94
N GLU C 458 -38.31 36.66 -5.25
CA GLU C 458 -38.51 35.41 -5.95
C GLU C 458 -37.60 34.34 -5.36
N TRP C 459 -36.39 34.72 -4.99
CA TRP C 459 -35.47 33.77 -4.37
C TRP C 459 -35.99 33.34 -3.01
N LEU C 460 -36.35 34.31 -2.16
CA LEU C 460 -36.90 33.99 -0.84
C LEU C 460 -38.13 33.09 -0.95
N TYR C 461 -38.99 33.37 -1.91
CA TYR C 461 -40.15 32.51 -2.11
C TYR C 461 -39.73 31.06 -2.26
N HIS C 462 -38.75 30.79 -3.13
CA HIS C 462 -38.34 29.43 -3.40
C HIS C 462 -37.52 28.84 -2.27
N LEU C 463 -37.09 29.65 -1.32
CA LEU C 463 -36.48 29.12 -0.12
C LEU C 463 -37.52 28.61 0.87
N GLY C 464 -38.77 29.06 0.77
CA GLY C 464 -39.81 28.65 1.70
C GLY C 464 -40.15 29.67 2.76
N VAL C 465 -39.66 30.90 2.62
CA VAL C 465 -40.04 31.96 3.53
C VAL C 465 -41.56 32.16 3.43
N SER C 466 -42.21 32.40 4.57
CA SER C 466 -43.64 32.65 4.54
C SER C 466 -43.88 33.89 3.70
N THR C 467 -44.87 33.81 2.80
CA THR C 467 -45.13 34.91 1.89
C THR C 467 -45.43 36.20 2.63
N ASP C 468 -46.05 36.09 3.81
CA ASP C 468 -46.28 37.28 4.62
C ASP C 468 -45.01 38.06 4.96
N LYS C 469 -43.84 37.42 4.95
CA LYS C 469 -42.56 38.06 5.30
C LYS C 469 -41.72 38.41 4.07
N ILE C 470 -42.02 37.85 2.90
CA ILE C 470 -41.06 37.93 1.80
C ILE C 470 -40.82 39.37 1.40
N GLU C 471 -41.88 40.17 1.30
CA GLU C 471 -41.69 41.55 0.83
C GLU C 471 -40.78 42.32 1.76
N ASP C 472 -41.03 42.25 3.07
CA ASP C 472 -40.25 43.04 4.02
C ASP C 472 -38.80 42.54 4.10
N LEU C 473 -38.60 41.22 4.05
CA LEU C 473 -37.24 40.71 4.15
C LEU C 473 -36.44 41.05 2.91
N ALA C 474 -37.06 41.09 1.74
CA ALA C 474 -36.34 41.50 0.55
C ALA C 474 -36.13 43.00 0.46
N LYS C 475 -37.06 43.80 0.96
CA LYS C 475 -36.99 45.25 0.77
C LYS C 475 -36.25 45.98 1.88
N HIS C 476 -36.49 45.62 3.14
CA HIS C 476 -35.90 46.33 4.25
C HIS C 476 -34.78 45.57 4.96
N ALA C 477 -34.71 44.25 4.83
CA ALA C 477 -33.67 43.45 5.46
C ALA C 477 -32.53 43.00 4.53
N SER C 478 -32.60 43.29 3.22
CA SER C 478 -31.61 42.80 2.26
C SER C 478 -31.25 43.93 1.31
N ASN C 479 -30.05 43.87 0.75
CA ASN C 479 -29.65 44.76 -0.33
C ASN C 479 -29.18 43.90 -1.49
N THR C 480 -29.95 43.89 -2.57
CA THR C 480 -29.68 43.06 -3.73
C THR C 480 -29.31 43.95 -4.91
N ILE C 481 -28.14 43.69 -5.46
CA ILE C 481 -27.64 44.43 -6.62
C ILE C 481 -27.73 43.49 -7.82
N PRO C 482 -28.61 43.76 -8.79
CA PRO C 482 -28.61 43.00 -10.04
C PRO C 482 -27.60 43.52 -11.06
N VAL C 483 -27.15 42.62 -11.94
CA VAL C 483 -26.24 42.96 -13.02
C VAL C 483 -26.78 42.34 -14.30
N TYR C 484 -26.87 43.13 -15.35
CA TYR C 484 -27.26 42.64 -16.66
C TYR C 484 -25.99 42.54 -17.50
N MET C 485 -25.71 41.34 -18.00
CA MET C 485 -24.51 41.06 -18.78
C MET C 485 -24.90 40.57 -20.15
N PRO C 486 -24.89 41.41 -21.18
CA PRO C 486 -25.38 40.91 -22.47
C PRO C 486 -24.65 39.67 -22.93
N TYR C 487 -23.36 39.55 -22.60
CA TYR C 487 -22.48 38.60 -23.24
C TYR C 487 -22.11 37.46 -22.33
N ILE C 488 -22.80 37.30 -21.18
CA ILE C 488 -22.37 36.33 -20.20
C ILE C 488 -22.44 34.90 -20.71
N THR C 489 -23.27 34.62 -21.72
CA THR C 489 -23.34 33.29 -22.30
C THR C 489 -22.52 33.15 -23.54
N SER C 490 -21.76 34.19 -23.91
CA SER C 490 -21.16 34.23 -25.22
C SER C 490 -20.06 33.17 -25.43
N TYR C 491 -19.41 32.74 -24.36
CA TYR C 491 -18.35 31.75 -24.53
C TYR C 491 -18.87 30.46 -25.15
N PHE C 492 -20.14 30.13 -24.89
CA PHE C 492 -20.74 28.84 -25.19
C PHE C 492 -21.54 28.84 -26.48
N MET C 493 -21.58 29.96 -27.19
CA MET C 493 -22.36 29.99 -28.43
C MET C 493 -21.80 28.96 -29.42
N THR C 494 -22.73 28.31 -30.14
CA THR C 494 -22.37 27.34 -31.17
C THR C 494 -21.34 27.95 -32.08
N ARG C 495 -20.22 27.23 -32.26
CA ARG C 495 -19.11 27.76 -33.02
C ARG C 495 -18.55 26.70 -33.96
N ALA C 496 -17.79 27.18 -34.92
CA ALA C 496 -17.11 26.33 -35.88
C ALA C 496 -15.62 26.57 -35.77
N ILE C 497 -14.86 25.49 -35.87
CA ILE C 497 -13.42 25.62 -35.94
C ILE C 497 -13.06 26.74 -36.88
N GLY C 498 -12.22 27.65 -36.42
CA GLY C 498 -11.90 28.85 -37.14
C GLY C 498 -12.56 30.10 -36.62
N ASP C 499 -13.69 29.98 -35.91
CA ASP C 499 -14.30 31.16 -35.31
C ASP C 499 -13.39 31.81 -34.25
N ARG C 500 -12.63 31.02 -33.49
CA ARG C 500 -11.69 31.53 -32.52
C ARG C 500 -10.28 31.59 -33.12
N PRO C 501 -9.59 32.73 -33.04
CA PRO C 501 -8.22 32.77 -33.56
C PRO C 501 -7.34 31.86 -32.74
N LEU C 502 -6.31 31.32 -33.37
CA LEU C 502 -5.28 30.66 -32.58
C LEU C 502 -4.66 31.66 -31.63
N VAL C 503 -4.14 31.16 -30.52
CA VAL C 503 -3.46 32.01 -29.56
C VAL C 503 -2.36 32.77 -30.27
N VAL C 504 -1.58 32.08 -31.09
CA VAL C 504 -0.67 32.74 -32.02
C VAL C 504 -1.06 32.31 -33.41
N PRO C 505 -1.68 33.19 -34.20
CA PRO C 505 -2.10 32.80 -35.55
C PRO C 505 -0.89 32.39 -36.38
N HIS C 506 -1.18 31.61 -37.42
CA HIS C 506 -0.10 31.14 -38.30
C HIS C 506 0.70 32.32 -38.84
N GLN C 507 1.99 32.31 -38.57
CA GLN C 507 2.97 33.25 -39.07
C GLN C 507 2.91 34.58 -38.35
N SER C 508 2.26 34.64 -37.19
CA SER C 508 2.22 35.89 -36.44
C SER C 508 3.53 36.05 -35.71
N GLN C 509 4.13 37.24 -35.81
CA GLN C 509 5.45 37.51 -35.27
C GLN C 509 5.40 38.17 -33.91
N ASN C 510 4.37 38.99 -33.66
CA ASN C 510 4.30 39.76 -32.43
C ASN C 510 2.85 39.95 -31.97
N LEU C 511 1.95 39.08 -32.38
CA LEU C 511 0.54 39.20 -32.07
C LEU C 511 0.04 37.87 -31.55
N ALA C 512 -0.59 37.91 -30.38
CA ALA C 512 -1.21 36.76 -29.77
C ALA C 512 -2.61 37.14 -29.34
N PHE C 513 -3.49 36.16 -29.37
CA PHE C 513 -4.82 36.27 -28.80
C PHE C 513 -4.89 35.40 -27.57
N ILE C 514 -5.36 35.97 -26.47
CA ILE C 514 -5.50 35.19 -25.25
C ILE C 514 -6.92 35.31 -24.71
N GLY C 515 -7.22 34.46 -23.75
CA GLY C 515 -8.50 34.44 -23.10
C GLY C 515 -9.42 33.41 -23.70
N ASN C 516 -10.68 33.45 -23.27
CA ASN C 516 -11.63 32.39 -23.52
C ASN C 516 -12.32 32.48 -24.89
N PHE C 517 -11.95 33.44 -25.73
CA PHE C 517 -12.34 33.40 -27.14
C PHE C 517 -11.18 33.08 -28.08
N ALA C 518 -10.04 32.63 -27.53
CA ALA C 518 -8.94 32.16 -28.37
C ALA C 518 -8.93 30.64 -28.35
N GLU C 519 -8.31 30.06 -29.39
CA GLU C 519 -8.40 28.63 -29.68
C GLU C 519 -7.15 27.91 -29.17
N THR C 520 -7.34 26.92 -28.32
CA THR C 520 -6.29 25.97 -27.99
C THR C 520 -6.94 24.60 -27.88
N GLU C 521 -6.13 23.55 -27.88
CA GLU C 521 -6.67 22.20 -27.93
C GLU C 521 -7.27 21.75 -26.60
N ARG C 522 -8.42 21.06 -26.71
CA ARG C 522 -9.07 20.26 -25.68
C ARG C 522 -9.64 21.06 -24.50
N ASP C 523 -8.99 22.16 -24.12
CA ASP C 523 -9.38 22.78 -22.86
C ASP C 523 -10.74 23.49 -22.94
N THR C 524 -11.31 23.79 -21.78
CA THR C 524 -12.69 24.26 -21.70
C THR C 524 -12.75 25.73 -21.31
N VAL C 525 -13.55 26.52 -22.05
CA VAL C 525 -13.67 27.93 -21.74
C VAL C 525 -14.66 28.16 -20.59
N PHE C 526 -14.81 29.41 -20.17
CA PHE C 526 -15.51 29.75 -18.93
C PHE C 526 -14.77 29.20 -17.73
N THR C 527 -13.44 29.14 -17.81
CA THR C 527 -12.62 28.73 -16.68
C THR C 527 -11.42 29.64 -16.62
N THR C 528 -10.97 29.97 -15.42
CA THR C 528 -9.74 30.73 -15.29
C THR C 528 -8.56 29.98 -15.88
N GLU C 529 -8.59 28.63 -15.83
CA GLU C 529 -7.47 27.85 -16.38
C GLU C 529 -7.25 28.21 -17.83
N TYR C 530 -8.35 28.34 -18.59
CA TYR C 530 -8.21 28.57 -20.02
C TYR C 530 -7.58 29.91 -20.29
N SER C 531 -7.90 30.89 -19.45
CA SER C 531 -7.26 32.19 -19.55
C SER C 531 -5.76 32.09 -19.32
N VAL C 532 -5.36 31.39 -18.25
CA VAL C 532 -3.93 31.26 -17.93
C VAL C 532 -3.24 30.40 -18.97
N ARG C 533 -3.91 29.34 -19.42
CA ARG C 533 -3.36 28.52 -20.48
C ARG C 533 -3.02 29.36 -21.69
N THR C 534 -4.00 30.09 -22.22
CA THR C 534 -3.73 30.89 -23.41
C THR C 534 -2.60 31.87 -23.14
N ALA C 535 -2.61 32.49 -21.95
CA ALA C 535 -1.57 33.42 -21.60
C ALA C 535 -0.23 32.73 -21.75
N MET C 536 -0.11 31.57 -21.13
CA MET C 536 1.15 30.83 -21.08
C MET C 536 1.60 30.48 -22.49
N GLU C 537 0.66 29.94 -23.28
CA GLU C 537 0.91 29.55 -24.67
C GLU C 537 1.32 30.73 -25.53
N ALA C 538 0.68 31.88 -25.32
CA ALA C 538 1.04 33.06 -26.10
C ALA C 538 2.46 33.49 -25.80
N VAL C 539 2.77 33.65 -24.51
CA VAL C 539 4.08 34.12 -24.12
C VAL C 539 5.17 33.15 -24.58
N TYR C 540 4.95 31.85 -24.39
CA TYR C 540 5.97 30.85 -24.71
C TYR C 540 6.22 30.79 -26.21
N GLN C 541 5.16 30.84 -27.01
CA GLN C 541 5.29 30.82 -28.46
C GLN C 541 6.01 32.07 -28.97
N LEU C 542 5.54 33.27 -28.54
CA LEU C 542 6.05 34.49 -29.13
C LEU C 542 7.49 34.73 -28.76
N LEU C 543 7.92 34.18 -27.62
CA LEU C 543 9.29 34.36 -27.16
C LEU C 543 10.11 33.08 -27.28
N ASN C 544 9.50 32.00 -27.78
CA ASN C 544 10.18 30.73 -27.99
C ASN C 544 10.85 30.25 -26.70
N ILE C 545 10.07 30.27 -25.63
CA ILE C 545 10.58 29.79 -24.35
C ILE C 545 10.70 28.29 -24.42
N ASP C 546 11.84 27.79 -23.97
CA ASP C 546 12.20 26.39 -24.10
C ASP C 546 11.89 25.65 -22.80
N ARG C 547 10.60 25.45 -22.60
CA ARG C 547 10.05 24.68 -21.51
C ARG C 547 8.66 24.18 -21.93
N GLY C 548 8.29 23.02 -21.44
CA GLY C 548 7.01 22.45 -21.83
C GLY C 548 5.83 23.15 -21.18
N ILE C 549 4.72 23.14 -21.88
CA ILE C 549 3.45 23.66 -21.36
C ILE C 549 2.64 22.48 -20.94
N PRO C 550 2.06 22.45 -19.72
CA PRO C 550 1.34 21.25 -19.28
C PRO C 550 0.19 20.96 -20.23
N GLU C 551 0.08 19.73 -20.70
CA GLU C 551 -1.06 19.44 -21.53
C GLU C 551 -2.34 19.55 -20.70
N VAL C 552 -3.48 19.71 -21.39
CA VAL C 552 -4.75 19.48 -20.69
C VAL C 552 -4.65 18.10 -20.02
N ILE C 553 -5.10 18.00 -18.75
CA ILE C 553 -4.92 16.76 -18.01
C ILE C 553 -5.42 15.56 -18.86
N ASN C 554 -4.72 14.43 -18.74
CA ASN C 554 -4.94 13.28 -19.62
C ASN C 554 -6.04 12.35 -19.12
N SER C 555 -6.89 12.81 -18.23
CA SER C 555 -7.93 11.95 -17.69
C SER C 555 -8.78 11.23 -18.73
N PRO C 556 -9.25 11.87 -19.80
CA PRO C 556 -10.09 11.09 -20.75
C PRO C 556 -9.34 9.98 -21.52
N PHE C 557 -8.02 9.90 -21.41
CA PHE C 557 -7.25 8.81 -22.01
C PHE C 557 -6.84 7.79 -20.97
N ASP C 558 -7.32 7.94 -19.74
CA ASP C 558 -6.88 7.14 -18.62
C ASP C 558 -7.92 6.07 -18.31
N LEU C 559 -7.57 4.84 -18.66
CA LEU C 559 -8.41 3.66 -18.44
C LEU C 559 -9.04 3.59 -17.08
N ARG C 560 -8.30 3.98 -16.05
CA ARG C 560 -8.84 3.94 -14.69
C ARG C 560 -9.96 4.94 -14.51
N VAL C 561 -9.74 6.16 -15.03
CA VAL C 561 -10.78 7.19 -15.04
C VAL C 561 -12.00 6.76 -15.88
N LEU C 562 -11.77 6.22 -17.07
CA LEU C 562 -12.90 5.81 -17.89
C LEU C 562 -13.71 4.72 -17.20
N MET C 563 -13.04 3.82 -16.50
CA MET C 563 -13.74 2.79 -15.73
C MET C 563 -14.58 3.40 -14.60
N ASP C 564 -13.97 4.29 -13.82
CA ASP C 564 -14.73 5.01 -12.80
C ASP C 564 -15.94 5.72 -13.40
N ALA C 565 -15.80 6.25 -14.61
CA ALA C 565 -16.87 7.03 -15.23
C ALA C 565 -18.05 6.15 -15.62
N ILE C 566 -17.78 5.00 -16.21
CA ILE C 566 -18.84 4.01 -16.46
C ILE C 566 -19.57 3.65 -15.15
N TYR C 567 -18.80 3.36 -14.10
CA TYR C 567 -19.43 3.02 -12.82
C TYR C 567 -20.33 4.15 -12.35
N GLU C 568 -19.85 5.39 -12.42
CA GLU C 568 -20.57 6.50 -11.81
C GLU C 568 -21.78 6.88 -12.67
N LEU C 569 -21.59 6.89 -13.99
CA LEU C 569 -22.66 7.28 -14.92
C LEU C 569 -23.84 6.33 -14.83
N ASN C 570 -23.58 5.06 -14.52
CA ASN C 570 -24.64 4.07 -14.33
C ASN C 570 -25.07 3.96 -12.88
N ASP C 571 -24.86 5.02 -12.11
CA ASP C 571 -25.30 5.13 -10.70
C ASP C 571 -24.82 3.91 -9.91
N HIS C 572 -23.51 3.73 -9.94
CA HIS C 572 -22.82 2.74 -9.13
C HIS C 572 -23.27 1.32 -9.37
N GLN C 573 -23.46 0.99 -10.64
CA GLN C 573 -23.77 -0.37 -11.03
C GLN C 573 -22.53 -1.02 -11.63
N ASP C 574 -22.18 -2.20 -11.13
CA ASP C 574 -21.18 -3.01 -11.78
C ASP C 574 -21.74 -3.50 -13.11
N LEU C 575 -20.85 -4.07 -13.93
CA LEU C 575 -21.22 -4.41 -15.31
C LEU C 575 -22.35 -5.45 -15.38
N ARG C 576 -22.42 -6.37 -14.42
CA ARG C 576 -23.49 -7.36 -14.49
C ARG C 576 -24.84 -6.69 -14.32
N GLU C 577 -24.94 -5.71 -13.43
CA GLU C 577 -26.19 -4.97 -13.28
C GLU C 577 -26.49 -4.17 -14.54
N ILE C 578 -25.45 -3.63 -15.18
CA ILE C 578 -25.63 -2.75 -16.33
C ILE C 578 -26.26 -3.50 -17.49
N THR C 579 -25.89 -4.76 -17.67
CA THR C 579 -26.27 -5.52 -18.86
C THR C 579 -27.47 -6.44 -18.61
N LYS C 580 -28.08 -6.38 -17.42
CA LYS C 580 -29.18 -7.29 -17.10
C LYS C 580 -30.27 -7.25 -18.16
N ASP C 581 -30.55 -6.07 -18.69
CA ASP C 581 -31.72 -5.90 -19.53
C ASP C 581 -31.54 -6.46 -20.92
N SER C 582 -30.32 -6.43 -21.45
CA SER C 582 -30.05 -6.80 -22.82
C SER C 582 -29.46 -8.21 -22.82
N LYS C 583 -30.29 -9.20 -23.14
CA LYS C 583 -29.82 -10.57 -23.20
C LYS C 583 -28.61 -10.70 -24.12
N MET C 584 -28.48 -9.85 -25.14
CA MET C 584 -27.27 -9.94 -25.96
C MET C 584 -26.09 -9.28 -25.28
N GLN C 585 -26.30 -8.12 -24.63
CA GLN C 585 -25.21 -7.58 -23.83
C GLN C 585 -24.85 -8.51 -22.68
N LYS C 586 -25.86 -9.08 -22.02
CA LYS C 586 -25.63 -10.11 -21.01
C LYS C 586 -24.75 -11.22 -21.55
N LEU C 587 -24.76 -11.39 -22.86
CA LEU C 587 -23.96 -12.41 -23.54
C LEU C 587 -22.57 -11.90 -23.86
N ALA C 588 -22.47 -10.77 -24.55
CA ALA C 588 -21.17 -10.18 -24.85
C ALA C 588 -20.34 -10.04 -23.59
N LEU C 589 -20.98 -9.61 -22.49
CA LEU C 589 -20.30 -9.55 -21.20
C LEU C 589 -19.91 -10.95 -20.74
N ALA C 590 -20.76 -11.94 -21.00
CA ALA C 590 -20.41 -13.32 -20.64
C ALA C 590 -19.10 -13.74 -21.28
N GLY C 591 -18.86 -13.33 -22.51
CA GLY C 591 -17.67 -13.71 -23.22
C GLY C 591 -16.47 -12.96 -22.75
N PHE C 592 -16.60 -11.63 -22.74
CA PHE C 592 -15.51 -10.79 -22.24
C PHE C 592 -14.95 -11.34 -20.93
N LEU C 593 -15.85 -11.73 -20.03
CA LEU C 593 -15.44 -12.07 -18.67
C LEU C 593 -14.62 -13.34 -18.64
N LYS C 594 -14.92 -14.30 -19.52
CA LYS C 594 -14.11 -15.51 -19.57
C LYS C 594 -12.79 -15.28 -20.28
N LYS C 595 -12.76 -14.36 -21.26
CA LYS C 595 -11.48 -13.98 -21.84
C LYS C 595 -10.55 -13.33 -20.82
N ILE C 596 -11.11 -12.68 -19.79
CA ILE C 596 -10.31 -11.90 -18.85
C ILE C 596 -10.34 -12.52 -17.46
N LYS C 597 -10.95 -13.69 -17.29
CA LYS C 597 -11.02 -14.32 -15.98
C LYS C 597 -9.60 -14.57 -15.47
N GLY C 598 -9.34 -14.16 -14.23
CA GLY C 598 -8.05 -14.36 -13.60
C GLY C 598 -6.93 -13.47 -14.07
N THR C 599 -7.21 -12.39 -14.78
CA THR C 599 -6.17 -11.53 -15.31
C THR C 599 -6.19 -10.17 -14.64
N TYR C 600 -5.15 -9.39 -14.94
CA TYR C 600 -5.05 -8.03 -14.45
C TYR C 600 -6.27 -7.21 -14.82
N ILE C 601 -6.84 -7.44 -16.01
CA ILE C 601 -8.00 -6.66 -16.42
C ILE C 601 -9.16 -6.86 -15.47
N GLU C 602 -9.42 -8.12 -15.10
CA GLU C 602 -10.44 -8.40 -14.11
C GLU C 602 -10.15 -7.65 -12.83
N SER C 603 -8.90 -7.73 -12.33
CA SER C 603 -8.56 -7.07 -11.06
C SER C 603 -8.81 -5.57 -11.12
N LEU C 604 -8.39 -4.92 -12.21
CA LEU C 604 -8.66 -3.51 -12.38
C LEU C 604 -10.16 -3.22 -12.33
N LEU C 605 -10.97 -4.05 -13.01
CA LEU C 605 -12.41 -3.82 -13.06
C LEU C 605 -13.04 -3.95 -11.68
N LYS C 606 -12.56 -4.90 -10.88
CA LYS C 606 -13.06 -5.05 -9.53
C LYS C 606 -12.61 -3.89 -8.67
N GLU C 607 -11.38 -3.45 -8.86
CA GLU C 607 -10.88 -2.32 -8.09
C GLU C 607 -11.70 -1.07 -8.38
N HIS C 608 -12.20 -0.94 -9.60
CA HIS C 608 -13.00 0.20 -10.00
C HIS C 608 -14.49 -0.11 -10.00
N LYS C 609 -14.86 -1.25 -9.41
CA LYS C 609 -16.22 -1.63 -9.03
C LYS C 609 -17.12 -1.97 -10.21
N LEU C 610 -16.54 -2.25 -11.36
CA LEU C 610 -17.33 -2.78 -12.44
C LEU C 610 -17.49 -4.30 -12.36
N LEU C 611 -16.78 -4.98 -11.46
CA LEU C 611 -17.05 -6.40 -11.13
C LEU C 611 -16.92 -6.70 -9.61
C4 WAD D . 15.59 3.42 -17.94
C5 WAD D . 16.23 3.48 -16.54
C6 WAD D . 17.70 3.15 -16.62
C13 WAD D . 23.25 -1.32 -15.63
C15 WAD D . 23.77 -0.88 -18.08
CA WAD D . 22.59 1.04 -19.22
C WAD D . 21.71 2.22 -18.87
O WAD D . 20.53 2.23 -19.31
CB WAD D . 23.36 0.59 -17.97
CD1 WAD D . 18.18 2.32 -15.41
CD2 WAD D . 20.88 -0.31 -15.33
CE1 WAD D . 18.08 0.85 -15.78
CE2 WAD D . 19.87 -0.02 -14.21
CZ WAD D . 18.41 -0.10 -14.63
OH WAD D . 18.02 -1.43 -14.95
C1 WAD D . 14.29 3.36 -20.41
C12 WAD D . 21.95 -1.29 -14.84
C14 WAD D . 22.98 -1.72 -17.08
C2 WAD D . 13.97 4.58 -19.55
C3 WAD D . 14.83 4.70 -18.30
O2 WAD D . 22.17 3.15 -18.13
H9 WAD D . 16.29 3.28 -18.59
H8 WAD D . 14.96 2.67 -17.97
H10 WAD D . 15.78 2.83 -15.96
H11 WAD D . 16.11 4.37 -16.18
H13 WAD D . 18.21 3.97 -16.65
H12 WAD D . 17.87 2.64 -17.42
H25 WAD D . 23.66 -0.44 -15.63
H26 WAD D . 23.86 -1.97 -15.23
H30 WAD D . 24.73 -0.97 -17.90
H29 WAD D . 23.59 -1.20 -18.98
H34 WAD D . 23.23 1.30 -19.91
H33 WAD D . 22.05 0.31 -19.55
H32 WAD D . 22.78 0.69 -17.19
H31 WAD D . 24.15 1.14 -17.86
H14 WAD D . 17.61 2.50 -14.65
H15 WAD D . 19.09 2.55 -15.19
H22 WAD D . 21.30 0.52 -15.61
H21 WAD D . 20.41 -0.70 -16.09
H16 WAD D . 18.70 0.66 -16.51
H17 WAD D . 17.17 0.66 -16.09
H20 WAD D . 20.03 -0.66 -13.50
H19 WAD D . 20.05 0.88 -13.87
H18 WAD D . 17.88 0.20 -13.85
H35 WAD D . 17.21 -1.44 -15.21
H3 WAD D . 13.77 3.39 -21.23
H1 WAD D . 14.07 2.55 -19.93
H2 WAD D . 15.24 3.36 -20.63
H24 WAD D . 21.57 -2.18 -14.85
H23 WAD D . 22.16 -1.05 -13.92
H27 WAD D . 23.22 -2.65 -17.19
H28 WAD D . 22.03 -1.62 -17.25
H4 WAD D . 14.10 5.37 -20.09
H5 WAD D . 13.04 4.53 -19.27
H7 WAD D . 14.27 4.93 -17.55
H6 WAD D . 15.49 5.41 -18.44
PA FAD E . 22.77 1.64 -1.15
O1A FAD E . 23.36 0.28 -1.45
O2A FAD E . 23.54 2.89 -1.50
O5B FAD E . 22.40 1.70 0.41
C5B FAD E . 23.27 1.11 1.38
C4B FAD E . 24.44 2.03 1.66
O4B FAD E . 24.52 2.34 3.04
C3B FAD E . 25.76 1.38 1.25
O3B FAD E . 26.40 2.16 0.22
C2B FAD E . 26.59 1.29 2.53
O2B FAD E . 27.81 2.04 2.45
C1B FAD E . 25.72 1.84 3.64
N9A FAD E . 25.38 0.75 4.59
C8A FAD E . 24.79 -0.42 4.28
N7A FAD E . 24.63 -1.19 5.38
C5A FAD E . 25.14 -0.51 6.43
C6A FAD E . 25.29 -0.75 7.88
N6A FAD E . 24.86 -1.91 8.45
N1A FAD E . 25.88 0.21 8.62
C2A FAD E . 26.31 1.37 8.08
N3A FAD E . 26.20 1.65 6.77
C4A FAD E . 25.63 0.77 5.91
N1 FAD E . 20.01 3.17 -11.65
C2 FAD E . 19.50 3.89 -12.69
O2 FAD E . 18.32 4.30 -12.61
N3 FAD E . 20.21 4.18 -13.79
C4 FAD E . 21.48 3.77 -13.95
O4 FAD E . 22.11 4.05 -14.98
C4X FAD E . 22.10 2.97 -12.87
N5 FAD E . 23.38 2.52 -12.95
C5X FAD E . 23.92 1.80 -11.95
C6 FAD E . 25.23 1.35 -12.05
C7 FAD E . 25.80 0.60 -11.04
C7M FAD E . 27.21 0.12 -11.15
C8 FAD E . 25.01 0.28 -9.82
C8M FAD E . 25.62 -0.52 -8.70
C9 FAD E . 23.69 0.74 -9.70
C9A FAD E . 23.13 1.49 -10.73
N10 FAD E . 21.80 1.94 -10.62
C10 FAD E . 21.26 2.69 -11.68
C1' FAD E . 20.99 1.65 -9.43
C2' FAD E . 21.28 2.69 -8.35
O2' FAD E . 22.69 2.90 -8.24
C3' FAD E . 20.72 2.22 -7.00
O3' FAD E . 19.30 2.04 -7.11
C4' FAD E . 21.02 3.23 -5.90
O4' FAD E . 22.32 3.79 -6.11
C5' FAD E . 20.95 2.56 -4.54
O5' FAD E . 20.90 3.56 -3.52
P FAD E . 20.57 3.14 -2.00
O1P FAD E . 21.25 4.13 -1.07
O2P FAD E . 19.08 2.90 -1.89
O3P FAD E . 21.32 1.73 -1.85
H51A FAD E . 23.63 0.15 1.01
H52A FAD E . 22.71 0.94 2.30
H4B FAD E . 24.31 2.96 1.06
H3B FAD E . 25.56 0.37 0.88
HO3A FAD E . 26.24 3.10 0.39
H2B FAD E . 26.81 0.24 2.73
HO2A FAD E . 28.30 1.94 3.27
H1B FAD E . 26.25 2.65 4.15
H8A FAD E . 24.47 -0.69 3.29
H61A FAD E . 24.43 -2.62 7.88
H62A FAD E . 24.98 -2.05 9.44
H2A FAD E . 26.78 2.10 8.73
HN3 FAD E . 19.76 4.73 -14.55
H6 FAD E . 25.81 1.58 -12.95
HM71 FAD E . 27.84 0.72 -10.56
HM72 FAD E . 27.28 -0.88 -10.81
HM73 FAD E . 27.52 0.17 -12.16
HM81 FAD E . 25.48 -0.02 -7.77
HM82 FAD E . 25.16 -1.47 -8.66
HM83 FAD E . 26.66 -0.63 -8.88
H9 FAD E . 23.12 0.51 -8.82
H1'1 FAD E . 19.93 1.66 -9.69
H1'2 FAD E . 21.24 0.65 -9.06
H2' FAD E . 20.78 3.62 -8.62
HO2' FAD E . 22.85 3.80 -7.93
H3' FAD E . 21.20 1.26 -6.75
HO3' FAD E . 19.12 1.23 -7.60
H4' FAD E . 20.26 4.03 -5.95
HO4' FAD E . 22.77 3.87 -5.26
H5'1 FAD E . 20.06 1.94 -4.48
H5'2 FAD E . 21.83 1.93 -4.39
K K F . -0.92 4.90 -8.55
C1 OLA G . 3.32 -31.35 23.12
O1 OLA G . 3.20 -31.54 21.87
O2 OLA G . 3.91 -30.29 23.53
C2 OLA G . 2.81 -32.37 24.11
C3 OLA G . 1.37 -32.74 23.74
C4 OLA G . 0.38 -32.01 24.64
C5 OLA G . -1.05 -32.14 24.11
C6 OLA G . -1.87 -30.90 24.49
C7 OLA G . -1.55 -29.79 23.50
C8 OLA G . -1.98 -28.38 23.93
C9 OLA G . -3.35 -28.37 24.55
C10 OLA G . -4.25 -27.25 24.23
C11 OLA G . -3.71 -25.88 23.91
C12 OLA G . -4.83 -25.04 23.34
C13 OLA G . -5.15 -25.40 21.90
C14 OLA G . -5.50 -24.12 21.14
C15 OLA G . -5.19 -24.20 19.64
C16 OLA G . -6.24 -25.06 18.95
C17 OLA G . -5.90 -25.28 17.48
C18 OLA G . -7.11 -25.99 16.84
H21 OLA G . 2.83 -31.96 25.12
H22 OLA G . 3.44 -33.26 24.09
H31 OLA G . 1.19 -32.48 22.70
H32 OLA G . 1.24 -33.82 23.85
H41 OLA G . 0.64 -30.96 24.70
H42 OLA G . 0.42 -32.43 25.65
H51 OLA G . -1.02 -32.24 23.02
H52 OLA G . -1.52 -33.03 24.52
H61 OLA G . -1.62 -30.57 25.50
H62 OLA G . -2.92 -31.13 24.46
H71 OLA G . -2.06 -30.01 22.55
H72 OLA G . -0.48 -29.77 23.31
H81 OLA G . -1.97 -27.72 23.07
H82 OLA G . -1.26 -28.00 24.65
H9 OLA G . -3.67 -29.17 25.23
H10 OLA G . -5.34 -27.42 24.23
H111 OLA G . -3.30 -25.42 24.80
H112 OLA G . -2.90 -25.97 23.18
H121 OLA G . -4.56 -23.98 23.40
H122 OLA G . -5.74 -25.18 23.94
H131 OLA G . -5.97 -26.10 21.86
H132 OLA G . -4.27 -25.87 21.44
H141 OLA G . -6.57 -23.92 21.26
H142 OLA G . -4.95 -23.28 21.56
H151 OLA G . -4.20 -24.61 19.49
H152 OLA G . -5.20 -23.19 19.22
H161 OLA G . -7.22 -24.59 19.05
H162 OLA G . -6.29 -26.03 19.46
H171 OLA G . -5.01 -25.89 17.37
H172 OLA G . -5.72 -24.32 16.99
H181 OLA G . -7.73 -26.44 17.64
H182 OLA G . -6.77 -26.76 16.17
H183 OLA G . -7.71 -25.26 16.29
PA FAD H . -1.17 -34.55 37.81
O1A FAD H . -0.36 -33.38 38.01
O2A FAD H . -0.67 -35.50 36.78
O5B FAD H . -1.44 -35.24 39.22
C5B FAD H . -0.64 -36.19 39.91
C4B FAD H . -0.04 -35.50 41.12
O4B FAD H . -0.56 -35.96 42.35
C3B FAD H . 1.44 -35.71 41.23
O3B FAD H . 2.00 -34.56 41.85
C2B FAD H . 1.57 -36.87 42.16
O2B FAD H . 2.81 -36.86 42.83
C1B FAD H . 0.42 -36.65 43.13
N9A FAD H . -0.17 -37.94 43.63
C8A FAD H . -0.63 -38.81 42.78
N7A FAD H . -1.14 -39.90 43.34
C5A FAD H . -0.99 -39.76 44.62
C6A FAD H . -1.34 -40.59 45.77
N6A FAD H . -1.93 -41.77 45.58
N1A FAD H . -1.04 -40.11 46.97
C2A FAD H . -0.49 -38.91 47.10
N3A FAD H . -0.15 -38.13 46.08
C4A FAD H . -0.35 -38.46 44.83
N1 FAD H . -1.73 -28.82 29.19
C2 FAD H . -2.00 -27.74 28.41
O2 FAD H . -3.01 -27.09 28.58
N3 FAD H . -1.17 -27.43 27.41
C4 FAD H . -0.03 -28.07 27.19
O4 FAD H . 0.64 -27.74 26.23
C4X FAD H . 0.30 -29.24 27.91
N5 FAD H . 1.40 -29.92 27.65
C5X FAD H . 1.67 -30.97 28.43
C6 FAD H . 2.79 -31.68 28.19
C7 FAD H . 3.03 -32.75 28.99
C7M FAD H . 4.20 -33.56 28.75
C8 FAD H . 2.20 -33.19 30.09
C8M FAD H . 2.70 -34.38 30.83
C9 FAD H . 1.08 -32.48 30.35
C9A FAD H . 0.80 -31.39 29.54
N10 FAD H . -0.33 -30.63 29.79
C10 FAD H . -0.64 -29.56 28.99
C1' FAD H . -1.24 -31.01 30.80
C2' FAD H . -1.08 -30.47 32.19
O2' FAD H . 0.25 -30.09 32.49
C3' FAD H . -1.63 -31.56 33.12
O3' FAD H . -2.81 -32.08 32.57
C4' FAD H . -1.87 -30.97 34.50
O4' FAD H . -0.63 -30.80 35.18
C5' FAD H . -2.75 -31.92 35.28
O5' FAD H . -2.69 -31.68 36.68
P FAD H . -3.44 -32.65 37.66
O1P FAD H . -3.46 -32.32 39.04
O2P FAD H . -4.73 -32.64 37.07
O3P FAD H . -2.70 -34.08 37.45
H51A FAD H . 0.15 -36.56 39.25
H52A FAD H . -1.26 -37.03 40.22
H4B FAD H . -0.21 -34.43 41.00
H3B FAD H . 1.89 -35.94 40.24
HO3A FAD H . 2.04 -34.69 42.80
H2B FAD H . 1.43 -37.81 41.61
HO2A FAD H . 3.19 -37.75 42.83
H1B FAD H . 0.76 -36.04 43.96
H8A FAD H . -0.60 -38.64 41.71
H61A FAD H . -2.13 -42.06 44.65
H62A FAD H . -2.18 -42.35 46.37
H2A FAD H . -0.26 -38.57 48.11
HN3 FAD H . -1.39 -26.60 26.82
H6 FAD H . 3.42 -31.47 27.38
HM71 FAD H . 5.15 -33.36 28.32
HM72 FAD H . 4.60 -32.91 29.49
HM73 FAD H . 3.91 -33.37 27.75
HM81 FAD H . 2.17 -34.47 31.76
HM82 FAD H . 3.73 -34.28 31.03
HM83 FAD H . 2.54 -35.25 30.25
H9 FAD H . 0.42 -32.77 31.16
H1'1 FAD H . -2.24 -30.71 30.46
H1'2 FAD H . -1.27 -32.09 30.86
H2' FAD H . -1.73 -29.60 32.28
HO2' FAD H . 0.32 -29.90 33.44
H3' FAD H . -0.87 -32.35 33.21
HO3' FAD H . -2.60 -32.82 32.00
H4' FAD H . -2.38 -30.00 34.40
HO4' FAD H . -0.41 -29.86 35.21
H5'1 FAD H . -2.44 -32.94 35.08
H5'2 FAD H . -3.78 -31.80 34.94
C1 OLA I . -15.31 24.38 -12.79
O1 OLA I . -14.78 25.00 -13.70
O2 OLA I . -16.41 24.72 -12.35
C2 OLA I . -14.53 23.22 -12.21
C3 OLA I . -15.31 21.92 -12.31
C4 OLA I . -14.65 20.77 -11.59
C5 OLA I . -15.30 19.41 -11.75
C6 OLA I . -16.78 19.49 -11.61
C7 OLA I . -17.44 18.17 -11.89
C8 OLA I . -17.06 17.65 -13.25
C9 OLA I . -17.71 16.35 -13.50
C10 OLA I . -18.01 15.59 -14.57
C11 OLA I . -17.52 15.36 -15.92
C12 OLA I . -18.55 14.29 -16.31
C13 OLA I . -18.21 13.51 -17.56
C14 OLA I . -19.29 12.56 -18.00
C15 OLA I . -18.75 11.36 -18.70
C16 OLA I . -17.56 11.66 -19.61
C17 OLA I . -17.58 10.90 -20.93
C18 OLA I . -16.21 10.49 -21.42
H21 OLA I . -13.58 23.12 -12.74
H22 OLA I . -14.30 23.43 -11.15
H31 OLA I . -15.43 21.67 -13.36
H32 OLA I . -16.30 22.07 -11.88
H41 OLA I . -14.58 21.00 -10.53
H42 OLA I . -13.62 20.69 -11.96
H51 OLA I . -14.92 18.76 -10.97
H52 OLA I . -15.04 18.98 -12.73
H61 OLA I . -17.05 20.18 -12.40
H62 OLA I . -17.07 19.90 -10.64
H71 OLA I . -18.52 18.29 -11.85
H72 OLA I . -17.15 17.45 -11.13
H81 OLA I . -15.98 17.57 -13.34
H82 OLA I . -17.39 18.37 -14.01
H9 OLA I . -18.29 16.13 -12.66
H10 OLA I . -18.64 14.76 -14.41
H111 OLA I . -17.50 16.24 -16.55
H112 OLA I . -16.52 14.92 -15.89
H121 OLA I . -19.55 14.70 -16.36
H122 OLA I . -18.51 13.59 -15.51
H131 OLA I . -17.98 14.17 -18.36
H132 OLA I . -17.32 12.92 -17.36
H141 OLA I . -20.01 13.02 -18.63
H142 OLA I . -19.87 12.28 -17.13
H151 OLA I . -19.55 10.93 -19.31
H152 OLA I . -18.45 10.62 -17.96
H161 OLA I . -16.64 11.41 -19.08
H162 OLA I . -17.54 12.73 -19.82
H171 OLA I . -18.20 10.00 -20.82
H172 OLA I . -18.05 11.53 -21.69
H181 OLA I . -15.48 11.16 -21.05
H182 OLA I . -16.19 10.50 -22.48
H183 OLA I . -15.99 9.51 -21.09
#